data_9D46
#
_entry.id   9D46
#
_cell.length_a   1.00
_cell.length_b   1.00
_cell.length_c   1.00
_cell.angle_alpha   90.00
_cell.angle_beta   90.00
_cell.angle_gamma   90.00
#
_symmetry.space_group_name_H-M   'P 1'
#
loop_
_entity.id
_entity.type
_entity.pdbx_description
1 polymer "DNA (5'-D(P*TP*TP*TP*TP*TP*TP*TP*TP*TP*TP*TP*TP*TP*TP*TP*TP*TP*T)-3')"
2 polymer 'DNA repair protein RAD51'
3 non-polymer "ADENOSINE-5'-TRIPHOSPHATE"
4 non-polymer 'MAGNESIUM ION'
#
loop_
_entity_poly.entity_id
_entity_poly.type
_entity_poly.pdbx_seq_one_letter_code
_entity_poly.pdbx_strand_id
1 'polydeoxyribonucleotide' (DT)(DT)(DT)(DT)(DT)(DT)(DT)(DT)(DT)(DT)(DT)(DT)(DT)(DT)(DT)(DT)(DT)(DT) X
2 'polypeptide(L)'
;FVPIEKLQVNGITMADVKKLRESGLHTAEAVAYAPRKDLLEIKGISEAKADKLLNEAARLVPMGFVTAADFHMRRSELIC
LTTGSKNLDTLLGGGVETGSITELFGEFRTGKSQLCHTLAVTCQIPLDIGGGEGKCLYIDTEGTFRPVRLVSIAQRFGLD
PDDALNNVAYARAYNADHQLRLLDAAAQMMSESRFSLIVVDSVMALYRTDFSGRGELSARQMHLAKFMRALQRLADQFGV
AVVVTNQVVAQVDGGMAFNPDPKKPIGGNIMAHSSTTRLGFKKGKGCQRLCKVVDSPCLPEAECVFAIYEDGVGDPREED
E
;
C,F,B,E,A,D
#
loop_
_chem_comp.id
_chem_comp.type
_chem_comp.name
_chem_comp.formula
ATP non-polymer ADENOSINE-5'-TRIPHOSPHATE 'C10 H16 N5 O13 P3'
DT DNA linking THYMIDINE-5'-MONOPHOSPHATE 'C10 H15 N2 O8 P'
MG non-polymer 'MAGNESIUM ION' 'Mg 2'
#
# COMPACT_ATOMS: atom_id res chain seq x y z
N PHE B 1 32.05 18.94 22.67
CA PHE B 1 32.73 17.94 21.86
C PHE B 1 34.23 18.21 21.80
N VAL B 2 34.98 17.28 21.20
CA VAL B 2 36.42 17.40 21.05
C VAL B 2 36.70 17.91 19.64
N PRO B 3 37.29 19.09 19.48
CA PRO B 3 37.58 19.58 18.13
C PRO B 3 38.56 18.69 17.39
N ILE B 4 38.41 18.63 16.07
CA ILE B 4 39.29 17.82 15.24
C ILE B 4 40.70 18.38 15.16
N GLU B 5 40.90 19.63 15.57
CA GLU B 5 42.22 20.24 15.54
C GLU B 5 43.16 19.72 16.63
N LYS B 6 42.72 18.73 17.41
CA LYS B 6 43.57 18.10 18.41
C LYS B 6 44.17 16.78 17.91
N LEU B 7 43.96 16.45 16.63
CA LEU B 7 44.45 15.19 16.08
C LEU B 7 45.86 15.30 15.51
N GLN B 8 46.44 16.48 15.44
CA GLN B 8 47.78 16.63 14.89
C GLN B 8 48.84 16.16 15.88
N VAL B 9 48.83 14.86 16.18
CA VAL B 9 49.80 14.26 17.09
C VAL B 9 50.25 12.93 16.53
N ASN B 10 51.43 12.49 16.96
CA ASN B 10 51.99 11.18 16.59
C ASN B 10 52.10 11.03 15.08
N GLY B 11 52.63 12.06 14.43
CA GLY B 11 52.87 12.03 13.01
C GLY B 11 51.69 12.40 12.13
N ILE B 12 50.55 12.78 12.72
CA ILE B 12 49.39 13.19 11.94
C ILE B 12 49.55 14.67 11.58
N THR B 13 49.52 14.97 10.29
CA THR B 13 49.73 16.32 9.80
C THR B 13 48.40 17.06 9.66
N MET B 14 48.49 18.39 9.59
CA MET B 14 47.29 19.21 9.41
C MET B 14 46.63 18.93 8.06
N ALA B 15 47.41 18.54 7.05
CA ALA B 15 46.83 18.24 5.75
C ALA B 15 45.91 17.04 5.81
N ASP B 16 46.27 16.02 6.60
CA ASP B 16 45.40 14.87 6.78
C ASP B 16 44.07 15.28 7.40
N VAL B 17 44.11 16.17 8.40
CA VAL B 17 42.89 16.71 8.98
C VAL B 17 42.12 17.52 7.94
N LYS B 18 42.83 18.18 7.01
CA LYS B 18 42.15 18.92 5.95
C LYS B 18 41.36 17.97 5.04
N LYS B 19 41.97 16.85 4.64
CA LYS B 19 41.23 15.86 3.87
C LYS B 19 40.08 15.28 4.68
N LEU B 20 40.29 15.07 5.98
CA LEU B 20 39.21 14.56 6.84
C LEU B 20 38.02 15.52 6.86
N ARG B 21 38.30 16.82 6.98
CA ARG B 21 37.24 17.81 6.94
C ARG B 21 36.56 17.84 5.58
N GLU B 22 37.34 17.70 4.50
CA GLU B 22 36.76 17.67 3.16
C GLU B 22 35.84 16.47 2.96
N SER B 23 36.05 15.41 3.73
CA SER B 23 35.23 14.21 3.64
C SER B 23 33.97 14.27 4.50
N GLY B 24 33.78 15.35 5.26
CA GLY B 24 32.62 15.50 6.11
C GLY B 24 32.86 15.22 7.58
N LEU B 25 34.07 14.80 7.95
CA LEU B 25 34.42 14.55 9.35
C LEU B 25 35.09 15.81 9.89
N HIS B 26 34.39 16.52 10.77
CA HIS B 26 34.86 17.80 11.29
C HIS B 26 35.20 17.77 12.77
N THR B 27 35.02 16.63 13.45
CA THR B 27 35.30 16.54 14.86
C THR B 27 36.07 15.25 15.14
N ALA B 28 36.76 15.22 16.29
CA ALA B 28 37.42 13.99 16.72
C ALA B 28 36.41 12.88 16.96
N GLU B 29 35.21 13.24 17.45
CA GLU B 29 34.14 12.26 17.58
C GLU B 29 33.75 11.70 16.21
N ALA B 30 33.77 12.54 15.18
CA ALA B 30 33.39 12.09 13.84
C ALA B 30 34.33 11.01 13.35
N VAL B 31 35.64 11.22 13.48
CA VAL B 31 36.58 10.20 13.03
C VAL B 31 36.57 8.99 13.96
N ALA B 32 36.29 9.21 15.25
CA ALA B 32 36.19 8.08 16.17
C ALA B 32 35.04 7.16 15.80
N TYR B 33 33.89 7.74 15.46
CA TYR B 33 32.72 6.93 15.11
C TYR B 33 32.82 6.33 13.72
N ALA B 34 33.53 6.99 12.82
CA ALA B 34 33.66 6.48 11.46
C ALA B 34 34.46 5.19 11.45
N PRO B 35 34.01 4.16 10.74
CA PRO B 35 34.78 2.91 10.69
C PRO B 35 36.07 3.08 9.89
N ARG B 36 36.92 2.07 10.01
CA ARG B 36 38.21 2.10 9.32
C ARG B 36 38.05 2.15 7.81
N LYS B 37 37.06 1.42 7.28
CA LYS B 37 36.84 1.40 5.83
C LYS B 37 36.46 2.78 5.31
N ASP B 38 35.65 3.52 6.07
CA ASP B 38 35.28 4.87 5.65
C ASP B 38 36.49 5.78 5.60
N LEU B 39 37.39 5.67 6.58
CA LEU B 39 38.62 6.44 6.55
C LEU B 39 39.49 6.05 5.36
N LEU B 40 39.55 4.75 5.05
CA LEU B 40 40.36 4.30 3.92
C LEU B 40 39.83 4.80 2.59
N GLU B 41 38.52 5.02 2.49
CA GLU B 41 37.94 5.51 1.25
C GLU B 41 38.32 6.96 0.97
N ILE B 42 38.79 7.69 1.97
CA ILE B 42 39.22 9.07 1.77
C ILE B 42 40.59 9.07 1.10
N LYS B 43 40.71 9.79 -0.01
CA LYS B 43 41.96 9.82 -0.76
C LYS B 43 43.05 10.48 0.05
N GLY B 44 44.28 9.98 -0.10
CA GLY B 44 45.42 10.49 0.63
C GLY B 44 45.61 9.92 2.01
N ILE B 45 44.82 8.93 2.41
CA ILE B 45 44.92 8.31 3.73
C ILE B 45 45.36 6.87 3.54
N SER B 46 46.46 6.50 4.19
CA SER B 46 47.00 5.16 4.09
C SER B 46 46.43 4.28 5.21
N GLU B 47 46.79 2.99 5.17
CA GLU B 47 46.31 2.06 6.19
C GLU B 47 46.86 2.43 7.57
N ALA B 48 48.17 2.64 7.66
CA ALA B 48 48.78 2.98 8.94
C ALA B 48 48.29 4.33 9.43
N LYS B 49 48.15 5.30 8.53
CA LYS B 49 47.66 6.62 8.93
C LYS B 49 46.23 6.55 9.46
N ALA B 50 45.37 5.78 8.78
CA ALA B 50 44.00 5.60 9.27
C ALA B 50 44.00 4.90 10.62
N ASP B 51 44.85 3.89 10.78
CA ASP B 51 44.91 3.16 12.05
C ASP B 51 45.33 4.08 13.19
N LYS B 52 46.37 4.89 12.98
CA LYS B 52 46.82 5.77 14.06
C LYS B 52 45.83 6.90 14.30
N LEU B 53 45.12 7.36 13.26
CA LEU B 53 44.03 8.31 13.47
C LEU B 53 42.95 7.70 14.35
N LEU B 54 42.60 6.42 14.10
CA LEU B 54 41.60 5.75 14.92
C LEU B 54 42.08 5.62 16.36
N ASN B 55 43.35 5.27 16.56
CA ASN B 55 43.88 5.15 17.92
C ASN B 55 43.85 6.49 18.65
N GLU B 56 44.24 7.57 17.97
CA GLU B 56 44.21 8.89 18.60
C GLU B 56 42.78 9.31 18.92
N ALA B 57 41.83 9.04 18.01
CA ALA B 57 40.44 9.37 18.27
C ALA B 57 39.90 8.58 19.46
N ALA B 58 40.23 7.30 19.55
CA ALA B 58 39.79 6.49 20.69
C ALA B 58 40.42 6.95 21.98
N ARG B 59 41.67 7.42 21.94
CA ARG B 59 42.30 7.97 23.14
C ARG B 59 41.61 9.26 23.56
N LEU B 60 41.28 10.13 22.60
CA LEU B 60 40.64 11.40 22.93
C LEU B 60 39.18 11.23 23.32
N VAL B 61 38.45 10.39 22.61
CA VAL B 61 37.02 10.18 22.81
C VAL B 61 36.82 8.83 23.46
N PRO B 62 36.19 8.76 24.64
CA PRO B 62 36.04 7.47 25.32
C PRO B 62 35.08 6.53 24.58
N MET B 63 35.63 5.45 24.03
CA MET B 63 34.85 4.45 23.31
C MET B 63 34.72 3.14 24.07
N GLY B 64 35.33 3.01 25.24
CA GLY B 64 35.30 1.80 26.01
C GLY B 64 34.04 1.66 26.84
N PHE B 65 34.04 0.65 27.70
CA PHE B 65 32.89 0.37 28.55
C PHE B 65 32.83 1.36 29.70
N VAL B 66 31.62 1.59 30.19
CA VAL B 66 31.38 2.48 31.32
C VAL B 66 30.18 1.97 32.09
N THR B 67 30.19 2.15 33.41
CA THR B 67 29.10 1.68 34.24
C THR B 67 27.82 2.43 33.92
N ALA B 68 26.69 1.72 34.06
CA ALA B 68 25.39 2.34 33.78
C ALA B 68 25.08 3.48 34.73
N ALA B 69 25.66 3.48 35.93
CA ALA B 69 25.47 4.60 36.84
C ALA B 69 26.06 5.88 36.27
N ASP B 70 27.26 5.78 35.68
CA ASP B 70 27.87 6.95 35.06
C ASP B 70 27.04 7.44 33.87
N PHE B 71 26.51 6.51 33.08
CA PHE B 71 25.66 6.89 31.95
C PHE B 71 24.38 7.59 32.43
N HIS B 72 23.79 7.08 33.53
CA HIS B 72 22.62 7.72 34.09
C HIS B 72 22.94 9.12 34.60
N MET B 73 24.09 9.27 35.26
CA MET B 73 24.49 10.59 35.75
C MET B 73 24.71 11.55 34.58
N ARG B 74 25.32 11.06 33.50
CA ARG B 74 25.52 11.91 32.32
C ARG B 74 24.20 12.32 31.69
N ARG B 75 23.26 11.37 31.59
CA ARG B 75 21.95 11.70 31.00
C ARG B 75 21.10 12.58 31.92
N SER B 76 21.38 12.58 33.22
CA SER B 76 20.62 13.43 34.14
C SER B 76 20.80 14.90 33.80
N GLU B 77 22.03 15.31 33.46
CA GLU B 77 22.31 16.68 33.10
C GLU B 77 22.11 16.96 31.61
N LEU B 78 21.63 15.98 30.85
CA LEU B 78 21.38 16.18 29.43
C LEU B 78 20.29 17.22 29.23
N ILE B 79 20.47 18.05 28.19
CA ILE B 79 19.55 19.16 27.94
C ILE B 79 18.32 18.65 27.20
N CYS B 80 17.15 19.07 27.67
CA CYS B 80 15.89 18.79 27.00
C CYS B 80 15.26 20.10 26.56
N LEU B 81 14.92 20.20 25.27
CA LEU B 81 14.37 21.41 24.70
C LEU B 81 12.87 21.46 24.93
N THR B 82 12.40 22.53 25.58
CA THR B 82 10.97 22.70 25.78
C THR B 82 10.26 22.96 24.46
N THR B 83 9.07 22.40 24.31
CA THR B 83 8.28 22.55 23.11
C THR B 83 7.27 23.69 23.19
N GLY B 84 7.28 24.45 24.28
CA GLY B 84 6.34 25.52 24.47
C GLY B 84 4.99 25.10 25.04
N SER B 85 4.77 23.80 25.21
CA SER B 85 3.53 23.28 25.78
C SER B 85 3.88 22.43 26.99
N LYS B 86 3.25 22.75 28.14
CA LYS B 86 3.52 21.99 29.35
C LYS B 86 3.03 20.56 29.21
N ASN B 87 1.90 20.35 28.54
CA ASN B 87 1.40 18.99 28.32
C ASN B 87 2.38 18.18 27.48
N LEU B 88 2.91 18.79 26.41
CA LEU B 88 3.85 18.07 25.57
C LEU B 88 5.17 17.82 26.29
N ASP B 89 5.63 18.78 27.08
CA ASP B 89 6.84 18.58 27.87
C ASP B 89 6.67 17.45 28.87
N THR B 90 5.52 17.40 29.54
CA THR B 90 5.24 16.30 30.47
C THR B 90 5.17 14.98 29.73
N LEU B 91 4.58 14.97 28.54
CA LEU B 91 4.50 13.75 27.74
C LEU B 91 5.91 13.27 27.36
N LEU B 92 6.80 14.18 27.03
CA LEU B 92 8.16 13.84 26.63
C LEU B 92 9.13 13.76 27.81
N GLY B 93 8.64 13.92 29.03
CA GLY B 93 9.50 13.86 30.20
C GLY B 93 10.50 15.00 30.29
N GLY B 94 10.08 16.21 29.96
CA GLY B 94 10.93 17.38 30.02
C GLY B 94 11.08 18.12 28.71
N GLY B 95 10.68 17.54 27.59
CA GLY B 95 10.77 18.16 26.28
C GLY B 95 11.50 17.27 25.32
N VAL B 96 11.93 17.86 24.19
CA VAL B 96 12.65 17.11 23.18
C VAL B 96 14.06 16.82 23.69
N GLU B 97 14.46 15.56 23.65
CA GLU B 97 15.74 15.13 24.18
C GLU B 97 16.86 15.39 23.18
N THR B 98 17.93 16.03 23.65
CA THR B 98 19.11 16.23 22.82
C THR B 98 19.89 14.94 22.68
N GLY B 99 20.64 14.84 21.58
CA GLY B 99 21.46 13.68 21.32
C GLY B 99 20.72 12.47 20.78
N SER B 100 19.43 12.60 20.51
CA SER B 100 18.63 11.50 19.99
C SER B 100 17.68 12.02 18.92
N ILE B 101 17.37 11.18 17.95
CA ILE B 101 16.51 11.56 16.85
C ILE B 101 15.05 11.44 17.30
N THR B 102 14.34 12.57 17.29
CA THR B 102 12.93 12.60 17.63
C THR B 102 12.12 12.76 16.35
N GLU B 103 11.20 11.83 16.10
CA GLU B 103 10.42 11.82 14.87
C GLU B 103 9.00 12.28 15.16
N LEU B 104 8.52 13.23 14.36
CA LEU B 104 7.15 13.73 14.43
C LEU B 104 6.44 13.34 13.14
N PHE B 105 5.65 12.28 13.20
CA PHE B 105 4.94 11.79 12.03
C PHE B 105 3.45 12.02 12.21
N GLY B 106 2.78 12.39 11.12
CA GLY B 106 1.36 12.66 11.14
C GLY B 106 0.89 13.24 9.82
N GLU B 107 -0.43 13.33 9.62
CA GLU B 107 -0.95 13.88 8.39
C GLU B 107 -0.73 15.40 8.35
N PHE B 108 -1.25 16.03 7.30
CA PHE B 108 -1.06 17.46 7.12
C PHE B 108 -1.79 18.25 8.20
N ARG B 109 -1.36 19.49 8.38
CA ARG B 109 -1.96 20.48 9.30
C ARG B 109 -1.95 20.03 10.76
N THR B 110 -1.22 18.95 11.08
CA THR B 110 -1.15 18.47 12.45
C THR B 110 -0.11 19.20 13.30
N GLY B 111 0.63 20.13 12.73
CA GLY B 111 1.54 20.95 13.50
C GLY B 111 2.97 20.47 13.56
N LYS B 112 3.37 19.53 12.70
CA LYS B 112 4.76 19.07 12.70
C LYS B 112 5.71 20.22 12.39
N SER B 113 5.45 20.96 11.30
CA SER B 113 6.28 22.11 10.97
C SER B 113 6.15 23.21 12.01
N GLN B 114 4.94 23.41 12.55
CA GLN B 114 4.74 24.41 13.59
C GLN B 114 5.52 24.05 14.84
N LEU B 115 5.49 22.78 15.25
CA LEU B 115 6.26 22.35 16.40
C LEU B 115 7.75 22.49 16.14
N CYS B 116 8.19 22.22 14.89
CA CYS B 116 9.59 22.39 14.56
C CYS B 116 10.01 23.86 14.63
N HIS B 117 9.14 24.77 14.19
CA HIS B 117 9.42 26.19 14.32
C HIS B 117 9.51 26.60 15.80
N THR B 118 8.59 26.09 16.61
CA THR B 118 8.63 26.38 18.04
C THR B 118 9.92 25.87 18.68
N LEU B 119 10.34 24.66 18.30
CA LEU B 119 11.60 24.12 18.80
C LEU B 119 12.79 24.94 18.32
N ALA B 120 12.74 25.40 17.07
CA ALA B 120 13.82 26.23 16.52
C ALA B 120 13.95 27.53 17.28
N VAL B 121 12.84 28.11 17.73
CA VAL B 121 12.90 29.31 18.55
C VAL B 121 13.36 28.99 19.97
N THR B 122 12.85 27.91 20.56
CA THR B 122 13.17 27.60 21.96
C THR B 122 14.59 27.07 22.12
N CYS B 123 15.24 26.64 21.05
CA CYS B 123 16.61 26.17 21.18
C CYS B 123 17.59 27.30 21.50
N GLN B 124 17.15 28.55 21.41
CA GLN B 124 18.02 29.70 21.68
C GLN B 124 17.79 30.35 23.02
N ILE B 125 16.62 30.14 23.64
CA ILE B 125 16.30 30.74 24.93
C ILE B 125 17.19 30.09 25.99
N PRO B 126 17.41 30.74 27.14
CA PRO B 126 18.35 30.19 28.13
C PRO B 126 17.91 28.83 28.66
N LEU B 127 18.89 28.10 29.17
CA LEU B 127 18.65 26.73 29.63
C LEU B 127 17.66 26.68 30.79
N ASP B 128 17.62 27.73 31.61
CA ASP B 128 16.77 27.71 32.81
C ASP B 128 15.29 27.60 32.48
N ILE B 129 14.88 27.99 31.28
CA ILE B 129 13.48 27.93 30.90
C ILE B 129 13.28 26.87 29.82
N GLY B 130 14.13 25.85 29.83
CA GLY B 130 13.99 24.74 28.92
C GLY B 130 14.62 24.94 27.55
N GLY B 131 15.53 25.89 27.41
CA GLY B 131 16.15 26.18 26.14
C GLY B 131 17.37 25.33 25.87
N GLY B 132 18.14 25.75 24.87
CA GLY B 132 19.35 25.04 24.49
C GLY B 132 20.57 25.94 24.42
N GLU B 133 20.34 27.27 24.41
CA GLU B 133 21.40 28.26 24.32
C GLU B 133 22.30 28.00 23.12
N GLY B 134 21.69 27.63 22.00
CA GLY B 134 22.44 27.32 20.80
C GLY B 134 21.66 27.67 19.55
N LYS B 135 22.39 27.84 18.46
CA LYS B 135 21.77 28.16 17.19
C LYS B 135 21.01 26.95 16.63
N CYS B 136 19.97 27.24 15.86
CA CYS B 136 19.19 26.19 15.21
C CYS B 136 19.73 25.91 13.82
N LEU B 137 19.38 24.74 13.29
CA LEU B 137 19.77 24.33 11.95
C LEU B 137 18.56 23.66 11.30
N TYR B 138 17.89 24.40 10.42
CA TYR B 138 16.64 23.95 9.82
C TYR B 138 16.91 23.44 8.41
N ILE B 139 16.59 22.18 8.15
CA ILE B 139 16.66 21.61 6.82
C ILE B 139 15.23 21.36 6.35
N ASP B 140 14.83 22.04 5.28
CA ASP B 140 13.46 21.99 4.77
C ASP B 140 13.46 21.33 3.40
N THR B 141 12.53 20.43 3.18
CA THR B 141 12.41 19.74 1.90
C THR B 141 11.08 20.00 1.18
N GLU B 142 10.06 20.49 1.88
CA GLU B 142 8.77 20.78 1.28
C GLU B 142 8.58 22.27 0.96
N GLY B 143 9.57 23.11 1.27
CA GLY B 143 9.42 24.53 1.07
C GLY B 143 8.45 25.20 2.01
N THR B 144 8.17 24.59 3.15
CA THR B 144 7.18 25.08 4.10
C THR B 144 7.78 25.90 5.24
N PHE B 145 9.09 26.15 5.21
CA PHE B 145 9.70 26.98 6.23
C PHE B 145 9.18 28.41 6.14
N ARG B 146 8.82 28.98 7.29
CA ARG B 146 8.24 30.31 7.35
C ARG B 146 8.87 31.09 8.50
N PRO B 147 9.78 32.03 8.22
CA PRO B 147 10.40 32.80 9.29
C PRO B 147 9.43 33.66 10.08
N VAL B 148 8.26 33.98 9.52
CA VAL B 148 7.27 34.76 10.26
C VAL B 148 6.86 34.02 11.53
N ARG B 149 6.71 32.70 11.44
CA ARG B 149 6.43 31.90 12.63
C ARG B 149 7.56 32.01 13.65
N LEU B 150 8.81 31.99 13.18
CA LEU B 150 9.94 32.14 14.10
C LEU B 150 9.89 33.50 14.79
N VAL B 151 9.56 34.55 14.05
CA VAL B 151 9.46 35.89 14.64
C VAL B 151 8.37 35.93 15.70
N SER B 152 7.21 35.36 15.39
CA SER B 152 6.11 35.37 16.34
C SER B 152 6.46 34.61 17.62
N ILE B 153 7.07 33.43 17.47
CA ILE B 153 7.43 32.65 18.66
C ILE B 153 8.53 33.36 19.44
N ALA B 154 9.46 34.03 18.76
CA ALA B 154 10.50 34.78 19.46
C ALA B 154 9.91 35.92 20.27
N GLN B 155 8.92 36.62 19.71
CA GLN B 155 8.21 37.62 20.51
C GLN B 155 7.47 36.96 21.68
N ARG B 156 6.98 35.74 21.48
CA ARG B 156 6.34 35.03 22.59
C ARG B 156 7.33 34.76 23.71
N PHE B 157 8.53 34.30 23.37
CA PHE B 157 9.53 33.87 24.35
C PHE B 157 10.50 34.98 24.73
N GLY B 158 10.30 36.20 24.24
CA GLY B 158 11.14 37.32 24.60
C GLY B 158 12.43 37.46 23.81
N LEU B 159 12.71 36.55 22.90
CA LEU B 159 13.90 36.67 22.06
C LEU B 159 13.77 37.83 21.09
N ASP B 160 14.89 38.45 20.78
CA ASP B 160 14.92 39.49 19.76
C ASP B 160 14.64 38.85 18.41
N PRO B 161 13.63 39.30 17.66
CA PRO B 161 13.34 38.65 16.37
C PRO B 161 14.51 38.66 15.41
N ASP B 162 15.28 39.76 15.37
CA ASP B 162 16.47 39.79 14.54
C ASP B 162 17.50 38.77 15.00
N ASP B 163 17.73 38.70 16.32
CA ASP B 163 18.66 37.72 16.85
C ASP B 163 18.16 36.30 16.64
N ALA B 164 16.85 36.09 16.79
CA ALA B 164 16.29 34.76 16.58
C ALA B 164 16.45 34.31 15.14
N LEU B 165 16.19 35.21 14.19
CA LEU B 165 16.36 34.86 12.78
C LEU B 165 17.84 34.64 12.44
N ASN B 166 18.72 35.48 12.99
CA ASN B 166 20.15 35.33 12.71
C ASN B 166 20.74 34.05 13.28
N ASN B 167 20.09 33.44 14.26
CA ASN B 167 20.59 32.24 14.91
C ASN B 167 19.97 30.96 14.36
N VAL B 168 19.20 31.04 13.27
CA VAL B 168 18.60 29.88 12.64
C VAL B 168 19.23 29.72 11.26
N ALA B 169 19.91 28.60 11.05
CA ALA B 169 20.52 28.29 9.76
C ALA B 169 19.52 27.47 8.94
N TYR B 170 19.12 28.01 7.80
CA TYR B 170 18.10 27.39 6.95
C TYR B 170 18.71 27.01 5.61
N ALA B 171 18.43 25.79 5.17
CA ALA B 171 18.82 25.32 3.85
C ALA B 171 17.73 24.40 3.31
N ARG B 172 17.32 24.62 2.07
CA ARG B 172 16.27 23.83 1.45
C ARG B 172 16.89 22.74 0.60
N ALA B 173 16.42 21.51 0.79
CA ALA B 173 16.89 20.35 0.03
C ALA B 173 15.97 20.11 -1.15
N TYR B 174 16.56 20.00 -2.34
CA TYR B 174 15.80 19.82 -3.56
C TYR B 174 15.80 18.38 -4.06
N ASN B 175 16.74 17.55 -3.59
CA ASN B 175 16.76 16.13 -3.94
C ASN B 175 17.38 15.38 -2.78
N ALA B 176 17.21 14.06 -2.80
CA ALA B 176 17.73 13.23 -1.70
C ALA B 176 19.24 13.35 -1.58
N ASP B 177 19.95 13.39 -2.72
CA ASP B 177 21.40 13.54 -2.68
C ASP B 177 21.79 14.87 -2.06
N HIS B 178 21.10 15.95 -2.44
CA HIS B 178 21.37 17.25 -1.85
C HIS B 178 21.03 17.26 -0.36
N GLN B 179 19.94 16.59 0.02
CA GLN B 179 19.57 16.51 1.42
C GLN B 179 20.65 15.82 2.25
N LEU B 180 21.19 14.71 1.74
CA LEU B 180 22.29 14.04 2.42
C LEU B 180 23.54 14.91 2.45
N ARG B 181 23.84 15.58 1.34
CA ARG B 181 25.04 16.40 1.26
C ARG B 181 24.97 17.59 2.21
N LEU B 182 23.77 18.09 2.51
CA LEU B 182 23.63 19.21 3.42
C LEU B 182 24.14 18.88 4.82
N LEU B 183 24.18 17.60 5.20
CA LEU B 183 24.66 17.26 6.53
C LEU B 183 26.16 17.50 6.69
N ASP B 184 26.92 17.40 5.60
CA ASP B 184 28.33 17.76 5.68
C ASP B 184 28.51 19.24 6.00
N ALA B 185 27.74 20.11 5.35
CA ALA B 185 27.78 21.53 5.67
C ALA B 185 27.28 21.78 7.08
N ALA B 186 26.27 21.02 7.52
CA ALA B 186 25.79 21.14 8.89
C ALA B 186 26.89 20.82 9.89
N ALA B 187 27.63 19.74 9.65
CA ALA B 187 28.73 19.36 10.53
C ALA B 187 29.82 20.42 10.50
N GLN B 188 30.12 20.97 9.32
CA GLN B 188 31.14 22.01 9.22
C GLN B 188 30.73 23.25 10.02
N MET B 189 29.46 23.64 9.93
CA MET B 189 28.98 24.79 10.70
C MET B 189 29.01 24.52 12.19
N MET B 190 28.64 23.30 12.60
CA MET B 190 28.62 23.00 14.03
C MET B 190 30.03 22.87 14.60
N SER B 191 31.00 22.51 13.78
CA SER B 191 32.38 22.42 14.25
C SER B 191 32.97 23.77 14.62
N GLU B 192 32.35 24.87 14.21
CA GLU B 192 32.84 26.21 14.52
C GLU B 192 31.90 27.02 15.39
N SER B 193 30.64 26.62 15.52
CA SER B 193 29.68 27.34 16.36
C SER B 193 28.77 26.32 17.04
N ARG B 194 28.21 26.72 18.18
CA ARG B 194 27.36 25.82 18.96
C ARG B 194 25.97 25.77 18.34
N PHE B 195 25.51 24.56 18.03
CA PHE B 195 24.17 24.32 17.53
C PHE B 195 23.44 23.38 18.48
N SER B 196 22.17 23.68 18.75
CA SER B 196 21.39 22.92 19.72
C SER B 196 20.16 22.23 19.14
N LEU B 197 19.92 22.32 17.83
CA LEU B 197 18.77 21.66 17.23
C LEU B 197 19.04 21.36 15.76
N ILE B 198 18.51 20.22 15.31
CA ILE B 198 18.48 19.87 13.90
C ILE B 198 17.03 19.57 13.53
N VAL B 199 16.56 20.16 12.45
CA VAL B 199 15.22 19.91 11.94
C VAL B 199 15.32 19.49 10.48
N VAL B 200 14.71 18.36 10.16
CA VAL B 200 14.65 17.86 8.78
C VAL B 200 13.18 17.67 8.46
N ASP B 201 12.56 18.68 7.87
CA ASP B 201 11.13 18.69 7.55
C ASP B 201 10.97 18.81 6.04
N SER B 202 10.72 17.70 5.36
CA SER B 202 10.61 16.39 6.00
C SER B 202 11.59 15.42 5.38
N VAL B 203 11.92 14.35 6.11
CA VAL B 203 12.94 13.42 5.65
C VAL B 203 12.48 12.68 4.40
N MET B 204 11.25 12.15 4.42
CA MET B 204 10.79 11.24 3.37
C MET B 204 10.05 11.96 2.23
N ALA B 205 9.97 13.29 2.27
CA ALA B 205 9.32 14.00 1.16
C ALA B 205 10.10 13.83 -0.13
N LEU B 206 11.43 13.87 -0.05
CA LEU B 206 12.24 13.85 -1.26
C LEU B 206 12.48 12.42 -1.75
N TYR B 207 12.65 11.48 -0.83
CA TYR B 207 12.83 10.08 -1.23
C TYR B 207 11.56 9.52 -1.89
N ARG B 208 10.40 10.10 -1.58
CA ARG B 208 9.15 9.62 -2.16
C ARG B 208 9.16 9.76 -3.67
N THR B 209 9.66 10.88 -4.18
CA THR B 209 9.68 11.15 -5.61
C THR B 209 11.01 10.83 -6.28
N ASP B 210 12.12 10.93 -5.56
CA ASP B 210 13.42 10.64 -6.16
C ASP B 210 13.53 9.18 -6.59
N PHE B 211 13.02 8.27 -5.75
CA PHE B 211 13.04 6.84 -6.05
C PHE B 211 11.60 6.38 -6.21
N SER B 212 11.27 5.87 -7.40
CA SER B 212 9.93 5.43 -7.72
C SER B 212 9.95 3.98 -8.18
N GLY B 213 8.99 3.20 -7.70
CA GLY B 213 8.86 1.81 -8.09
C GLY B 213 9.39 0.86 -7.03
N ARG B 214 8.92 -0.38 -7.10
CA ARG B 214 9.36 -1.41 -6.16
C ARG B 214 10.83 -1.75 -6.35
N GLY B 215 11.29 -1.80 -7.61
CA GLY B 215 12.69 -2.11 -7.86
C GLY B 215 13.64 -1.07 -7.33
N GLU B 216 13.24 0.19 -7.33
CA GLU B 216 14.07 1.29 -6.85
C GLU B 216 13.93 1.49 -5.34
N LEU B 217 13.09 0.70 -4.67
CA LEU B 217 12.84 0.90 -3.24
C LEU B 217 14.07 0.60 -2.40
N SER B 218 14.83 -0.43 -2.77
CA SER B 218 15.98 -0.82 -1.97
C SER B 218 17.02 0.29 -1.90
N ALA B 219 17.30 0.93 -3.04
CA ALA B 219 18.24 2.07 -3.03
C ALA B 219 17.69 3.22 -2.21
N ARG B 220 16.37 3.47 -2.30
CA ARG B 220 15.76 4.53 -1.51
C ARG B 220 15.97 4.29 -0.02
N GLN B 221 15.69 3.08 0.45
CA GLN B 221 15.82 2.80 1.87
C GLN B 221 17.27 2.75 2.31
N MET B 222 18.19 2.31 1.44
CA MET B 222 19.60 2.35 1.77
C MET B 222 20.09 3.79 1.94
N HIS B 223 19.68 4.68 1.02
CA HIS B 223 20.03 6.09 1.15
C HIS B 223 19.41 6.70 2.40
N LEU B 224 18.16 6.33 2.70
CA LEU B 224 17.51 6.81 3.91
C LEU B 224 18.25 6.34 5.15
N ALA B 225 18.70 5.09 5.18
CA ALA B 225 19.47 4.59 6.31
C ALA B 225 20.78 5.33 6.46
N LYS B 226 21.46 5.61 5.34
CA LYS B 226 22.68 6.41 5.41
C LYS B 226 22.41 7.80 5.96
N PHE B 227 21.33 8.43 5.52
CA PHE B 227 20.97 9.76 5.99
C PHE B 227 20.69 9.76 7.49
N MET B 228 19.93 8.77 7.96
CA MET B 228 19.61 8.70 9.38
C MET B 228 20.84 8.36 10.22
N ARG B 229 21.74 7.54 9.67
CA ARG B 229 22.99 7.26 10.36
C ARG B 229 23.84 8.52 10.50
N ALA B 230 23.86 9.33 9.44
CA ALA B 230 24.57 10.60 9.51
C ALA B 230 23.94 11.54 10.53
N LEU B 231 22.61 11.57 10.59
CA LEU B 231 21.93 12.39 11.60
C LEU B 231 22.26 11.92 13.01
N GLN B 232 22.27 10.60 13.23
CA GLN B 232 22.63 10.07 14.53
C GLN B 232 24.08 10.40 14.87
N ARG B 233 24.96 10.33 13.87
CA ARG B 233 26.35 10.72 14.09
C ARG B 233 26.45 12.19 14.51
N LEU B 234 25.70 13.06 13.85
CA LEU B 234 25.71 14.48 14.21
C LEU B 234 25.22 14.67 15.65
N ALA B 235 24.13 13.97 16.01
CA ALA B 235 23.61 14.09 17.36
C ALA B 235 24.60 13.60 18.40
N ASP B 236 25.29 12.50 18.11
CA ASP B 236 26.28 11.97 19.04
C ASP B 236 27.48 12.92 19.17
N GLN B 237 27.95 13.47 18.05
CA GLN B 237 29.12 14.34 18.09
C GLN B 237 28.84 15.64 18.82
N PHE B 238 27.75 16.32 18.46
CA PHE B 238 27.50 17.67 18.96
C PHE B 238 26.50 17.73 20.10
N GLY B 239 25.97 16.60 20.54
CA GLY B 239 24.91 16.63 21.53
C GLY B 239 23.69 17.39 21.07
N VAL B 240 23.47 17.44 19.76
CA VAL B 240 22.44 18.31 19.18
C VAL B 240 21.15 17.50 19.02
N ALA B 241 20.03 18.09 19.44
CA ALA B 241 18.74 17.44 19.28
C ALA B 241 18.35 17.38 17.81
N VAL B 242 17.97 16.20 17.36
CA VAL B 242 17.55 15.98 15.98
C VAL B 242 16.05 15.74 15.98
N VAL B 243 15.30 16.64 15.34
CA VAL B 243 13.87 16.53 15.21
C VAL B 243 13.54 16.39 13.73
N VAL B 244 12.89 15.29 13.37
CA VAL B 244 12.57 14.98 11.98
C VAL B 244 11.07 14.78 11.87
N THR B 245 10.49 15.31 10.80
CA THR B 245 9.07 15.11 10.52
C THR B 245 8.90 14.09 9.40
N ASN B 246 7.79 13.36 9.45
CA ASN B 246 7.51 12.31 8.49
C ASN B 246 6.05 12.40 8.06
N GLN B 247 5.81 12.20 6.78
CA GLN B 247 4.46 12.13 6.28
C GLN B 247 3.89 10.73 6.50
N VAL B 248 2.61 10.55 6.16
CA VAL B 248 1.92 9.30 6.47
C VAL B 248 1.44 8.65 5.17
N VAL B 249 1.12 7.37 5.30
CA VAL B 249 0.58 6.56 4.21
C VAL B 249 -0.62 5.78 4.72
N ALA B 250 -1.72 5.83 3.97
CA ALA B 250 -2.89 5.05 4.34
C ALA B 250 -2.66 3.58 4.03
N GLN B 251 -2.96 2.72 5.00
CA GLN B 251 -2.73 1.27 4.86
C GLN B 251 -3.89 0.66 4.09
N VAL B 252 -3.66 0.34 2.82
CA VAL B 252 -4.75 -0.11 1.95
C VAL B 252 -5.23 -1.51 2.34
N ASP B 253 -4.40 -2.28 3.03
CA ASP B 253 -4.78 -3.63 3.43
C ASP B 253 -5.84 -3.54 4.53
N GLY B 254 -7.10 -3.72 4.15
CA GLY B 254 -8.20 -3.65 5.10
C GLY B 254 -8.43 -4.89 5.92
N GLY B 255 -7.66 -5.96 5.67
CA GLY B 255 -7.81 -7.17 6.47
C GLY B 255 -7.41 -6.97 7.92
N MET B 256 -6.39 -6.14 8.15
CA MET B 256 -5.91 -5.85 9.50
C MET B 256 -6.70 -4.70 10.15
N ALA B 257 -8.02 -4.83 10.07
CA ALA B 257 -8.95 -3.83 10.59
C ALA B 257 -8.89 -3.68 12.11
N PHE B 258 -8.03 -4.44 12.80
CA PHE B 258 -7.90 -4.29 14.24
C PHE B 258 -7.40 -2.90 14.63
N ASN B 259 -6.50 -2.33 13.83
CA ASN B 259 -5.97 -1.01 14.10
C ASN B 259 -6.95 0.05 13.63
N PRO B 260 -7.49 0.89 14.52
CA PRO B 260 -8.44 1.93 14.07
C PRO B 260 -7.80 3.03 13.24
N ASP B 261 -6.47 3.17 13.30
CA ASP B 261 -5.79 4.23 12.56
C ASP B 261 -5.26 3.67 11.26
N PRO B 262 -5.78 4.08 10.10
CA PRO B 262 -5.32 3.53 8.82
C PRO B 262 -4.07 4.21 8.27
N LYS B 263 -3.49 5.18 8.97
CA LYS B 263 -2.35 5.94 8.49
C LYS B 263 -1.10 5.53 9.24
N LYS B 264 -0.02 5.26 8.50
CA LYS B 264 1.25 4.85 9.07
C LYS B 264 2.37 5.71 8.50
N PRO B 265 3.44 5.92 9.27
CA PRO B 265 4.52 6.80 8.80
C PRO B 265 5.28 6.21 7.63
N ILE B 266 5.91 7.10 6.86
CA ILE B 266 6.67 6.73 5.67
C ILE B 266 8.07 6.32 6.12
N GLY B 267 8.81 5.64 5.25
CA GLY B 267 10.15 5.20 5.53
C GLY B 267 10.26 3.75 5.93
N GLY B 268 9.15 3.13 6.33
CA GLY B 268 9.16 1.74 6.70
C GLY B 268 10.01 1.51 7.94
N ASN B 269 10.59 0.31 7.99
CA ASN B 269 11.38 -0.08 9.16
C ASN B 269 12.67 0.71 9.28
N ILE B 270 13.18 1.26 8.17
CA ILE B 270 14.39 2.08 8.25
C ILE B 270 14.14 3.30 9.12
N MET B 271 13.13 4.10 8.76
CA MET B 271 12.76 5.26 9.56
C MET B 271 12.26 4.83 10.93
N ALA B 272 11.61 3.66 10.99
CA ALA B 272 11.04 3.19 12.25
C ALA B 272 12.12 2.91 13.29
N HIS B 273 13.20 2.24 12.88
CA HIS B 273 14.25 1.86 13.81
C HIS B 273 15.28 2.97 13.98
N SER B 274 15.47 3.81 12.97
CA SER B 274 16.45 4.89 13.09
C SER B 274 16.01 5.94 14.10
N SER B 275 14.71 6.24 14.17
CA SER B 275 14.20 7.25 15.08
C SER B 275 14.20 6.73 16.51
N THR B 276 14.81 7.50 17.42
CA THR B 276 14.79 7.12 18.83
C THR B 276 13.40 7.28 19.42
N THR B 277 12.75 8.42 19.19
CA THR B 277 11.42 8.69 19.70
C THR B 277 10.51 9.07 18.54
N ARG B 278 9.34 8.42 18.47
CA ARG B 278 8.35 8.68 17.43
C ARG B 278 7.10 9.24 18.08
N LEU B 279 6.62 10.38 17.56
CA LEU B 279 5.41 11.02 18.05
C LEU B 279 4.38 11.05 16.93
N GLY B 280 3.20 10.52 17.20
CA GLY B 280 2.10 10.53 16.23
C GLY B 280 1.19 11.73 16.49
N PHE B 281 0.95 12.48 15.42
CA PHE B 281 0.19 13.73 15.50
C PHE B 281 -1.17 13.55 14.82
N LYS B 282 -2.22 13.96 15.51
CA LYS B 282 -3.57 13.95 14.97
C LYS B 282 -4.25 15.27 15.29
N LYS B 283 -5.22 15.65 14.48
CA LYS B 283 -5.92 16.91 14.64
C LYS B 283 -7.12 16.75 15.57
N GLY B 284 -7.24 17.67 16.52
CA GLY B 284 -8.40 17.75 17.39
C GLY B 284 -9.43 18.72 16.85
N LYS B 285 -10.16 19.35 17.76
CA LYS B 285 -11.16 20.34 17.38
C LYS B 285 -10.51 21.71 17.24
N GLY B 286 -10.51 22.24 16.01
CA GLY B 286 -9.89 23.53 15.78
C GLY B 286 -8.38 23.46 15.96
N CYS B 287 -7.85 24.32 16.83
CA CYS B 287 -6.41 24.41 17.04
C CYS B 287 -5.83 23.23 17.82
N GLN B 288 -6.67 22.45 18.51
CA GLN B 288 -6.16 21.35 19.30
C GLN B 288 -5.55 20.27 18.43
N ARG B 289 -4.44 19.70 18.89
CA ARG B 289 -3.76 18.60 18.22
C ARG B 289 -3.42 17.54 19.24
N LEU B 290 -3.47 16.27 18.82
CA LEU B 290 -3.20 15.14 19.69
C LEU B 290 -1.83 14.56 19.33
N CYS B 291 -0.97 14.46 20.34
CA CYS B 291 0.36 13.88 20.17
C CYS B 291 0.43 12.57 20.94
N LYS B 292 0.84 11.51 20.26
CA LYS B 292 0.91 10.17 20.85
C LYS B 292 2.32 9.62 20.69
N VAL B 293 2.88 9.13 21.78
CA VAL B 293 4.23 8.57 21.78
C VAL B 293 4.13 7.13 21.28
N VAL B 294 4.29 6.93 19.97
CA VAL B 294 4.20 5.59 19.41
C VAL B 294 5.40 4.75 19.83
N ASP B 295 6.61 5.31 19.75
CA ASP B 295 7.82 4.60 20.12
C ASP B 295 8.72 5.50 20.94
N SER B 296 9.25 4.95 22.04
CA SER B 296 10.20 5.64 22.89
C SER B 296 10.89 4.65 23.81
N PRO B 297 12.21 4.69 23.92
CA PRO B 297 12.91 3.73 24.80
C PRO B 297 12.59 3.91 26.28
N CYS B 298 12.11 5.08 26.70
CA CYS B 298 11.81 5.32 28.11
C CYS B 298 10.44 5.95 28.34
N LEU B 299 9.81 6.53 27.33
CA LEU B 299 8.53 7.15 27.65
C LEU B 299 7.38 6.17 27.43
N PRO B 300 6.44 6.10 28.36
CA PRO B 300 5.28 5.24 28.17
C PRO B 300 4.39 5.73 27.04
N GLU B 301 3.67 4.80 26.44
CA GLU B 301 2.78 5.12 25.32
C GLU B 301 1.59 5.91 25.87
N ALA B 302 1.64 7.23 25.74
CA ALA B 302 0.60 8.11 26.27
C ALA B 302 0.29 9.18 25.24
N GLU B 303 -0.89 9.79 25.39
CA GLU B 303 -1.39 10.79 24.46
C GLU B 303 -1.74 12.06 25.22
N CYS B 304 -1.38 13.20 24.63
CA CYS B 304 -1.68 14.50 25.22
C CYS B 304 -2.29 15.41 24.16
N VAL B 305 -2.83 16.54 24.61
CA VAL B 305 -3.49 17.50 23.74
C VAL B 305 -2.71 18.81 23.79
N PHE B 306 -2.29 19.28 22.62
CA PHE B 306 -1.62 20.57 22.48
C PHE B 306 -2.26 21.32 21.32
N ALA B 307 -2.04 22.63 21.29
CA ALA B 307 -2.69 23.50 20.31
C ALA B 307 -1.64 24.32 19.57
N ILE B 308 -2.00 24.71 18.34
CA ILE B 308 -1.16 25.53 17.48
C ILE B 308 -1.72 26.95 17.54
N TYR B 309 -0.88 27.90 17.95
CA TYR B 309 -1.27 29.28 18.16
C TYR B 309 -0.47 30.20 17.26
N GLU B 310 -0.89 31.47 17.23
CA GLU B 310 -0.18 32.48 16.44
C GLU B 310 1.24 32.65 16.92
N ASP B 311 1.49 32.45 18.21
CA ASP B 311 2.82 32.61 18.78
C ASP B 311 3.56 31.28 18.94
N GLY B 312 3.05 30.21 18.34
CA GLY B 312 3.71 28.93 18.36
C GLY B 312 2.90 27.87 19.07
N VAL B 313 3.56 26.74 19.34
CA VAL B 313 2.92 25.63 20.01
C VAL B 313 2.80 25.94 21.49
N GLY B 314 1.59 25.77 22.02
CA GLY B 314 1.33 26.02 23.42
C GLY B 314 0.19 25.17 23.93
N ASP B 315 -0.07 25.28 25.23
CA ASP B 315 -1.15 24.52 25.84
C ASP B 315 -2.50 25.10 25.45
N PRO B 316 -3.52 24.25 25.28
CA PRO B 316 -4.85 24.76 24.94
C PRO B 316 -5.43 25.61 26.06
N ARG B 317 -6.18 26.62 25.67
CA ARG B 317 -6.89 27.48 26.61
C ARG B 317 -8.26 26.92 26.93
N GLU B 318 -8.82 27.36 28.06
CA GLU B 318 -10.15 26.93 28.45
C GLU B 318 -11.22 27.44 27.49
N GLU B 319 -10.95 28.58 26.83
CA GLU B 319 -11.90 29.09 25.85
C GLU B 319 -12.08 28.13 24.68
N ASP B 320 -10.99 27.52 24.22
CA ASP B 320 -11.06 26.55 23.13
C ASP B 320 -11.57 25.19 23.58
N GLU B 321 -11.70 24.96 24.88
CA GLU B 321 -12.20 23.69 25.38
C GLU B 321 -13.71 23.59 25.24
N PHE C 1 -40.34 -13.74 -26.92
CA PHE C 1 -39.02 -13.72 -26.30
C PHE C 1 -38.20 -14.94 -26.72
N VAL C 2 -36.93 -14.95 -26.35
CA VAL C 2 -36.01 -16.04 -26.68
C VAL C 2 -35.88 -16.94 -25.46
N PRO C 3 -36.27 -18.21 -25.53
CA PRO C 3 -36.12 -19.09 -24.37
C PRO C 3 -34.66 -19.27 -23.98
N ILE C 4 -34.43 -19.47 -22.69
CA ILE C 4 -33.08 -19.63 -22.18
C ILE C 4 -32.42 -20.91 -22.67
N GLU C 5 -33.21 -21.88 -23.14
CA GLU C 5 -32.65 -23.13 -23.63
C GLU C 5 -31.80 -22.95 -24.88
N LYS C 6 -31.99 -21.85 -25.61
CA LYS C 6 -31.19 -21.60 -26.80
C LYS C 6 -29.74 -21.24 -26.48
N LEU C 7 -29.41 -20.99 -25.21
CA LEU C 7 -28.04 -20.70 -24.82
C LEU C 7 -27.16 -21.94 -24.77
N GLN C 8 -27.72 -23.13 -24.99
CA GLN C 8 -26.97 -24.38 -24.87
C GLN C 8 -26.08 -24.60 -26.09
N VAL C 9 -25.17 -23.65 -26.30
CA VAL C 9 -24.22 -23.71 -27.41
C VAL C 9 -22.84 -23.32 -26.89
N ASN C 10 -21.81 -23.74 -27.62
CA ASN C 10 -20.43 -23.41 -27.34
C ASN C 10 -20.03 -23.81 -25.92
N GLY C 11 -20.32 -25.07 -25.57
CA GLY C 11 -19.92 -25.62 -24.30
C GLY C 11 -20.82 -25.33 -23.13
N ILE C 12 -21.92 -24.60 -23.34
CA ILE C 12 -22.86 -24.34 -22.26
C ILE C 12 -23.78 -25.54 -22.10
N THR C 13 -23.75 -26.15 -20.93
CA THR C 13 -24.44 -27.41 -20.69
C THR C 13 -25.77 -27.17 -19.99
N MET C 14 -26.45 -28.27 -19.67
CA MET C 14 -27.70 -28.20 -18.93
C MET C 14 -27.51 -27.65 -17.53
N ALA C 15 -26.36 -27.93 -16.91
CA ALA C 15 -26.11 -27.47 -15.54
C ALA C 15 -26.11 -25.94 -15.47
N ASP C 16 -25.48 -25.29 -16.45
CA ASP C 16 -25.41 -23.83 -16.44
C ASP C 16 -26.80 -23.21 -16.58
N VAL C 17 -27.58 -23.73 -17.53
CA VAL C 17 -28.94 -23.23 -17.73
C VAL C 17 -29.78 -23.44 -16.49
N LYS C 18 -29.63 -24.60 -15.85
CA LYS C 18 -30.37 -24.84 -14.62
C LYS C 18 -29.98 -23.85 -13.54
N LYS C 19 -28.67 -23.73 -13.26
CA LYS C 19 -28.21 -22.82 -12.22
C LYS C 19 -28.67 -21.40 -12.50
N LEU C 20 -28.76 -21.03 -13.77
CA LEU C 20 -29.40 -19.76 -14.13
C LEU C 20 -30.87 -19.75 -13.73
N ARG C 21 -31.55 -20.89 -13.92
CA ARG C 21 -32.99 -20.95 -13.64
C ARG C 21 -33.27 -20.75 -12.15
N GLU C 22 -32.50 -21.42 -11.28
CA GLU C 22 -32.69 -21.13 -9.85
C GLU C 22 -32.10 -19.79 -9.43
N SER C 23 -31.36 -19.12 -10.31
CA SER C 23 -30.85 -17.79 -10.00
C SER C 23 -31.83 -16.68 -10.39
N GLY C 24 -33.02 -17.01 -10.87
CA GLY C 24 -33.99 -16.04 -11.27
C GLY C 24 -33.99 -15.69 -12.75
N LEU C 25 -33.00 -16.14 -13.50
CA LEU C 25 -32.91 -15.89 -14.94
C LEU C 25 -33.53 -17.08 -15.67
N HIS C 26 -34.70 -16.85 -16.28
CA HIS C 26 -35.41 -17.91 -16.98
C HIS C 26 -35.46 -17.72 -18.49
N THR C 27 -34.95 -16.61 -19.02
CA THR C 27 -34.95 -16.34 -20.44
C THR C 27 -33.57 -15.86 -20.87
N ALA C 28 -33.29 -16.00 -22.17
CA ALA C 28 -32.05 -15.46 -22.71
C ALA C 28 -32.00 -13.95 -22.57
N GLU C 29 -33.14 -13.27 -22.67
CA GLU C 29 -33.18 -11.84 -22.44
C GLU C 29 -32.78 -11.51 -21.01
N ALA C 30 -33.21 -12.34 -20.05
CA ALA C 30 -32.81 -12.13 -18.66
C ALA C 30 -31.30 -12.23 -18.50
N VAL C 31 -30.68 -13.21 -19.16
CA VAL C 31 -29.23 -13.35 -19.11
C VAL C 31 -28.54 -12.14 -19.74
N ALA C 32 -29.06 -11.68 -20.88
CA ALA C 32 -28.46 -10.54 -21.56
C ALA C 32 -28.53 -9.28 -20.70
N TYR C 33 -29.70 -9.02 -20.11
CA TYR C 33 -29.89 -7.81 -19.32
C TYR C 33 -29.13 -7.84 -18.01
N ALA C 34 -28.88 -9.03 -17.45
CA ALA C 34 -28.18 -9.11 -16.18
C ALA C 34 -26.73 -8.66 -16.36
N PRO C 35 -26.20 -7.91 -15.41
CA PRO C 35 -24.79 -7.48 -15.51
C PRO C 35 -23.83 -8.64 -15.26
N ARG C 36 -22.57 -8.40 -15.60
CA ARG C 36 -21.54 -9.43 -15.44
C ARG C 36 -21.37 -9.81 -13.97
N LYS C 37 -21.43 -8.83 -13.08
CA LYS C 37 -21.24 -9.12 -11.66
C LYS C 37 -22.36 -10.00 -11.11
N ASP C 38 -23.59 -9.81 -11.61
CA ASP C 38 -24.69 -10.66 -11.17
C ASP C 38 -24.50 -12.10 -11.64
N LEU C 39 -23.97 -12.28 -12.85
CA LEU C 39 -23.68 -13.63 -13.33
C LEU C 39 -22.55 -14.26 -12.53
N LEU C 40 -21.53 -13.46 -12.18
CA LEU C 40 -20.37 -14.01 -11.48
C LEU C 40 -20.73 -14.53 -10.09
N GLU C 41 -21.60 -13.81 -9.36
CA GLU C 41 -21.93 -14.23 -8.00
C GLU C 41 -22.75 -15.52 -7.96
N ILE C 42 -23.29 -15.96 -9.10
CA ILE C 42 -24.01 -17.23 -9.15
C ILE C 42 -23.02 -18.37 -8.99
N LYS C 43 -23.32 -19.29 -8.08
CA LYS C 43 -22.42 -20.40 -7.81
C LYS C 43 -22.35 -21.33 -9.02
N GLY C 44 -21.16 -21.87 -9.28
CA GLY C 44 -20.95 -22.78 -10.38
C GLY C 44 -20.71 -22.12 -11.72
N ILE C 45 -20.56 -20.80 -11.77
CA ILE C 45 -20.34 -20.08 -13.01
C ILE C 45 -18.98 -19.40 -12.92
N SER C 46 -18.12 -19.68 -13.90
CA SER C 46 -16.80 -19.08 -13.96
C SER C 46 -16.82 -17.80 -14.80
N GLU C 47 -15.72 -17.05 -14.72
CA GLU C 47 -15.63 -15.80 -15.46
C GLU C 47 -15.70 -16.04 -16.97
N ALA C 48 -14.98 -17.04 -17.46
CA ALA C 48 -15.05 -17.38 -18.88
C ALA C 48 -16.45 -17.86 -19.26
N LYS C 49 -17.08 -18.65 -18.39
CA LYS C 49 -18.44 -19.11 -18.65
C LYS C 49 -19.41 -17.94 -18.67
N ALA C 50 -19.26 -16.99 -17.75
CA ALA C 50 -20.12 -15.81 -17.74
C ALA C 50 -19.93 -14.98 -19.00
N ASP C 51 -18.67 -14.80 -19.43
CA ASP C 51 -18.42 -14.06 -20.66
C ASP C 51 -19.03 -14.74 -21.87
N LYS C 52 -18.89 -16.07 -21.94
CA LYS C 52 -19.49 -16.81 -23.06
C LYS C 52 -21.01 -16.70 -23.04
N LEU C 53 -21.61 -16.78 -21.86
CA LEU C 53 -23.06 -16.59 -21.76
C LEU C 53 -23.47 -15.20 -22.23
N LEU C 54 -22.69 -14.19 -21.84
CA LEU C 54 -23.00 -12.82 -22.28
C LEU C 54 -22.90 -12.69 -23.79
N ASN C 55 -21.87 -13.27 -24.40
CA ASN C 55 -21.74 -13.19 -25.85
C ASN C 55 -22.89 -13.92 -26.55
N GLU C 56 -23.25 -15.10 -26.06
CA GLU C 56 -24.35 -15.85 -26.68
C GLU C 56 -25.67 -15.10 -26.54
N ALA C 57 -25.91 -14.49 -25.37
CA ALA C 57 -27.13 -13.71 -25.19
C ALA C 57 -27.15 -12.49 -26.10
N ALA C 58 -25.99 -11.83 -26.26
CA ALA C 58 -25.92 -10.69 -27.16
C ALA C 58 -26.18 -11.11 -28.60
N ARG C 59 -25.68 -12.28 -29.00
CA ARG C 59 -25.99 -12.78 -30.33
C ARG C 59 -27.48 -13.08 -30.48
N LEU C 60 -28.09 -13.70 -29.47
CA LEU C 60 -29.51 -14.03 -29.54
C LEU C 60 -30.39 -12.81 -29.37
N VAL C 61 -30.07 -11.95 -28.41
CA VAL C 61 -30.87 -10.77 -28.08
C VAL C 61 -30.15 -9.54 -28.61
N PRO C 62 -30.74 -8.78 -29.53
CA PRO C 62 -30.05 -7.61 -30.08
C PRO C 62 -29.86 -6.50 -29.05
N MET C 63 -28.62 -6.23 -28.69
CA MET C 63 -28.28 -5.19 -27.73
C MET C 63 -27.59 -3.99 -28.35
N GLY C 64 -27.34 -4.02 -29.65
CA GLY C 64 -26.65 -2.93 -30.32
C GLY C 64 -27.58 -1.77 -30.64
N PHE C 65 -27.04 -0.81 -31.38
CA PHE C 65 -27.80 0.37 -31.76
C PHE C 65 -28.80 0.03 -32.85
N VAL C 66 -29.82 0.88 -32.97
CA VAL C 66 -30.86 0.71 -33.98
C VAL C 66 -31.45 2.09 -34.28
N THR C 67 -31.83 2.29 -35.53
CA THR C 67 -32.41 3.57 -35.93
C THR C 67 -33.75 3.79 -35.25
N ALA C 68 -34.05 5.06 -34.98
CA ALA C 68 -35.32 5.40 -34.33
C ALA C 68 -36.52 5.04 -35.18
N ALA C 69 -36.36 4.97 -36.50
CA ALA C 69 -37.46 4.53 -37.35
C ALA C 69 -37.85 3.09 -37.05
N ASP C 70 -36.86 2.22 -36.88
CA ASP C 70 -37.15 0.83 -36.55
C ASP C 70 -37.80 0.71 -35.17
N PHE C 71 -37.34 1.51 -34.20
CA PHE C 71 -37.95 1.50 -32.88
C PHE C 71 -39.39 1.98 -32.94
N HIS C 72 -39.66 3.02 -33.74
CA HIS C 72 -41.03 3.49 -33.91
C HIS C 72 -41.91 2.43 -34.56
N MET C 73 -41.37 1.74 -35.58
CA MET C 73 -42.12 0.68 -36.22
C MET C 73 -42.43 -0.45 -35.25
N ARG C 74 -41.46 -0.83 -34.42
CA ARG C 74 -41.69 -1.88 -33.43
C ARG C 74 -42.72 -1.44 -32.39
N ARG C 75 -42.64 -0.19 -31.94
CA ARG C 75 -43.61 0.30 -30.96
C ARG C 75 -45.00 0.44 -31.55
N SER C 76 -45.10 0.64 -32.86
CA SER C 76 -46.41 0.69 -33.50
C SER C 76 -47.12 -0.65 -33.40
N GLU C 77 -46.37 -1.75 -33.34
CA GLU C 77 -46.93 -3.08 -33.16
C GLU C 77 -47.04 -3.48 -31.70
N LEU C 78 -46.64 -2.61 -30.78
CA LEU C 78 -46.70 -2.93 -29.36
C LEU C 78 -48.15 -3.00 -28.89
N ILE C 79 -48.43 -3.96 -28.03
CA ILE C 79 -49.80 -4.22 -27.58
C ILE C 79 -50.19 -3.22 -26.51
N CYS C 80 -51.39 -2.67 -26.63
CA CYS C 80 -51.97 -1.79 -25.61
C CYS C 80 -53.21 -2.45 -25.04
N LEU C 81 -53.31 -2.46 -23.72
CA LEU C 81 -54.40 -3.13 -23.03
C LEU C 81 -55.50 -2.12 -22.71
N THR C 82 -56.70 -2.37 -23.20
CA THR C 82 -57.83 -1.50 -22.90
C THR C 82 -58.22 -1.61 -21.42
N THR C 83 -58.65 -0.48 -20.87
CA THR C 83 -59.06 -0.40 -19.47
C THR C 83 -60.57 -0.54 -19.30
N GLY C 84 -61.30 -0.79 -20.39
CA GLY C 84 -62.74 -0.87 -20.33
C GLY C 84 -63.45 0.46 -20.38
N SER C 85 -62.73 1.57 -20.41
CA SER C 85 -63.30 2.91 -20.48
C SER C 85 -62.73 3.63 -21.70
N LYS C 86 -63.61 4.18 -22.52
CA LYS C 86 -63.15 4.92 -23.70
C LYS C 86 -62.39 6.17 -23.30
N ASN C 87 -62.85 6.85 -22.25
CA ASN C 87 -62.15 8.07 -21.81
C ASN C 87 -60.74 7.74 -21.33
N LEU C 88 -60.59 6.67 -20.54
CA LEU C 88 -59.27 6.31 -20.04
C LEU C 88 -58.37 5.83 -21.16
N ASP C 89 -58.91 5.08 -22.12
CA ASP C 89 -58.12 4.64 -23.26
C ASP C 89 -57.65 5.83 -24.10
N THR C 90 -58.54 6.81 -24.31
CA THR C 90 -58.16 8.00 -25.05
C THR C 90 -57.10 8.80 -24.29
N LEU C 91 -57.22 8.88 -22.97
CA LEU C 91 -56.22 9.58 -22.18
C LEU C 91 -54.85 8.90 -22.28
N LEU C 92 -54.84 7.57 -22.28
CA LEU C 92 -53.60 6.81 -22.36
C LEU C 92 -53.17 6.54 -23.80
N GLY C 93 -53.90 7.05 -24.78
CA GLY C 93 -53.54 6.82 -26.17
C GLY C 93 -53.67 5.38 -26.63
N GLY C 94 -54.75 4.71 -26.25
CA GLY C 94 -55.01 3.34 -26.63
C GLY C 94 -55.16 2.39 -25.46
N GLY C 95 -54.76 2.79 -24.26
CA GLY C 95 -54.87 1.97 -23.08
C GLY C 95 -53.53 1.82 -22.40
N VAL C 96 -53.43 0.81 -21.54
CA VAL C 96 -52.18 0.56 -20.83
C VAL C 96 -51.15 -0.02 -21.79
N GLU C 97 -49.97 0.60 -21.84
CA GLU C 97 -48.92 0.17 -22.76
C GLU C 97 -48.16 -1.01 -22.19
N THR C 98 -48.01 -2.07 -22.98
CA THR C 98 -47.23 -3.22 -22.56
C THR C 98 -45.73 -2.90 -22.60
N GLY C 99 -44.97 -3.62 -21.78
CA GLY C 99 -43.54 -3.41 -21.71
C GLY C 99 -43.10 -2.21 -20.91
N SER C 100 -44.03 -1.49 -20.27
CA SER C 100 -43.71 -0.33 -19.47
C SER C 100 -44.42 -0.41 -18.13
N ILE C 101 -43.80 0.17 -17.12
CA ILE C 101 -44.33 0.16 -15.76
C ILE C 101 -45.30 1.32 -15.61
N THR C 102 -46.60 1.00 -15.50
CA THR C 102 -47.63 2.00 -15.31
C THR C 102 -48.03 2.05 -13.84
N GLU C 103 -47.96 3.24 -13.26
CA GLU C 103 -48.23 3.44 -11.84
C GLU C 103 -49.60 4.09 -11.66
N LEU C 104 -50.41 3.53 -10.78
CA LEU C 104 -51.72 4.06 -10.44
C LEU C 104 -51.69 4.46 -8.97
N PHE C 105 -51.44 5.74 -8.71
CA PHE C 105 -51.40 6.26 -7.35
C PHE C 105 -52.58 7.19 -7.11
N GLY C 106 -53.15 7.11 -5.92
CA GLY C 106 -54.29 7.95 -5.59
C GLY C 106 -54.79 7.65 -4.19
N GLU C 107 -55.84 8.38 -3.82
CA GLU C 107 -56.46 8.22 -2.52
C GLU C 107 -57.12 6.84 -2.44
N PHE C 108 -57.46 6.42 -1.21
CA PHE C 108 -58.14 5.15 -1.02
C PHE C 108 -59.50 5.19 -1.68
N ARG C 109 -59.93 4.01 -2.17
CA ARG C 109 -61.23 3.83 -2.81
C ARG C 109 -61.41 4.72 -4.04
N THR C 110 -60.32 4.98 -4.76
CA THR C 110 -60.38 5.73 -6.01
C THR C 110 -60.34 4.83 -7.24
N GLY C 111 -60.37 3.51 -7.05
CA GLY C 111 -60.47 2.59 -8.17
C GLY C 111 -59.18 1.98 -8.66
N LYS C 112 -58.07 2.13 -7.93
CA LYS C 112 -56.82 1.50 -8.34
C LYS C 112 -56.94 -0.01 -8.41
N SER C 113 -57.46 -0.62 -7.33
CA SER C 113 -57.67 -2.07 -7.32
C SER C 113 -58.72 -2.48 -8.35
N GLN C 114 -59.79 -1.69 -8.48
CA GLN C 114 -60.82 -1.99 -9.46
C GLN C 114 -60.27 -1.92 -10.88
N LEU C 115 -59.46 -0.90 -11.17
CA LEU C 115 -58.85 -0.80 -12.48
C LEU C 115 -57.88 -1.94 -12.73
N CYS C 116 -57.14 -2.36 -11.70
CA CYS C 116 -56.25 -3.51 -11.86
C CYS C 116 -57.04 -4.79 -12.15
N HIS C 117 -58.18 -4.98 -11.48
CA HIS C 117 -59.02 -6.12 -11.78
C HIS C 117 -59.54 -6.07 -13.22
N THR C 118 -59.97 -4.87 -13.66
CA THR C 118 -60.45 -4.73 -15.03
C THR C 118 -59.35 -5.04 -16.03
N LEU C 119 -58.12 -4.57 -15.76
CA LEU C 119 -56.99 -4.89 -16.63
C LEU C 119 -56.69 -6.38 -16.62
N ALA C 120 -56.80 -7.02 -15.45
CA ALA C 120 -56.58 -8.45 -15.34
C ALA C 120 -57.56 -9.24 -16.19
N VAL C 121 -58.82 -8.83 -16.23
CA VAL C 121 -59.80 -9.47 -17.10
C VAL C 121 -59.56 -9.14 -18.57
N THR C 122 -59.24 -7.88 -18.89
CA THR C 122 -59.10 -7.48 -20.28
C THR C 122 -57.79 -7.96 -20.91
N CYS C 123 -56.83 -8.41 -20.11
CA CYS C 123 -55.60 -8.94 -20.70
C CYS C 123 -55.82 -10.28 -21.38
N GLN C 124 -56.99 -10.90 -21.21
CA GLN C 124 -57.28 -12.20 -21.81
C GLN C 124 -58.22 -12.12 -23.00
N ILE C 125 -58.95 -11.03 -23.16
CA ILE C 125 -59.90 -10.88 -24.28
C ILE C 125 -59.10 -10.76 -25.57
N PRO C 126 -59.70 -11.05 -26.73
CA PRO C 126 -58.93 -11.05 -27.98
C PRO C 126 -58.33 -9.69 -28.29
N LEU C 127 -57.25 -9.73 -29.09
CA LEU C 127 -56.49 -8.52 -29.39
C LEU C 127 -57.31 -7.50 -30.17
N ASP C 128 -58.30 -7.95 -30.94
CA ASP C 128 -59.07 -7.04 -31.79
C ASP C 128 -59.88 -6.04 -30.97
N ILE C 129 -60.12 -6.31 -29.70
CA ILE C 129 -60.88 -5.41 -28.84
C ILE C 129 -60.00 -4.84 -27.73
N GLY C 130 -58.70 -4.67 -27.99
CA GLY C 130 -57.81 -4.07 -27.03
C GLY C 130 -57.26 -5.01 -25.97
N GLY C 131 -57.38 -6.33 -26.17
CA GLY C 131 -56.92 -7.29 -25.20
C GLY C 131 -55.44 -7.60 -25.33
N GLY C 132 -55.02 -8.64 -24.61
CA GLY C 132 -53.64 -9.08 -24.64
C GLY C 132 -53.50 -10.55 -25.00
N GLU C 133 -54.59 -11.30 -24.88
CA GLU C 133 -54.61 -12.74 -25.18
C GLU C 133 -53.52 -13.48 -24.39
N GLY C 134 -53.41 -13.14 -23.11
CA GLY C 134 -52.42 -13.77 -22.26
C GLY C 134 -52.90 -13.82 -20.82
N LYS C 135 -52.25 -14.69 -20.05
CA LYS C 135 -52.59 -14.83 -18.64
C LYS C 135 -52.17 -13.59 -17.85
N CYS C 136 -52.89 -13.32 -16.77
CA CYS C 136 -52.57 -12.24 -15.87
C CYS C 136 -51.82 -12.78 -14.65
N LEU C 137 -50.95 -11.95 -14.09
CA LEU C 137 -50.19 -12.31 -12.90
C LEU C 137 -50.40 -11.20 -11.87
N TYR C 138 -51.22 -11.48 -10.86
CA TYR C 138 -51.60 -10.50 -9.85
C TYR C 138 -50.82 -10.78 -8.57
N ILE C 139 -50.10 -9.76 -8.10
CA ILE C 139 -49.39 -9.84 -6.83
C ILE C 139 -50.08 -8.86 -5.88
N ASP C 140 -50.92 -9.41 -4.99
CA ASP C 140 -51.69 -8.61 -4.06
C ASP C 140 -50.95 -8.54 -2.74
N THR C 141 -50.78 -7.32 -2.21
CA THR C 141 -50.08 -7.10 -0.96
C THR C 141 -50.96 -6.56 0.16
N GLU C 142 -52.08 -5.93 -0.16
CA GLU C 142 -53.00 -5.42 0.84
C GLU C 142 -54.12 -6.40 1.17
N GLY C 143 -54.20 -7.53 0.47
CA GLY C 143 -55.27 -8.47 0.71
C GLY C 143 -56.62 -8.02 0.22
N THR C 144 -56.67 -7.09 -0.72
CA THR C 144 -57.92 -6.52 -1.21
C THR C 144 -58.39 -7.18 -2.50
N PHE C 145 -57.72 -8.23 -2.96
CA PHE C 145 -58.12 -8.91 -4.19
C PHE C 145 -59.48 -9.58 -4.01
N ARG C 146 -60.33 -9.46 -5.01
CA ARG C 146 -61.67 -10.04 -4.98
C ARG C 146 -61.95 -10.71 -6.33
N PRO C 147 -61.92 -12.04 -6.39
CA PRO C 147 -62.22 -12.72 -7.66
C PRO C 147 -63.63 -12.49 -8.15
N VAL C 148 -64.56 -12.09 -7.28
CA VAL C 148 -65.92 -11.77 -7.71
C VAL C 148 -65.90 -10.64 -8.74
N ARG C 149 -65.01 -9.66 -8.53
CA ARG C 149 -64.86 -8.59 -9.50
C ARG C 149 -64.40 -9.15 -10.85
N LEU C 150 -63.45 -10.07 -10.84
CA LEU C 150 -62.99 -10.68 -12.08
C LEU C 150 -64.12 -11.41 -12.78
N VAL C 151 -64.94 -12.14 -12.01
CA VAL C 151 -66.06 -12.87 -12.60
C VAL C 151 -67.05 -11.90 -13.23
N SER C 152 -67.36 -10.80 -12.53
CA SER C 152 -68.31 -9.83 -13.06
C SER C 152 -67.78 -9.18 -14.33
N ILE C 153 -66.50 -8.80 -14.34
CA ILE C 153 -65.93 -8.16 -15.53
C ILE C 153 -65.86 -9.15 -16.69
N ALA C 154 -65.58 -10.43 -16.40
CA ALA C 154 -65.60 -11.44 -17.44
C ALA C 154 -66.99 -11.61 -18.03
N GLN C 155 -68.02 -11.55 -17.18
CA GLN C 155 -69.39 -11.54 -17.69
C GLN C 155 -69.64 -10.32 -18.57
N ARG C 156 -69.07 -9.17 -18.19
CA ARG C 156 -69.21 -7.97 -19.02
C ARG C 156 -68.56 -8.15 -20.38
N PHE C 157 -67.36 -8.74 -20.41
CA PHE C 157 -66.59 -8.86 -21.64
C PHE C 157 -66.82 -10.18 -22.36
N GLY C 158 -67.73 -11.01 -21.88
CA GLY C 158 -68.08 -12.25 -22.55
C GLY C 158 -67.16 -13.42 -22.27
N LEU C 159 -66.12 -13.25 -21.47
CA LEU C 159 -65.25 -14.37 -21.12
C LEU C 159 -65.96 -15.35 -20.20
N ASP C 160 -65.58 -16.61 -20.31
CA ASP C 160 -66.11 -17.63 -19.40
C ASP C 160 -65.53 -17.37 -18.01
N PRO C 161 -66.37 -17.23 -16.98
CA PRO C 161 -65.84 -16.87 -15.65
C PRO C 161 -64.77 -17.83 -15.13
N ASP C 162 -64.95 -19.13 -15.33
CA ASP C 162 -63.92 -20.08 -14.89
C ASP C 162 -62.64 -19.91 -15.70
N ASP C 163 -62.78 -19.70 -17.02
CA ASP C 163 -61.61 -19.48 -17.86
C ASP C 163 -60.90 -18.19 -17.49
N ALA C 164 -61.66 -17.16 -17.11
CA ALA C 164 -61.04 -15.93 -16.64
C ALA C 164 -60.32 -16.14 -15.31
N LEU C 165 -60.93 -16.92 -14.40
CA LEU C 165 -60.35 -17.09 -13.08
C LEU C 165 -59.07 -17.91 -13.13
N ASN C 166 -59.10 -19.06 -13.82
CA ASN C 166 -57.92 -19.93 -13.82
C ASN C 166 -56.79 -19.40 -14.68
N ASN C 167 -57.03 -18.36 -15.47
CA ASN C 167 -55.98 -17.73 -16.26
C ASN C 167 -55.32 -16.56 -15.53
N VAL C 168 -55.70 -16.30 -14.29
CA VAL C 168 -55.10 -15.23 -13.48
C VAL C 168 -54.22 -15.88 -12.42
N ALA C 169 -52.94 -15.56 -12.45
CA ALA C 169 -51.99 -16.09 -11.48
C ALA C 169 -51.97 -15.18 -10.25
N TYR C 170 -52.23 -15.76 -9.09
CA TYR C 170 -52.28 -15.01 -7.83
C TYR C 170 -51.15 -15.44 -6.92
N ALA C 171 -50.51 -14.46 -6.28
CA ALA C 171 -49.52 -14.70 -5.25
C ALA C 171 -49.55 -13.52 -4.29
N ARG C 172 -49.81 -13.80 -3.01
CA ARG C 172 -49.93 -12.75 -2.00
C ARG C 172 -48.61 -12.55 -1.29
N ALA C 173 -48.13 -11.31 -1.27
CA ALA C 173 -46.88 -10.97 -0.61
C ALA C 173 -47.16 -10.57 0.83
N TYR C 174 -46.38 -11.13 1.76
CA TYR C 174 -46.54 -10.86 3.17
C TYR C 174 -45.49 -9.92 3.73
N ASN C 175 -44.30 -9.86 3.13
CA ASN C 175 -43.29 -8.88 3.49
C ASN C 175 -42.52 -8.49 2.25
N ALA C 176 -41.63 -7.50 2.40
CA ALA C 176 -40.88 -6.99 1.26
C ALA C 176 -40.01 -8.09 0.62
N ASP C 177 -39.37 -8.91 1.45
CA ASP C 177 -38.52 -9.97 0.92
C ASP C 177 -39.33 -10.97 0.11
N HIS C 178 -40.50 -11.36 0.62
CA HIS C 178 -41.35 -12.27 -0.14
C HIS C 178 -41.88 -11.61 -1.41
N GLN C 179 -42.17 -10.31 -1.35
CA GLN C 179 -42.64 -9.59 -2.54
C GLN C 179 -41.57 -9.61 -3.62
N LEU C 180 -40.30 -9.37 -3.24
CA LEU C 180 -39.23 -9.42 -4.23
C LEU C 180 -39.01 -10.85 -4.73
N ARG C 181 -39.10 -11.83 -3.83
CA ARG C 181 -38.88 -13.22 -4.22
C ARG C 181 -39.95 -13.73 -5.17
N LEU C 182 -41.18 -13.20 -5.06
CA LEU C 182 -42.26 -13.64 -5.92
C LEU C 182 -42.00 -13.33 -7.39
N LEU C 183 -41.13 -12.35 -7.68
CA LEU C 183 -40.84 -12.04 -9.07
C LEU C 183 -40.06 -13.16 -9.75
N ASP C 184 -39.25 -13.91 -9.00
CA ASP C 184 -38.57 -15.06 -9.57
C ASP C 184 -39.57 -16.13 -10.01
N ALA C 185 -40.56 -16.41 -9.16
CA ALA C 185 -41.61 -17.35 -9.54
C ALA C 185 -42.44 -16.80 -10.70
N ALA C 186 -42.65 -15.48 -10.72
CA ALA C 186 -43.36 -14.87 -11.85
C ALA C 186 -42.61 -15.09 -13.15
N ALA C 187 -41.29 -14.89 -13.14
CA ALA C 187 -40.47 -15.13 -14.32
C ALA C 187 -40.51 -16.59 -14.73
N GLN C 188 -40.43 -17.50 -13.75
CA GLN C 188 -40.48 -18.92 -14.05
C GLN C 188 -41.80 -19.29 -14.71
N MET C 189 -42.92 -18.78 -14.19
CA MET C 189 -44.22 -19.06 -14.78
C MET C 189 -44.34 -18.46 -16.17
N MET C 190 -43.85 -17.24 -16.36
CA MET C 190 -43.98 -16.57 -17.64
C MET C 190 -43.08 -17.19 -18.71
N SER C 191 -41.98 -17.83 -18.30
CA SER C 191 -41.16 -18.56 -19.24
C SER C 191 -41.82 -19.85 -19.71
N GLU C 192 -42.93 -20.25 -19.08
CA GLU C 192 -43.64 -21.47 -19.46
C GLU C 192 -44.93 -21.21 -20.21
N SER C 193 -45.60 -20.08 -19.95
CA SER C 193 -46.85 -19.76 -20.62
C SER C 193 -46.87 -18.27 -20.96
N ARG C 194 -47.69 -17.91 -21.94
CA ARG C 194 -47.77 -16.53 -22.41
C ARG C 194 -48.56 -15.70 -21.39
N PHE C 195 -47.89 -14.72 -20.78
CA PHE C 195 -48.52 -13.76 -19.91
C PHE C 195 -48.57 -12.40 -20.60
N SER C 196 -49.45 -11.53 -20.09
CA SER C 196 -49.62 -10.21 -20.69
C SER C 196 -49.78 -9.08 -19.69
N LEU C 197 -49.75 -9.33 -18.39
CA LEU C 197 -49.98 -8.28 -17.41
C LEU C 197 -49.39 -8.68 -16.06
N ILE C 198 -48.75 -7.72 -15.40
CA ILE C 198 -48.26 -7.88 -14.03
C ILE C 198 -48.91 -6.82 -13.17
N VAL C 199 -49.51 -7.24 -12.06
CA VAL C 199 -50.17 -6.33 -11.13
C VAL C 199 -49.54 -6.49 -9.76
N VAL C 200 -49.11 -5.37 -9.17
CA VAL C 200 -48.54 -5.34 -7.83
C VAL C 200 -49.34 -4.30 -7.04
N ASP C 201 -50.38 -4.77 -6.34
CA ASP C 201 -51.28 -3.89 -5.59
C ASP C 201 -51.20 -4.27 -4.12
N SER C 202 -50.44 -3.50 -3.34
CA SER C 202 -49.69 -2.36 -3.85
C SER C 202 -48.21 -2.55 -3.56
N VAL C 203 -47.38 -1.77 -4.26
CA VAL C 203 -45.93 -1.96 -4.17
C VAL C 203 -45.42 -1.57 -2.79
N MET C 204 -45.80 -0.38 -2.32
CA MET C 204 -45.15 0.19 -1.15
C MET C 204 -45.94 0.01 0.15
N ALA C 205 -47.05 -0.71 0.12
CA ALA C 205 -47.79 -0.97 1.35
C ALA C 205 -46.96 -1.79 2.32
N LEU C 206 -46.26 -2.81 1.82
CA LEU C 206 -45.44 -3.65 2.67
C LEU C 206 -44.14 -2.97 3.08
N TYR C 207 -43.54 -2.20 2.17
CA TYR C 207 -42.30 -1.49 2.50
C TYR C 207 -42.52 -0.45 3.59
N ARG C 208 -43.73 0.11 3.67
CA ARG C 208 -44.02 1.13 4.67
C ARG C 208 -43.87 0.58 6.08
N THR C 209 -44.34 -0.65 6.30
CA THR C 209 -44.29 -1.25 7.64
C THR C 209 -43.02 -2.06 7.87
N ASP C 210 -42.49 -2.71 6.84
CA ASP C 210 -41.28 -3.52 7.01
C ASP C 210 -40.10 -2.66 7.40
N PHE C 211 -39.95 -1.49 6.79
CA PHE C 211 -38.87 -0.56 7.09
C PHE C 211 -39.46 0.68 7.75
N SER C 212 -38.94 1.02 8.93
CA SER C 212 -39.37 2.19 9.67
C SER C 212 -38.18 2.98 10.17
N GLY C 213 -38.34 4.29 10.26
CA GLY C 213 -37.31 5.17 10.76
C GLY C 213 -36.38 5.67 9.66
N ARG C 214 -35.60 6.69 10.03
CA ARG C 214 -34.66 7.28 9.08
C ARG C 214 -33.53 6.33 8.72
N GLY C 215 -33.08 5.51 9.67
CA GLY C 215 -31.96 4.61 9.41
C GLY C 215 -32.28 3.58 8.34
N GLU C 216 -33.50 3.06 8.34
CA GLU C 216 -33.92 2.04 7.38
C GLU C 216 -34.50 2.63 6.11
N LEU C 217 -34.58 3.95 5.99
CA LEU C 217 -35.10 4.56 4.77
C LEU C 217 -34.22 4.24 3.57
N SER C 218 -32.91 4.33 3.73
CA SER C 218 -32.00 4.03 2.63
C SER C 218 -32.15 2.58 2.17
N ALA C 219 -32.22 1.66 3.12
CA ALA C 219 -32.42 0.25 2.77
C ALA C 219 -33.77 0.03 2.13
N ARG C 220 -34.81 0.71 2.64
CA ARG C 220 -36.15 0.59 2.06
C ARG C 220 -36.15 1.02 0.61
N GLN C 221 -35.57 2.19 0.32
CA GLN C 221 -35.58 2.68 -1.05
C GLN C 221 -34.67 1.87 -1.95
N MET C 222 -33.57 1.34 -1.42
CA MET C 222 -32.71 0.46 -2.22
C MET C 222 -33.43 -0.83 -2.59
N HIS C 223 -34.16 -1.42 -1.63
CA HIS C 223 -34.92 -2.63 -1.93
C HIS C 223 -36.05 -2.32 -2.91
N LEU C 224 -36.68 -1.16 -2.77
CA LEU C 224 -37.71 -0.76 -3.73
C LEU C 224 -37.11 -0.58 -5.12
N ALA C 225 -35.91 -0.01 -5.21
CA ALA C 225 -35.25 0.15 -6.49
C ALA C 225 -34.93 -1.21 -7.12
N LYS C 226 -34.47 -2.16 -6.30
CA LYS C 226 -34.25 -3.51 -6.81
C LYS C 226 -35.55 -4.13 -7.31
N PHE C 227 -36.64 -3.95 -6.56
CA PHE C 227 -37.92 -4.52 -6.95
C PHE C 227 -38.41 -3.95 -8.28
N MET C 228 -38.31 -2.63 -8.44
CA MET C 228 -38.78 -2.02 -9.68
C MET C 228 -37.81 -2.31 -10.84
N ARG C 229 -36.52 -2.48 -10.55
CA ARG C 229 -35.59 -2.92 -11.59
C ARG C 229 -35.96 -4.31 -12.08
N ALA C 230 -36.30 -5.21 -11.16
CA ALA C 230 -36.73 -6.55 -11.57
C ALA C 230 -38.04 -6.50 -12.34
N LEU C 231 -38.96 -5.62 -11.94
CA LEU C 231 -40.20 -5.46 -12.68
C LEU C 231 -39.94 -4.97 -14.11
N GLN C 232 -39.03 -4.01 -14.26
CA GLN C 232 -38.67 -3.52 -15.59
C GLN C 232 -38.00 -4.62 -16.40
N ARG C 233 -37.17 -5.44 -15.76
CA ARG C 233 -36.57 -6.58 -16.45
C ARG C 233 -37.64 -7.54 -16.95
N LEU C 234 -38.64 -7.82 -16.12
CA LEU C 234 -39.73 -8.70 -16.54
C LEU C 234 -40.50 -8.10 -17.71
N ALA C 235 -40.78 -6.80 -17.65
CA ALA C 235 -41.51 -6.13 -18.72
C ALA C 235 -40.72 -6.18 -20.03
N ASP C 236 -39.40 -5.95 -19.96
CA ASP C 236 -38.57 -6.02 -21.16
C ASP C 236 -38.50 -7.44 -21.70
N GLN C 237 -38.38 -8.43 -20.83
CA GLN C 237 -38.23 -9.81 -21.27
C GLN C 237 -39.51 -10.32 -21.93
N PHE C 238 -40.65 -10.14 -21.28
CA PHE C 238 -41.89 -10.77 -21.72
C PHE C 238 -42.82 -9.80 -22.44
N GLY C 239 -42.45 -8.53 -22.58
CA GLY C 239 -43.31 -7.57 -23.25
C GLY C 239 -44.65 -7.37 -22.57
N VAL C 240 -44.72 -7.55 -21.26
CA VAL C 240 -45.96 -7.49 -20.52
C VAL C 240 -46.14 -6.10 -19.93
N ALA C 241 -47.39 -5.65 -19.87
CA ALA C 241 -47.71 -4.41 -19.18
C ALA C 241 -47.58 -4.60 -17.68
N VAL C 242 -46.83 -3.72 -17.03
CA VAL C 242 -46.67 -3.75 -15.59
C VAL C 242 -47.51 -2.62 -15.01
N VAL C 243 -48.58 -2.98 -14.31
CA VAL C 243 -49.47 -2.03 -13.68
C VAL C 243 -49.32 -2.16 -12.17
N VAL C 244 -48.86 -1.09 -11.53
CA VAL C 244 -48.58 -1.06 -10.10
C VAL C 244 -49.39 0.05 -9.47
N THR C 245 -49.93 -0.22 -8.27
CA THR C 245 -50.66 0.78 -7.53
C THR C 245 -49.83 1.28 -6.35
N ASN C 246 -50.08 2.52 -5.95
CA ASN C 246 -49.36 3.16 -4.87
C ASN C 246 -50.33 4.00 -4.05
N GLN C 247 -50.17 3.98 -2.74
CA GLN C 247 -50.99 4.80 -1.87
C GLN C 247 -50.53 6.26 -1.93
N VAL C 248 -51.09 7.10 -1.08
CA VAL C 248 -50.74 8.51 -1.05
C VAL C 248 -50.46 8.94 0.39
N VAL C 249 -49.66 9.99 0.52
CA VAL C 249 -49.36 10.63 1.80
C VAL C 249 -49.61 12.12 1.68
N ALA C 250 -50.41 12.65 2.60
CA ALA C 250 -50.64 14.10 2.63
C ALA C 250 -49.37 14.82 3.06
N GLN C 251 -49.05 15.90 2.36
CA GLN C 251 -47.86 16.69 2.67
C GLN C 251 -48.19 17.62 3.83
N VAL C 252 -47.65 17.29 5.02
CA VAL C 252 -47.90 18.12 6.20
C VAL C 252 -47.28 19.49 6.04
N ASP C 253 -46.13 19.58 5.39
CA ASP C 253 -45.44 20.86 5.19
C ASP C 253 -46.30 21.74 4.28
N GLY C 254 -46.95 22.74 4.86
CA GLY C 254 -47.83 23.62 4.15
C GLY C 254 -47.15 24.78 3.45
N GLY C 255 -45.82 24.87 3.51
CA GLY C 255 -45.13 25.94 2.82
C GLY C 255 -45.28 25.87 1.32
N MET C 256 -45.34 24.67 0.77
CA MET C 256 -45.51 24.46 -0.68
C MET C 256 -46.98 24.49 -1.09
N ALA C 257 -47.70 25.52 -0.63
CA ALA C 257 -49.12 25.68 -0.90
C ALA C 257 -49.43 25.91 -2.38
N PHE C 258 -48.42 26.07 -3.23
CA PHE C 258 -48.66 26.24 -4.66
C PHE C 258 -49.34 25.04 -5.29
N ASN C 259 -49.20 23.86 -4.68
CA ASN C 259 -49.85 22.66 -5.19
C ASN C 259 -51.20 22.47 -4.50
N PRO C 260 -52.32 22.54 -5.22
CA PRO C 260 -53.62 22.34 -4.56
C PRO C 260 -53.81 20.95 -3.98
N ASP C 261 -53.09 19.95 -4.49
CA ASP C 261 -53.21 18.58 -3.98
C ASP C 261 -52.15 18.34 -2.93
N PRO C 262 -52.50 18.12 -1.66
CA PRO C 262 -51.50 17.87 -0.63
C PRO C 262 -51.02 16.44 -0.54
N LYS C 263 -51.56 15.53 -1.36
CA LYS C 263 -51.23 14.11 -1.29
C LYS C 263 -50.20 13.75 -2.36
N LYS C 264 -49.17 13.01 -1.96
CA LYS C 264 -48.16 12.52 -2.86
C LYS C 264 -47.94 11.04 -2.63
N PRO C 265 -47.57 10.30 -3.69
CA PRO C 265 -47.43 8.84 -3.55
C PRO C 265 -46.22 8.45 -2.71
N ILE C 266 -46.32 7.28 -2.08
CA ILE C 266 -45.21 6.73 -1.32
C ILE C 266 -44.16 6.17 -2.27
N GLY C 267 -42.91 6.13 -1.79
CA GLY C 267 -41.79 5.65 -2.55
C GLY C 267 -40.82 6.74 -2.97
N GLY C 268 -41.26 7.99 -2.99
CA GLY C 268 -40.36 9.09 -3.29
C GLY C 268 -39.80 9.00 -4.69
N ASN C 269 -38.53 9.37 -4.82
CA ASN C 269 -37.90 9.45 -6.13
C ASN C 269 -37.73 8.07 -6.77
N ILE C 270 -37.59 7.02 -5.96
CA ILE C 270 -37.42 5.68 -6.53
C ILE C 270 -38.65 5.31 -7.34
N MET C 271 -39.83 5.42 -6.74
CA MET C 271 -41.07 5.13 -7.46
C MET C 271 -41.34 6.18 -8.53
N ALA C 272 -40.93 7.42 -8.29
CA ALA C 272 -41.15 8.50 -9.25
C ALA C 272 -40.42 8.23 -10.56
N HIS C 273 -39.17 7.79 -10.48
CA HIS C 273 -38.35 7.59 -11.67
C HIS C 273 -38.48 6.20 -12.25
N SER C 274 -38.79 5.20 -11.42
CA SER C 274 -38.92 3.85 -11.94
C SER C 274 -40.18 3.66 -12.76
N SER C 275 -41.25 4.38 -12.44
CA SER C 275 -42.52 4.23 -13.14
C SER C 275 -42.47 4.97 -14.46
N THR C 276 -42.72 4.25 -15.56
CA THR C 276 -42.77 4.89 -16.87
C THR C 276 -43.94 5.85 -16.97
N THR C 277 -45.11 5.43 -16.49
CA THR C 277 -46.32 6.25 -16.53
C THR C 277 -46.95 6.27 -15.15
N ARG C 278 -47.26 7.46 -14.66
CA ARG C 278 -47.91 7.65 -13.37
C ARG C 278 -49.27 8.30 -13.58
N LEU C 279 -50.31 7.68 -13.02
CA LEU C 279 -51.67 8.19 -13.12
C LEU C 279 -52.18 8.53 -11.74
N GLY C 280 -52.62 9.77 -11.57
CA GLY C 280 -53.19 10.21 -10.30
C GLY C 280 -54.69 10.03 -10.29
N PHE C 281 -55.19 9.35 -9.26
CA PHE C 281 -56.59 9.00 -9.15
C PHE C 281 -57.25 9.81 -8.05
N LYS C 282 -58.38 10.43 -8.37
CA LYS C 282 -59.16 11.20 -7.41
C LYS C 282 -60.63 10.77 -7.51
N LYS C 283 -61.34 10.89 -6.40
CA LYS C 283 -62.73 10.48 -6.34
C LYS C 283 -63.63 11.64 -6.73
N GLY C 284 -64.47 11.40 -7.73
CA GLY C 284 -65.47 12.37 -8.17
C GLY C 284 -66.80 12.14 -7.50
N LYS C 285 -67.83 12.79 -8.04
CA LYS C 285 -69.18 12.62 -7.52
C LYS C 285 -69.69 11.21 -7.80
N GLY C 286 -70.39 10.64 -6.82
CA GLY C 286 -70.89 9.29 -6.96
C GLY C 286 -69.77 8.29 -7.15
N CYS C 287 -69.94 7.40 -8.11
CA CYS C 287 -68.94 6.39 -8.43
C CYS C 287 -67.91 6.87 -9.45
N GLN C 288 -68.06 8.09 -9.96
CA GLN C 288 -67.11 8.62 -10.93
C GLN C 288 -65.76 8.87 -10.27
N ARG C 289 -64.70 8.67 -11.04
CA ARG C 289 -63.33 8.88 -10.58
C ARG C 289 -62.57 9.73 -11.58
N LEU C 290 -61.63 10.51 -11.08
CA LEU C 290 -60.80 11.38 -11.91
C LEU C 290 -59.41 10.78 -12.03
N CYS C 291 -58.94 10.61 -13.26
CA CYS C 291 -57.61 10.09 -13.54
C CYS C 291 -56.79 11.18 -14.23
N LYS C 292 -55.59 11.45 -13.70
CA LYS C 292 -54.72 12.48 -14.21
C LYS C 292 -53.35 11.89 -14.51
N VAL C 293 -52.83 12.16 -15.70
CA VAL C 293 -51.50 11.71 -16.08
C VAL C 293 -50.48 12.66 -15.49
N VAL C 294 -49.78 12.21 -14.45
CA VAL C 294 -48.77 13.04 -13.81
C VAL C 294 -47.43 12.95 -14.55
N ASP C 295 -46.95 11.74 -14.82
CA ASP C 295 -45.70 11.52 -15.53
C ASP C 295 -45.94 10.58 -16.68
N SER C 296 -45.47 10.97 -17.87
CA SER C 296 -45.53 10.12 -19.05
C SER C 296 -44.59 10.67 -20.11
N PRO C 297 -43.73 9.83 -20.69
CA PRO C 297 -42.79 10.33 -21.71
C PRO C 297 -43.46 10.82 -22.97
N CYS C 298 -44.68 10.40 -23.26
CA CYS C 298 -45.37 10.78 -24.49
C CYS C 298 -46.80 11.28 -24.30
N LEU C 299 -47.46 10.95 -23.20
CA LEU C 299 -48.84 11.36 -23.02
C LEU C 299 -48.89 12.75 -22.38
N PRO C 300 -49.60 13.70 -22.97
CA PRO C 300 -49.71 15.03 -22.35
C PRO C 300 -50.46 14.98 -21.03
N GLU C 301 -50.14 15.92 -20.15
CA GLU C 301 -50.76 15.99 -18.83
C GLU C 301 -52.21 16.42 -18.98
N ALA C 302 -53.12 15.46 -18.92
CA ALA C 302 -54.55 15.73 -19.08
C ALA C 302 -55.32 14.84 -18.11
N GLU C 303 -56.61 15.16 -17.94
CA GLU C 303 -57.48 14.43 -17.04
C GLU C 303 -58.69 13.89 -17.79
N CYS C 304 -59.19 12.76 -17.32
CA CYS C 304 -60.41 12.15 -17.86
C CYS C 304 -61.29 11.69 -16.70
N VAL C 305 -62.57 11.55 -16.98
CA VAL C 305 -63.56 11.13 -15.98
C VAL C 305 -64.00 9.71 -16.33
N PHE C 306 -63.85 8.80 -15.37
CA PHE C 306 -64.30 7.42 -15.51
C PHE C 306 -64.99 7.00 -14.21
N ALA C 307 -65.78 5.94 -14.30
CA ALA C 307 -66.59 5.48 -13.18
C ALA C 307 -66.37 3.99 -12.94
N ILE C 308 -66.68 3.56 -11.73
CA ILE C 308 -66.58 2.16 -11.32
C ILE C 308 -67.97 1.60 -11.21
N TYR C 309 -68.20 0.45 -11.85
CA TYR C 309 -69.51 -0.19 -11.88
C TYR C 309 -69.38 -1.65 -11.43
N GLU C 310 -70.52 -2.32 -11.34
CA GLU C 310 -70.51 -3.73 -10.93
C GLU C 310 -69.78 -4.59 -11.95
N ASP C 311 -69.93 -4.28 -13.24
CA ASP C 311 -69.28 -5.03 -14.30
C ASP C 311 -67.84 -4.60 -14.55
N GLY C 312 -67.35 -3.61 -13.81
CA GLY C 312 -65.97 -3.19 -13.94
C GLY C 312 -65.80 -1.71 -14.17
N VAL C 313 -64.62 -1.32 -14.65
CA VAL C 313 -64.31 0.08 -14.91
C VAL C 313 -64.87 0.46 -16.28
N GLY C 314 -65.65 1.55 -16.32
CA GLY C 314 -66.24 1.99 -17.57
C GLY C 314 -66.47 3.49 -17.55
N ASP C 315 -66.88 4.01 -18.70
CA ASP C 315 -67.14 5.43 -18.84
C ASP C 315 -68.41 5.81 -18.07
N PRO C 316 -68.46 7.04 -17.56
CA PRO C 316 -69.69 7.49 -16.88
C PRO C 316 -70.86 7.57 -17.86
N ARG C 317 -72.05 7.29 -17.34
CA ARG C 317 -73.26 7.34 -18.15
C ARG C 317 -73.96 8.69 -17.96
N GLU C 318 -74.96 8.93 -18.83
CA GLU C 318 -75.70 10.18 -18.76
C GLU C 318 -76.48 10.30 -17.46
N GLU C 319 -77.04 9.18 -16.98
CA GLU C 319 -77.78 9.21 -15.73
C GLU C 319 -76.87 9.55 -14.55
N ASP C 320 -75.58 9.23 -14.65
CA ASP C 320 -74.62 9.56 -13.61
C ASP C 320 -74.13 11.00 -13.69
N GLU C 321 -74.49 11.72 -14.75
CA GLU C 321 -74.06 13.11 -14.91
C GLU C 321 -75.07 14.07 -14.30
N VAL D 2 37.53 -20.83 33.60
CA VAL D 2 38.91 -21.16 33.96
C VAL D 2 39.84 -20.02 33.59
N PRO D 3 40.60 -19.53 34.57
CA PRO D 3 41.53 -18.42 34.32
C PRO D 3 42.61 -18.83 33.32
N ILE D 4 43.04 -17.84 32.52
CA ILE D 4 44.08 -18.08 31.54
C ILE D 4 45.46 -18.18 32.19
N GLU D 5 45.59 -17.72 33.43
CA GLU D 5 46.89 -17.76 34.12
C GLU D 5 47.33 -19.19 34.42
N LYS D 6 46.41 -20.15 34.37
CA LYS D 6 46.77 -21.55 34.61
C LYS D 6 47.58 -22.16 33.48
N LEU D 7 47.70 -21.47 32.35
CA LEU D 7 48.47 -21.98 31.22
C LEU D 7 49.97 -21.77 31.36
N GLN D 8 50.41 -21.08 32.41
CA GLN D 8 51.83 -20.79 32.59
C GLN D 8 52.59 -22.02 33.11
N VAL D 9 52.54 -23.08 32.30
CA VAL D 9 53.22 -24.33 32.62
C VAL D 9 53.91 -24.86 31.37
N ASN D 10 54.88 -25.74 31.60
CA ASN D 10 55.61 -26.43 30.53
C ASN D 10 56.24 -25.45 29.55
N GLY D 11 57.00 -24.49 30.09
CA GLY D 11 57.73 -23.54 29.28
C GLY D 11 56.94 -22.35 28.79
N ILE D 12 55.66 -22.25 29.15
CA ILE D 12 54.83 -21.11 28.75
C ILE D 12 55.04 -19.99 29.76
N THR D 13 55.49 -18.83 29.26
CA THR D 13 55.86 -17.72 30.13
C THR D 13 54.70 -16.75 30.30
N MET D 14 54.88 -15.81 31.23
CA MET D 14 53.88 -14.78 31.45
C MET D 14 53.75 -13.86 30.25
N ALA D 15 54.82 -13.68 29.48
CA ALA D 15 54.77 -12.84 28.29
C ALA D 15 53.80 -13.42 27.27
N ASP D 16 53.81 -14.75 27.10
CA ASP D 16 52.87 -15.39 26.18
C ASP D 16 51.43 -15.16 26.61
N VAL D 17 51.15 -15.28 27.91
CA VAL D 17 49.80 -15.05 28.41
C VAL D 17 49.40 -13.59 28.20
N LYS D 18 50.32 -12.66 28.42
CA LYS D 18 50.03 -11.25 28.19
C LYS D 18 49.72 -10.99 26.72
N LYS D 19 50.50 -11.58 25.82
CA LYS D 19 50.25 -11.41 24.39
C LYS D 19 48.90 -12.00 24.01
N LEU D 20 48.55 -13.16 24.57
CA LEU D 20 47.24 -13.74 24.30
C LEU D 20 46.12 -12.85 24.81
N ARG D 21 46.31 -12.25 25.99
CA ARG D 21 45.31 -11.34 26.53
C ARG D 21 45.15 -10.12 25.64
N GLU D 22 46.26 -9.58 25.13
CA GLU D 22 46.18 -8.44 24.23
C GLU D 22 45.48 -8.76 22.92
N SER D 23 45.40 -10.03 22.55
CA SER D 23 44.77 -10.45 21.32
C SER D 23 43.28 -10.80 21.50
N GLY D 24 42.74 -10.65 22.70
CA GLY D 24 41.35 -10.92 22.96
C GLY D 24 41.05 -12.24 23.62
N LEU D 25 42.07 -13.06 23.91
CA LEU D 25 41.90 -14.33 24.58
C LEU D 25 42.25 -14.14 26.05
N HIS D 26 41.25 -14.22 26.93
CA HIS D 26 41.44 -13.93 28.34
C HIS D 26 41.21 -15.13 29.26
N THR D 27 40.79 -16.27 28.73
CA THR D 27 40.53 -17.46 29.53
C THR D 27 41.19 -18.66 28.87
N ALA D 28 41.30 -19.75 29.64
CA ALA D 28 41.81 -21.00 29.08
C ALA D 28 40.86 -21.52 28.01
N GLU D 29 39.55 -21.35 28.21
CA GLU D 29 38.58 -21.72 27.18
C GLU D 29 38.80 -20.93 25.90
N ALA D 30 39.24 -19.68 26.02
CA ALA D 30 39.51 -18.88 24.83
C ALA D 30 40.63 -19.48 23.99
N VAL D 31 41.69 -19.95 24.64
CA VAL D 31 42.78 -20.59 23.92
C VAL D 31 42.33 -21.94 23.38
N ALA D 32 41.54 -22.69 24.15
CA ALA D 32 41.10 -24.01 23.71
C ALA D 32 40.22 -23.91 22.48
N TYR D 33 39.30 -22.95 22.45
CA TYR D 33 38.38 -22.83 21.33
C TYR D 33 39.04 -22.20 20.10
N ALA D 34 40.05 -21.37 20.30
CA ALA D 34 40.70 -20.70 19.19
C ALA D 34 41.45 -21.70 18.33
N PRO D 35 41.30 -21.65 17.02
CA PRO D 35 42.06 -22.56 16.16
C PRO D 35 43.55 -22.23 16.16
N ARG D 36 44.34 -23.20 15.70
CA ARG D 36 45.78 -23.03 15.68
C ARG D 36 46.19 -21.86 14.80
N LYS D 37 45.47 -21.63 13.69
CA LYS D 37 45.82 -20.53 12.81
C LYS D 37 45.63 -19.18 13.50
N ASP D 38 44.60 -19.06 14.33
CA ASP D 38 44.38 -17.81 15.06
C ASP D 38 45.52 -17.54 16.02
N LEU D 39 46.00 -18.58 16.71
CA LEU D 39 47.17 -18.41 17.58
C LEU D 39 48.40 -18.04 16.78
N LEU D 40 48.58 -18.66 15.61
CA LEU D 40 49.75 -18.35 14.78
C LEU D 40 49.71 -16.92 14.26
N GLU D 41 48.51 -16.39 14.00
CA GLU D 41 48.39 -15.02 13.50
C GLU D 41 48.82 -13.99 14.54
N ILE D 42 48.85 -14.35 15.81
CA ILE D 42 49.30 -13.44 16.86
C ILE D 42 50.81 -13.37 16.84
N LYS D 43 51.34 -12.16 16.84
CA LYS D 43 52.79 -11.97 16.76
C LYS D 43 53.47 -12.51 18.02
N GLY D 44 54.69 -13.01 17.84
CA GLY D 44 55.50 -13.50 18.94
C GLY D 44 55.17 -14.89 19.43
N ILE D 45 54.36 -15.65 18.69
CA ILE D 45 53.99 -17.01 19.07
C ILE D 45 54.54 -17.96 18.02
N SER D 46 55.37 -18.91 18.45
CA SER D 46 55.89 -19.92 17.54
C SER D 46 54.91 -21.07 17.38
N GLU D 47 55.14 -21.88 16.35
CA GLU D 47 54.24 -23.00 16.08
C GLU D 47 54.27 -24.02 17.20
N ALA D 48 55.47 -24.37 17.68
CA ALA D 48 55.58 -25.37 18.74
C ALA D 48 54.95 -24.88 20.03
N LYS D 49 55.17 -23.61 20.38
CA LYS D 49 54.62 -23.09 21.63
C LYS D 49 53.10 -22.89 21.50
N ALA D 50 52.61 -22.56 20.31
CA ALA D 50 51.17 -22.54 20.09
C ALA D 50 50.59 -23.94 20.26
N ASP D 51 51.27 -24.96 19.75
CA ASP D 51 50.81 -26.33 19.91
C ASP D 51 50.78 -26.73 21.38
N LYS D 52 51.81 -26.37 22.14
CA LYS D 52 51.80 -26.70 23.56
C LYS D 52 50.74 -25.93 24.32
N LEU D 53 50.47 -24.68 23.92
CA LEU D 53 49.34 -23.95 24.49
C LEU D 53 48.02 -24.66 24.24
N LEU D 54 47.83 -25.14 23.00
CA LEU D 54 46.62 -25.88 22.68
C LEU D 54 46.51 -27.15 23.50
N ASN D 55 47.63 -27.86 23.67
CA ASN D 55 47.62 -29.08 24.48
C ASN D 55 47.25 -28.78 25.93
N GLU D 56 47.85 -27.72 26.50
CA GLU D 56 47.54 -27.36 27.88
C GLU D 56 46.08 -26.95 28.03
N ALA D 57 45.55 -26.20 27.06
CA ALA D 57 44.15 -25.80 27.11
C ALA D 57 43.23 -27.01 27.02
N ALA D 58 43.57 -27.97 26.15
CA ALA D 58 42.77 -29.18 26.04
C ALA D 58 42.84 -30.01 27.31
N ARG D 59 43.99 -30.02 27.99
CA ARG D 59 44.08 -30.70 29.28
C ARG D 59 43.22 -30.02 30.33
N LEU D 60 43.24 -28.69 30.36
CA LEU D 60 42.46 -27.95 31.34
C LEU D 60 40.97 -27.91 30.99
N VAL D 61 40.63 -27.74 29.72
CA VAL D 61 39.25 -27.62 29.27
C VAL D 61 38.91 -28.88 28.49
N PRO D 62 37.89 -29.64 28.89
CA PRO D 62 37.59 -30.90 28.19
C PRO D 62 37.13 -30.69 26.76
N MET D 63 37.95 -31.13 25.80
CA MET D 63 37.64 -31.01 24.39
C MET D 63 37.13 -32.29 23.76
N GLY D 64 37.18 -33.40 24.47
CA GLY D 64 36.82 -34.70 23.94
C GLY D 64 35.33 -34.98 24.01
N PHE D 65 34.99 -36.24 23.75
CA PHE D 65 33.60 -36.68 23.75
C PHE D 65 33.08 -36.85 25.16
N VAL D 66 31.75 -36.87 25.28
CA VAL D 66 31.08 -37.07 26.57
C VAL D 66 29.71 -37.66 26.29
N THR D 67 29.23 -38.51 27.20
CA THR D 67 27.93 -39.12 27.04
C THR D 67 26.83 -38.07 27.11
N ALA D 68 25.76 -38.31 26.34
CA ALA D 68 24.65 -37.36 26.32
C ALA D 68 23.97 -37.25 27.67
N ALA D 69 24.05 -38.29 28.49
CA ALA D 69 23.49 -38.21 29.84
C ALA D 69 24.23 -37.17 30.67
N ASP D 70 25.55 -37.14 30.58
CA ASP D 70 26.33 -36.13 31.31
C ASP D 70 26.00 -34.73 30.82
N PHE D 71 25.85 -34.55 29.51
CA PHE D 71 25.49 -33.24 28.98
C PHE D 71 24.09 -32.82 29.45
N HIS D 72 23.15 -33.76 29.48
CA HIS D 72 21.82 -33.45 30.00
C HIS D 72 21.87 -33.05 31.46
N MET D 73 22.67 -33.77 32.26
CA MET D 73 22.81 -33.43 33.67
C MET D 73 23.42 -32.04 33.83
N ARG D 74 24.43 -31.72 33.02
CA ARG D 74 25.05 -30.41 33.08
C ARG D 74 24.06 -29.31 32.68
N ARG D 75 23.28 -29.54 31.63
CA ARG D 75 22.31 -28.54 31.20
C ARG D 75 21.16 -28.40 32.19
N SER D 76 20.90 -29.44 32.99
CA SER D 76 19.90 -29.32 34.05
C SER D 76 20.32 -28.28 35.08
N GLU D 77 21.62 -28.16 35.35
CA GLU D 77 22.15 -27.16 36.26
C GLU D 77 22.36 -25.81 35.60
N LEU D 78 22.13 -25.70 34.29
CA LEU D 78 22.32 -24.45 33.58
C LEU D 78 21.32 -23.41 34.04
N ILE D 79 21.79 -22.19 34.23
CA ILE D 79 20.97 -21.11 34.77
C ILE D 79 20.12 -20.50 33.66
N CYS D 80 18.84 -20.27 33.95
CA CYS D 80 17.93 -19.59 33.04
C CYS D 80 17.50 -18.28 33.68
N LEU D 81 17.64 -17.18 32.93
CA LEU D 81 17.31 -15.86 33.44
C LEU D 81 15.84 -15.57 33.24
N THR D 82 15.16 -15.19 34.33
CA THR D 82 13.75 -14.83 34.23
C THR D 82 13.59 -13.53 33.44
N THR D 83 12.56 -13.48 32.61
CA THR D 83 12.27 -12.30 31.80
C THR D 83 11.30 -11.35 32.47
N GLY D 84 10.88 -11.62 33.70
CA GLY D 84 9.91 -10.81 34.39
C GLY D 84 8.47 -11.11 34.07
N SER D 85 8.21 -12.03 33.13
CA SER D 85 6.86 -12.42 32.76
C SER D 85 6.75 -13.94 32.86
N LYS D 86 5.74 -14.42 33.61
CA LYS D 86 5.54 -15.85 33.74
C LYS D 86 5.18 -16.49 32.41
N ASN D 87 4.40 -15.80 31.59
CA ASN D 87 4.04 -16.32 30.27
C ASN D 87 5.29 -16.48 29.40
N LEU D 88 6.17 -15.49 29.40
CA LEU D 88 7.38 -15.58 28.59
C LEU D 88 8.32 -16.66 29.11
N ASP D 89 8.44 -16.78 30.44
CA ASP D 89 9.28 -17.83 31.01
C ASP D 89 8.74 -19.21 30.66
N THR D 90 7.43 -19.39 30.71
CA THR D 90 6.83 -20.66 30.31
C THR D 90 7.06 -20.92 28.83
N LEU D 91 6.96 -19.88 28.00
CA LEU D 91 7.23 -20.04 26.58
C LEU D 91 8.68 -20.47 26.33
N LEU D 92 9.61 -19.88 27.08
CA LEU D 92 11.03 -20.18 26.93
C LEU D 92 11.48 -21.37 27.76
N GLY D 93 10.57 -22.02 28.47
CA GLY D 93 10.93 -23.15 29.30
C GLY D 93 11.83 -22.80 30.47
N GLY D 94 11.52 -21.72 31.18
CA GLY D 94 12.31 -21.29 32.32
C GLY D 94 12.96 -19.93 32.14
N GLY D 95 12.83 -19.29 30.99
CA GLY D 95 13.43 -18.00 30.76
C GLY D 95 14.54 -18.03 29.72
N VAL D 96 15.37 -16.98 29.70
CA VAL D 96 16.46 -16.92 28.73
C VAL D 96 17.57 -17.86 29.18
N GLU D 97 17.96 -18.77 28.28
CA GLU D 97 18.98 -19.76 28.59
C GLU D 97 20.37 -19.15 28.51
N THR D 98 21.17 -19.35 29.55
CA THR D 98 22.55 -18.91 29.54
C THR D 98 23.39 -19.82 28.66
N GLY D 99 24.50 -19.28 28.17
CA GLY D 99 25.39 -20.03 27.31
C GLY D 99 24.92 -20.20 25.89
N SER D 100 23.84 -19.53 25.50
CA SER D 100 23.31 -19.63 24.15
C SER D 100 22.86 -18.25 23.69
N ILE D 101 22.88 -18.04 22.38
CA ILE D 101 22.52 -16.76 21.79
C ILE D 101 21.01 -16.74 21.56
N THR D 102 20.32 -15.80 22.22
CA THR D 102 18.88 -15.62 22.07
C THR D 102 18.63 -14.36 21.27
N GLU D 103 17.93 -14.49 20.14
CA GLU D 103 17.68 -13.38 19.25
C GLU D 103 16.24 -12.91 19.37
N LEU D 104 16.07 -11.61 19.58
CA LEU D 104 14.75 -10.98 19.68
C LEU D 104 14.59 -10.06 18.48
N PHE D 105 13.89 -10.54 17.45
CA PHE D 105 13.68 -9.79 16.23
C PHE D 105 12.22 -9.34 16.15
N GLY D 106 12.01 -8.09 15.74
CA GLY D 106 10.69 -7.52 15.63
C GLY D 106 10.70 -6.07 15.24
N GLU D 107 9.53 -5.52 14.88
CA GLU D 107 9.45 -4.13 14.50
C GLU D 107 9.58 -3.23 15.74
N PHE D 108 9.40 -1.93 15.52
CA PHE D 108 9.59 -0.95 16.59
C PHE D 108 8.49 -1.09 17.64
N ARG D 109 8.74 -0.49 18.81
CA ARG D 109 7.96 -0.62 20.05
C ARG D 109 7.43 -2.03 20.29
N THR D 110 8.22 -3.05 19.95
CA THR D 110 7.84 -4.43 20.22
C THR D 110 8.43 -4.95 21.53
N GLY D 111 9.09 -4.09 22.30
CA GLY D 111 9.58 -4.47 23.61
C GLY D 111 10.93 -5.16 23.63
N LYS D 112 11.63 -5.23 22.50
CA LYS D 112 12.94 -5.87 22.47
C LYS D 112 13.90 -5.16 23.42
N SER D 113 14.00 -3.84 23.31
CA SER D 113 14.85 -3.08 24.22
C SER D 113 14.32 -3.15 25.65
N GLN D 114 13.00 -3.10 25.82
CA GLN D 114 12.42 -3.20 27.16
C GLN D 114 12.70 -4.57 27.78
N LEU D 115 12.56 -5.63 26.98
CA LEU D 115 12.88 -6.98 27.49
C LEU D 115 14.37 -7.09 27.81
N CYS D 116 15.22 -6.45 27.01
CA CYS D 116 16.65 -6.48 27.29
C CYS D 116 16.98 -5.74 28.58
N HIS D 117 16.31 -4.62 28.83
CA HIS D 117 16.49 -3.91 30.11
C HIS D 117 16.02 -4.76 31.28
N THR D 118 14.88 -5.43 31.12
CA THR D 118 14.38 -6.31 32.17
C THR D 118 15.36 -7.45 32.45
N LEU D 119 15.92 -8.03 31.39
CA LEU D 119 16.92 -9.08 31.56
C LEU D 119 18.19 -8.55 32.22
N ALA D 120 18.59 -7.33 31.87
CA ALA D 120 19.75 -6.71 32.48
C ALA D 120 19.55 -6.50 33.98
N VAL D 121 18.35 -6.13 34.40
CA VAL D 121 18.07 -6.02 35.83
C VAL D 121 17.99 -7.39 36.50
N THR D 122 17.31 -8.36 35.86
CA THR D 122 17.10 -9.66 36.48
C THR D 122 18.37 -10.51 36.52
N CYS D 123 19.39 -10.17 35.72
CA CYS D 123 20.63 -10.93 35.80
C CYS D 123 21.36 -10.74 37.12
N GLN D 124 20.95 -9.77 37.94
CA GLN D 124 21.61 -9.50 39.21
C GLN D 124 20.84 -10.04 40.41
N ILE D 125 19.55 -10.31 40.28
CA ILE D 125 18.75 -10.81 41.40
C ILE D 125 19.19 -12.23 41.72
N PRO D 126 18.93 -12.74 42.92
CA PRO D 126 19.45 -14.06 43.29
C PRO D 126 18.90 -15.17 42.40
N LEU D 127 19.63 -16.29 42.40
CA LEU D 127 19.30 -17.41 41.51
C LEU D 127 17.94 -18.00 41.83
N ASP D 128 17.55 -18.01 43.12
CA ASP D 128 16.32 -18.67 43.54
C ASP D 128 15.09 -18.06 42.89
N ILE D 129 15.14 -16.82 42.45
CA ILE D 129 14.02 -16.16 41.79
C ILE D 129 14.27 -15.99 40.30
N GLY D 130 15.09 -16.85 39.71
CA GLY D 130 15.34 -16.81 38.29
C GLY D 130 16.45 -15.89 37.85
N GLY D 131 17.28 -15.41 38.76
CA GLY D 131 18.34 -14.47 38.44
C GLY D 131 19.61 -15.16 37.97
N GLY D 132 20.66 -14.37 37.88
CA GLY D 132 21.95 -14.87 37.45
C GLY D 132 23.07 -14.58 38.44
N GLU D 133 22.80 -13.68 39.38
CA GLU D 133 23.78 -13.27 40.40
C GLU D 133 25.09 -12.81 39.75
N GLY D 134 24.96 -12.07 38.65
CA GLY D 134 26.13 -11.57 37.94
C GLY D 134 25.84 -10.23 37.31
N LYS D 135 26.91 -9.52 36.97
CA LYS D 135 26.79 -8.22 36.35
C LYS D 135 26.32 -8.36 34.90
N CYS D 136 25.62 -7.34 34.42
CA CYS D 136 25.18 -7.28 33.03
C CYS D 136 26.22 -6.58 32.18
N LEU D 137 26.17 -6.85 30.88
CA LEU D 137 27.07 -6.22 29.91
C LEU D 137 26.23 -5.84 28.70
N TYR D 138 25.80 -4.57 28.65
CA TYR D 138 24.86 -4.09 27.66
C TYR D 138 25.64 -3.37 26.56
N ILE D 139 25.56 -3.88 25.34
CA ILE D 139 26.18 -3.24 24.18
C ILE D 139 25.08 -2.56 23.39
N ASP D 140 25.13 -1.23 23.34
CA ASP D 140 24.10 -0.42 22.70
C ASP D 140 24.64 0.13 21.39
N THR D 141 23.89 -0.08 20.31
CA THR D 141 24.27 0.42 19.00
C THR D 141 23.30 1.42 18.41
N GLU D 142 22.13 1.60 19.03
CA GLU D 142 21.14 2.56 18.53
C GLU D 142 20.95 3.76 19.44
N GLY D 143 21.60 3.79 20.60
CA GLY D 143 21.39 4.88 21.54
C GLY D 143 20.08 4.82 22.29
N THR D 144 19.44 3.65 22.33
CA THR D 144 18.13 3.50 22.94
C THR D 144 18.19 2.99 24.37
N PHE D 145 19.38 2.86 24.95
CA PHE D 145 19.49 2.50 26.35
C PHE D 145 19.00 3.63 27.24
N ARG D 146 18.25 3.28 28.29
CA ARG D 146 17.69 4.25 29.22
C ARG D 146 17.84 3.71 30.64
N PRO D 147 18.78 4.25 31.41
CA PRO D 147 18.98 3.75 32.78
C PRO D 147 17.77 3.96 33.69
N VAL D 148 16.86 4.88 33.34
CA VAL D 148 15.65 5.05 34.13
C VAL D 148 14.84 3.76 34.13
N ARG D 149 14.80 3.06 32.99
CA ARG D 149 14.14 1.77 32.93
C ARG D 149 14.78 0.78 33.89
N LEU D 150 16.12 0.73 33.93
CA LEU D 150 16.79 -0.16 34.86
C LEU D 150 16.46 0.19 36.30
N VAL D 151 16.41 1.48 36.63
CA VAL D 151 16.07 1.90 37.99
C VAL D 151 14.66 1.44 38.34
N SER D 152 13.72 1.63 37.43
CA SER D 152 12.34 1.23 37.69
C SER D 152 12.22 -0.28 37.88
N ILE D 153 12.90 -1.06 37.02
CA ILE D 153 12.80 -2.51 37.12
C ILE D 153 13.48 -3.00 38.40
N ALA D 154 14.59 -2.37 38.79
CA ALA D 154 15.23 -2.72 40.05
C ALA D 154 14.32 -2.41 41.24
N GLN D 155 13.59 -1.30 41.15
CA GLN D 155 12.58 -1.01 42.17
C GLN D 155 11.52 -2.11 42.19
N ARG D 156 11.13 -2.61 41.02
CA ARG D 156 10.18 -3.71 40.97
C ARG D 156 10.74 -4.97 41.62
N PHE D 157 12.01 -5.28 41.35
CA PHE D 157 12.62 -6.51 41.83
C PHE D 157 13.36 -6.33 43.15
N GLY D 158 13.31 -5.13 43.75
CA GLY D 158 13.90 -4.91 45.05
C GLY D 158 15.39 -4.65 45.05
N LEU D 159 16.03 -4.59 43.89
CA LEU D 159 17.46 -4.29 43.83
C LEU D 159 17.70 -2.83 44.18
N ASP D 160 18.87 -2.57 44.76
CA ASP D 160 19.29 -1.21 45.04
C ASP D 160 19.59 -0.50 43.72
N PRO D 161 18.95 0.63 43.42
CA PRO D 161 19.20 1.30 42.13
C PRO D 161 20.66 1.64 41.91
N ASP D 162 21.38 2.07 42.95
CA ASP D 162 22.81 2.30 42.82
C ASP D 162 23.55 1.01 42.50
N ASP D 163 23.24 -0.06 43.22
CA ASP D 163 23.85 -1.35 42.93
C ASP D 163 23.45 -1.88 41.56
N ALA D 164 22.19 -1.69 41.19
CA ALA D 164 21.71 -2.17 39.89
C ALA D 164 22.43 -1.46 38.75
N LEU D 165 22.60 -0.14 38.85
CA LEU D 165 23.28 0.60 37.80
C LEU D 165 24.77 0.32 37.82
N ASN D 166 25.36 0.15 39.00
CA ASN D 166 26.80 -0.13 39.10
C ASN D 166 27.16 -1.50 38.54
N ASN D 167 26.19 -2.42 38.44
CA ASN D 167 26.44 -3.77 37.97
C ASN D 167 26.07 -3.97 36.51
N VAL D 168 25.79 -2.90 35.77
CA VAL D 168 25.48 -2.98 34.35
C VAL D 168 26.60 -2.29 33.59
N ALA D 169 27.27 -3.03 32.72
CA ALA D 169 28.35 -2.49 31.91
C ALA D 169 27.78 -1.96 30.60
N TYR D 170 28.05 -0.69 30.32
CA TYR D 170 27.57 -0.04 29.10
C TYR D 170 28.73 0.34 28.20
N ALA D 171 28.60 -0.01 26.93
CA ALA D 171 29.47 0.49 25.87
C ALA D 171 28.62 0.79 24.66
N ARG D 172 28.84 1.96 24.07
CA ARG D 172 28.07 2.41 22.91
C ARG D 172 28.88 2.14 21.64
N ALA D 173 28.31 1.36 20.74
CA ALA D 173 28.98 1.01 19.49
C ALA D 173 28.57 1.98 18.40
N TYR D 174 29.56 2.59 17.75
CA TYR D 174 29.32 3.59 16.72
C TYR D 174 29.51 3.06 15.31
N ASN D 175 30.28 1.98 15.14
CA ASN D 175 30.46 1.35 13.84
C ASN D 175 30.64 -0.15 14.05
N ALA D 176 30.52 -0.89 12.95
CA ALA D 176 30.63 -2.34 13.03
C ALA D 176 31.98 -2.77 13.57
N ASP D 177 33.06 -2.11 13.13
CA ASP D 177 34.38 -2.44 13.64
C ASP D 177 34.48 -2.20 15.13
N HIS D 178 33.94 -1.07 15.61
CA HIS D 178 33.92 -0.80 17.04
C HIS D 178 33.02 -1.80 17.78
N GLN D 179 31.91 -2.19 17.17
CA GLN D 179 31.03 -3.19 17.78
C GLN D 179 31.76 -4.51 17.99
N LEU D 180 32.52 -4.96 16.97
CA LEU D 180 33.28 -6.19 17.13
C LEU D 180 34.42 -6.02 18.13
N ARG D 181 35.08 -4.85 18.12
CA ARG D 181 36.19 -4.61 19.04
C ARG D 181 35.74 -4.58 20.48
N LEU D 182 34.50 -4.16 20.74
CA LEU D 182 34.00 -4.10 22.10
C LEU D 182 33.93 -5.48 22.76
N LEU D 183 33.87 -6.55 21.97
CA LEU D 183 33.80 -7.89 22.55
C LEU D 183 35.11 -8.27 23.24
N ASP D 184 36.24 -7.75 22.75
CA ASP D 184 37.51 -7.98 23.44
C ASP D 184 37.50 -7.36 24.83
N ALA D 185 37.00 -6.13 24.93
CA ALA D 185 36.87 -5.49 26.23
C ALA D 185 35.87 -6.24 27.11
N ALA D 186 34.80 -6.76 26.50
CA ALA D 186 33.83 -7.55 27.26
C ALA D 186 34.49 -8.79 27.85
N ALA D 187 35.29 -9.50 27.04
CA ALA D 187 36.00 -10.66 27.53
C ALA D 187 36.98 -10.30 28.64
N GLN D 188 37.69 -9.18 28.47
CA GLN D 188 38.62 -8.74 29.51
C GLN D 188 37.89 -8.44 30.81
N MET D 189 36.74 -7.78 30.73
CA MET D 189 35.97 -7.48 31.93
C MET D 189 35.46 -8.75 32.61
N MET D 190 34.97 -9.71 31.82
CA MET D 190 34.45 -10.93 32.42
C MET D 190 35.56 -11.81 32.97
N SER D 191 36.78 -11.69 32.44
CA SER D 191 37.91 -12.42 33.00
C SER D 191 38.27 -11.96 34.40
N GLU D 192 37.77 -10.81 34.84
CA GLU D 192 38.06 -10.28 36.16
C GLU D 192 36.90 -10.38 37.13
N SER D 193 35.66 -10.25 36.65
CA SER D 193 34.49 -10.32 37.50
C SER D 193 33.42 -11.17 36.83
N ARG D 194 32.54 -11.74 37.65
CA ARG D 194 31.51 -12.62 37.12
C ARG D 194 30.41 -11.83 36.42
N PHE D 195 30.16 -12.16 35.17
CA PHE D 195 29.05 -11.62 34.41
C PHE D 195 28.04 -12.72 34.12
N SER D 196 26.82 -12.33 33.77
CA SER D 196 25.77 -13.30 33.50
C SER D 196 24.93 -13.00 32.27
N LEU D 197 25.14 -11.89 31.57
CA LEU D 197 24.29 -11.54 30.43
C LEU D 197 25.04 -10.63 29.47
N ILE D 198 24.91 -10.91 28.17
CA ILE D 198 25.39 -10.04 27.12
C ILE D 198 24.19 -9.61 26.30
N VAL D 199 24.04 -8.30 26.10
CA VAL D 199 22.98 -7.75 25.26
C VAL D 199 23.62 -6.84 24.22
N VAL D 200 23.30 -7.10 22.95
CA VAL D 200 23.74 -6.26 21.84
C VAL D 200 22.49 -5.73 21.16
N ASP D 201 22.14 -4.48 21.45
CA ASP D 201 20.92 -3.86 20.94
C ASP D 201 21.29 -2.59 20.18
N SER D 202 21.32 -2.69 18.85
CA SER D 202 21.05 -3.94 18.15
C SER D 202 22.25 -4.33 17.29
N VAL D 203 22.32 -5.62 16.94
CA VAL D 203 23.48 -6.13 16.20
C VAL D 203 23.52 -5.54 14.80
N MET D 204 22.40 -5.55 14.10
CA MET D 204 22.36 -5.26 12.68
C MET D 204 22.12 -3.79 12.37
N ALA D 205 21.98 -2.93 13.37
CA ALA D 205 21.76 -1.51 13.12
C ALA D 205 22.97 -0.89 12.44
N LEU D 206 24.17 -1.19 12.94
CA LEU D 206 25.38 -0.59 12.38
C LEU D 206 25.81 -1.25 11.08
N TYR D 207 25.60 -2.56 10.94
CA TYR D 207 25.95 -3.26 9.72
C TYR D 207 25.11 -2.80 8.53
N ARG D 208 23.90 -2.31 8.78
CA ARG D 208 23.03 -1.86 7.69
C ARG D 208 23.66 -0.70 6.93
N THR D 209 24.26 0.24 7.65
CA THR D 209 24.82 1.45 7.06
C THR D 209 26.30 1.37 6.80
N ASP D 210 27.06 0.64 7.62
CA ASP D 210 28.50 0.53 7.42
C ASP D 210 28.81 -0.16 6.09
N PHE D 211 28.03 -1.19 5.74
CA PHE D 211 28.15 -1.87 4.46
C PHE D 211 26.88 -1.63 3.67
N SER D 212 27.01 -0.99 2.52
CA SER D 212 25.87 -0.63 1.68
C SER D 212 26.03 -1.23 0.29
N GLY D 213 24.93 -1.73 -0.27
CA GLY D 213 24.93 -2.29 -1.59
C GLY D 213 25.26 -3.77 -1.62
N ARG D 214 24.97 -4.38 -2.77
CA ARG D 214 25.26 -5.80 -2.95
C ARG D 214 26.75 -6.09 -3.04
N GLY D 215 27.57 -5.09 -3.40
CA GLY D 215 29.00 -5.31 -3.48
C GLY D 215 29.63 -5.59 -2.12
N GLU D 216 29.20 -4.88 -1.09
CA GLU D 216 29.72 -5.05 0.26
C GLU D 216 28.88 -6.00 1.09
N LEU D 217 27.87 -6.64 0.50
CA LEU D 217 27.02 -7.56 1.25
C LEU D 217 27.81 -8.76 1.78
N SER D 218 28.68 -9.33 0.95
CA SER D 218 29.47 -10.47 1.39
C SER D 218 30.37 -10.11 2.56
N ALA D 219 31.03 -8.95 2.49
CA ALA D 219 31.86 -8.50 3.61
C ALA D 219 31.01 -8.24 4.85
N ARG D 220 29.82 -7.66 4.66
CA ARG D 220 28.93 -7.42 5.79
C ARG D 220 28.57 -8.72 6.50
N GLN D 221 28.16 -9.73 5.72
CA GLN D 221 27.76 -10.98 6.34
C GLN D 221 28.94 -11.73 6.93
N MET D 222 30.13 -11.62 6.32
CA MET D 222 31.32 -12.23 6.91
C MET D 222 31.65 -11.57 8.26
N HIS D 223 31.56 -10.25 8.32
CA HIS D 223 31.82 -9.55 9.57
C HIS D 223 30.78 -9.92 10.62
N LEU D 224 29.51 -10.04 10.23
CA LEU D 224 28.47 -10.46 11.16
C LEU D 224 28.72 -11.88 11.65
N ALA D 225 29.17 -12.77 10.76
CA ALA D 225 29.51 -14.13 11.15
C ALA D 225 30.64 -14.13 12.16
N LYS D 226 31.67 -13.31 11.95
CA LYS D 226 32.76 -13.21 12.91
C LYS D 226 32.26 -12.66 14.24
N PHE D 227 31.36 -11.68 14.20
CA PHE D 227 30.84 -11.08 15.42
C PHE D 227 30.06 -12.09 16.25
N MET D 228 29.17 -12.86 15.61
CA MET D 228 28.45 -13.87 16.37
C MET D 228 29.32 -15.07 16.73
N ARG D 229 30.38 -15.33 15.95
CA ARG D 229 31.36 -16.32 16.38
C ARG D 229 32.00 -15.90 17.70
N ALA D 230 32.39 -14.64 17.81
CA ALA D 230 32.96 -14.13 19.05
C ALA D 230 31.92 -14.15 20.18
N LEU D 231 30.66 -13.82 19.86
CA LEU D 231 29.60 -13.87 20.86
C LEU D 231 29.39 -15.29 21.39
N GLN D 232 29.34 -16.26 20.48
CA GLN D 232 29.16 -17.65 20.90
C GLN D 232 30.35 -18.14 21.72
N ARG D 233 31.56 -17.74 21.33
CA ARG D 233 32.73 -18.08 22.13
C ARG D 233 32.65 -17.46 23.53
N LEU D 234 32.20 -16.21 23.61
CA LEU D 234 32.03 -15.58 24.92
C LEU D 234 31.02 -16.33 25.77
N ALA D 235 29.90 -16.72 25.17
CA ALA D 235 28.89 -17.48 25.90
C ALA D 235 29.44 -18.82 26.37
N ASP D 236 30.23 -19.50 25.53
CA ASP D 236 30.82 -20.76 25.92
C ASP D 236 31.82 -20.59 27.06
N GLN D 237 32.67 -19.57 26.98
CA GLN D 237 33.70 -19.37 28.00
C GLN D 237 33.10 -18.99 29.34
N PHE D 238 32.21 -17.99 29.35
CA PHE D 238 31.75 -17.40 30.60
C PHE D 238 30.36 -17.88 31.01
N GLY D 239 29.71 -18.72 30.21
CA GLY D 239 28.38 -19.19 30.55
C GLY D 239 27.34 -18.10 30.66
N VAL D 240 27.54 -17.00 29.95
CA VAL D 240 26.65 -15.85 30.03
C VAL D 240 25.58 -15.96 28.96
N ALA D 241 24.38 -15.52 29.29
CA ALA D 241 23.30 -15.49 28.31
C ALA D 241 23.52 -14.36 27.32
N VAL D 242 23.44 -14.67 26.03
CA VAL D 242 23.64 -13.69 24.97
C VAL D 242 22.26 -13.39 24.39
N VAL D 243 21.80 -12.16 24.58
CA VAL D 243 20.51 -11.70 24.05
C VAL D 243 20.80 -10.62 23.03
N VAL D 244 20.35 -10.83 21.80
CA VAL D 244 20.61 -9.91 20.69
C VAL D 244 19.29 -9.51 20.07
N THR D 245 19.11 -8.22 19.82
CA THR D 245 17.93 -7.72 19.14
C THR D 245 18.22 -7.47 17.67
N ASN D 246 17.22 -7.70 16.84
CA ASN D 246 17.35 -7.58 15.39
C ASN D 246 16.19 -6.79 14.82
N GLN D 247 16.51 -5.88 13.91
CA GLN D 247 15.48 -5.16 13.17
C GLN D 247 14.91 -6.04 12.08
N VAL D 248 13.76 -5.63 11.54
CA VAL D 248 13.05 -6.39 10.52
C VAL D 248 12.90 -5.52 9.28
N VAL D 249 12.63 -6.17 8.15
CA VAL D 249 12.33 -5.48 6.90
C VAL D 249 11.16 -6.18 6.22
N ALA D 250 10.30 -5.40 5.59
CA ALA D 250 9.13 -5.94 4.90
C ALA D 250 9.57 -6.63 3.62
N GLN D 251 9.11 -7.87 3.45
CA GLN D 251 9.49 -8.67 2.28
C GLN D 251 8.75 -8.15 1.05
N VAL D 252 9.45 -7.40 0.21
CA VAL D 252 8.79 -6.76 -0.92
C VAL D 252 8.32 -7.74 -1.98
N ASP D 253 8.86 -8.96 -2.00
CA ASP D 253 8.45 -9.95 -2.98
C ASP D 253 7.06 -10.48 -2.60
N GLY D 254 6.15 -10.48 -3.57
CA GLY D 254 4.81 -11.02 -3.36
C GLY D 254 4.64 -12.48 -3.71
N GLY D 255 5.73 -13.17 -4.07
CA GLY D 255 5.62 -14.57 -4.45
C GLY D 255 5.19 -15.46 -3.30
N MET D 256 5.80 -15.26 -2.13
CA MET D 256 5.49 -16.08 -0.96
C MET D 256 4.34 -15.45 -0.17
N ALA D 257 3.19 -15.40 -0.83
CA ALA D 257 1.96 -14.90 -0.20
C ALA D 257 1.46 -15.83 0.89
N PHE D 258 2.00 -17.04 1.00
CA PHE D 258 1.62 -17.95 2.07
C PHE D 258 1.93 -17.37 3.45
N ASN D 259 2.98 -16.56 3.56
CA ASN D 259 3.39 -16.00 4.84
C ASN D 259 2.49 -14.81 5.17
N PRO D 260 1.72 -14.85 6.26
CA PRO D 260 0.93 -13.66 6.63
C PRO D 260 1.77 -12.52 7.15
N ASP D 261 2.99 -12.78 7.61
CA ASP D 261 3.87 -11.75 8.12
C ASP D 261 4.83 -11.32 7.01
N PRO D 262 4.74 -10.09 6.52
CA PRO D 262 5.65 -9.64 5.46
C PRO D 262 7.02 -9.20 5.95
N LYS D 263 7.30 -9.28 7.25
CA LYS D 263 8.54 -8.77 7.83
C LYS D 263 9.44 -9.92 8.25
N LYS D 264 10.71 -9.85 7.90
CA LYS D 264 11.70 -10.85 8.24
C LYS D 264 12.89 -10.19 8.92
N PRO D 265 13.61 -10.91 9.77
CA PRO D 265 14.75 -10.31 10.48
C PRO D 265 15.91 -10.01 9.54
N ILE D 266 16.76 -9.07 9.97
CA ILE D 266 17.93 -8.65 9.22
C ILE D 266 19.09 -9.58 9.55
N GLY D 267 20.09 -9.63 8.67
CA GLY D 267 21.24 -10.49 8.82
C GLY D 267 21.21 -11.72 7.94
N GLY D 268 20.04 -12.05 7.39
CA GLY D 268 19.93 -13.20 6.51
C GLY D 268 20.23 -14.50 7.22
N ASN D 269 20.82 -15.42 6.46
CA ASN D 269 21.08 -16.75 6.99
C ASN D 269 22.20 -16.75 8.02
N ILE D 270 23.13 -15.80 7.96
CA ILE D 270 24.15 -15.70 9.00
C ILE D 270 23.51 -15.45 10.35
N MET D 271 22.65 -14.44 10.42
CA MET D 271 21.92 -14.16 11.65
C MET D 271 21.01 -15.33 12.02
N ALA D 272 20.39 -15.93 11.02
CA ALA D 272 19.42 -16.99 11.26
C ALA D 272 20.08 -18.22 11.90
N HIS D 273 21.22 -18.64 11.37
CA HIS D 273 21.88 -19.84 11.87
C HIS D 273 22.79 -19.59 13.06
N SER D 274 23.30 -18.36 13.23
CA SER D 274 24.16 -18.10 14.38
C SER D 274 23.37 -18.01 15.68
N SER D 275 22.11 -17.62 15.60
CA SER D 275 21.28 -17.48 16.79
C SER D 275 20.73 -18.85 17.21
N THR D 276 20.92 -19.19 18.49
CA THR D 276 20.37 -20.44 19.00
C THR D 276 18.85 -20.39 19.10
N THR D 277 18.32 -19.30 19.66
CA THR D 277 16.88 -19.13 19.84
C THR D 277 16.45 -17.80 19.25
N ARG D 278 15.43 -17.82 18.42
CA ARG D 278 14.90 -16.63 17.77
C ARG D 278 13.47 -16.40 18.23
N LEU D 279 13.18 -15.20 18.72
CA LEU D 279 11.85 -14.83 19.18
C LEU D 279 11.32 -13.68 18.34
N GLY D 280 10.13 -13.86 17.79
CA GLY D 280 9.47 -12.83 17.00
C GLY D 280 8.49 -12.06 17.84
N PHE D 281 8.63 -10.73 17.83
CA PHE D 281 7.83 -9.84 18.65
C PHE D 281 6.86 -9.07 17.78
N LYS D 282 5.60 -9.03 18.20
CA LYS D 282 4.55 -8.32 17.47
C LYS D 282 3.76 -7.45 18.43
N LYS D 283 3.08 -6.45 17.87
CA LYS D 283 2.32 -5.51 18.68
C LYS D 283 0.97 -6.09 19.04
N GLY D 284 0.61 -5.99 20.31
CA GLY D 284 -0.70 -6.36 20.80
C GLY D 284 -1.62 -5.17 20.95
N LYS D 285 -2.58 -5.28 21.86
CA LYS D 285 -3.50 -4.18 22.15
C LYS D 285 -2.90 -3.31 23.24
N GLY D 286 -2.40 -2.13 22.87
CA GLY D 286 -1.78 -1.25 23.82
C GLY D 286 -0.47 -1.78 24.35
N CYS D 287 -0.41 -2.04 25.66
CA CYS D 287 0.80 -2.59 26.27
C CYS D 287 1.05 -4.04 25.91
N GLN D 288 0.07 -4.74 25.35
CA GLN D 288 0.23 -6.14 25.01
C GLN D 288 1.29 -6.31 23.92
N ARG D 289 2.07 -7.37 24.03
CA ARG D 289 3.06 -7.72 23.02
C ARG D 289 3.05 -9.24 22.82
N LEU D 290 3.13 -9.67 21.58
CA LEU D 290 3.11 -11.08 21.23
C LEU D 290 4.52 -11.56 20.91
N CYS D 291 4.96 -12.60 21.62
CA CYS D 291 6.26 -13.21 21.39
C CYS D 291 6.07 -14.60 20.81
N LYS D 292 6.76 -14.88 19.71
CA LYS D 292 6.63 -16.15 19.01
C LYS D 292 8.01 -16.78 18.85
N VAL D 293 8.14 -18.03 19.29
CA VAL D 293 9.40 -18.76 19.14
C VAL D 293 9.51 -19.24 17.70
N VAL D 294 10.33 -18.57 16.91
CA VAL D 294 10.49 -18.93 15.50
C VAL D 294 11.48 -20.07 15.33
N ASP D 295 12.66 -19.99 15.96
CA ASP D 295 13.67 -21.03 15.89
C ASP D 295 14.15 -21.35 17.29
N SER D 296 14.19 -22.64 17.62
CA SER D 296 14.72 -23.10 18.90
C SER D 296 14.97 -24.61 18.82
N PRO D 297 16.15 -25.09 19.22
CA PRO D 297 16.43 -26.52 19.13
C PRO D 297 15.56 -27.39 20.03
N CYS D 298 14.97 -26.82 21.08
CA CYS D 298 14.19 -27.61 22.01
C CYS D 298 12.78 -27.05 22.21
N LEU D 299 12.64 -25.74 22.18
CA LEU D 299 11.35 -25.12 22.47
C LEU D 299 10.43 -25.25 21.26
N PRO D 300 9.21 -25.76 21.44
CA PRO D 300 8.27 -25.83 20.32
C PRO D 300 7.83 -24.45 19.87
N GLU D 301 7.41 -24.37 18.60
CA GLU D 301 6.96 -23.11 18.02
C GLU D 301 5.61 -22.74 18.63
N ALA D 302 5.64 -21.83 19.61
CA ALA D 302 4.44 -21.41 20.32
C ALA D 302 4.45 -19.90 20.47
N GLU D 303 3.28 -19.35 20.73
CA GLU D 303 3.09 -17.91 20.88
C GLU D 303 2.49 -17.60 22.24
N CYS D 304 3.04 -16.59 22.91
CA CYS D 304 2.54 -16.13 24.19
C CYS D 304 2.39 -14.61 24.16
N VAL D 305 1.60 -14.10 25.09
CA VAL D 305 1.30 -12.68 25.19
C VAL D 305 1.91 -12.13 26.47
N PHE D 306 2.70 -11.07 26.35
CA PHE D 306 3.28 -10.37 27.48
C PHE D 306 3.07 -8.87 27.30
N ALA D 307 3.32 -8.12 28.37
CA ALA D 307 3.06 -6.69 28.37
C ALA D 307 4.26 -5.92 28.92
N ILE D 308 4.33 -4.65 28.55
CA ILE D 308 5.39 -3.74 28.99
C ILE D 308 4.76 -2.72 29.92
N TYR D 309 5.32 -2.60 31.12
CA TYR D 309 4.85 -1.65 32.12
C TYR D 309 6.01 -0.74 32.54
N GLU D 310 5.69 0.25 33.39
CA GLU D 310 6.70 1.19 33.84
C GLU D 310 7.80 0.49 34.63
N ASP D 311 7.48 -0.61 35.29
CA ASP D 311 8.45 -1.36 36.08
C ASP D 311 9.11 -2.48 35.28
N GLY D 312 8.90 -2.52 33.97
CA GLY D 312 9.55 -3.48 33.11
C GLY D 312 8.57 -4.44 32.46
N VAL D 313 9.12 -5.49 31.86
CA VAL D 313 8.31 -6.51 31.19
C VAL D 313 7.63 -7.37 32.25
N GLY D 314 6.32 -7.55 32.10
CA GLY D 314 5.55 -8.35 33.01
C GLY D 314 4.40 -9.02 32.29
N ASP D 315 3.70 -9.89 33.03
CA ASP D 315 2.56 -10.58 32.47
C ASP D 315 1.41 -9.59 32.22
N PRO D 316 0.60 -9.84 31.20
CA PRO D 316 -0.55 -8.95 30.94
C PRO D 316 -1.52 -8.96 32.12
N ARG D 317 -2.08 -7.80 32.39
CA ARG D 317 -3.01 -7.63 33.51
C ARG D 317 -4.45 -7.79 33.04
N GLU D 318 -5.33 -8.09 34.00
CA GLU D 318 -6.74 -8.30 33.67
C GLU D 318 -7.37 -7.04 33.11
N GLU D 319 -7.06 -5.88 33.68
CA GLU D 319 -7.58 -4.62 33.15
C GLU D 319 -7.06 -4.31 31.76
N ASP D 320 -5.91 -4.87 31.38
CA ASP D 320 -5.37 -4.68 30.04
C ASP D 320 -5.92 -5.68 29.04
N GLU D 321 -6.73 -6.64 29.49
CA GLU D 321 -7.31 -7.64 28.60
C GLU D 321 -8.66 -7.18 28.06
N VAL E 2 -10.05 13.62 -36.88
CA VAL E 2 -9.39 12.98 -38.02
C VAL E 2 -9.53 11.46 -37.92
N PRO E 3 -9.65 10.80 -39.07
CA PRO E 3 -9.82 9.34 -39.06
C PRO E 3 -8.59 8.64 -38.49
N ILE E 4 -8.83 7.49 -37.86
CA ILE E 4 -7.75 6.70 -37.29
C ILE E 4 -6.89 6.05 -38.37
N GLU E 5 -7.40 5.98 -39.60
CA GLU E 5 -6.64 5.36 -40.68
C GLU E 5 -5.37 6.13 -41.02
N LYS E 6 -5.29 7.41 -40.65
CA LYS E 6 -4.09 8.19 -40.89
C LYS E 6 -2.90 7.74 -40.05
N LEU E 7 -3.13 6.88 -39.05
CA LEU E 7 -2.05 6.37 -38.23
C LEU E 7 -1.26 5.26 -38.90
N GLN E 8 -1.70 4.79 -40.07
CA GLN E 8 -1.00 3.72 -40.79
C GLN E 8 0.25 4.26 -41.50
N VAL E 9 1.15 4.82 -40.70
CA VAL E 9 2.39 5.39 -41.20
C VAL E 9 3.53 4.95 -40.30
N ASN E 10 4.75 5.08 -40.84
CA ASN E 10 5.98 4.75 -40.11
C ASN E 10 5.96 3.30 -39.60
N GLY E 11 5.48 2.39 -40.45
CA GLY E 11 5.48 0.98 -40.14
C GLY E 11 4.27 0.48 -39.39
N ILE E 12 3.29 1.33 -39.09
CA ILE E 12 2.07 0.90 -38.42
C ILE E 12 1.15 0.25 -39.45
N THR E 13 0.77 -0.99 -39.20
CA THR E 13 0.03 -1.78 -40.17
C THR E 13 -1.48 -1.66 -39.95
N MET E 14 -2.24 -2.19 -40.92
CA MET E 14 -3.69 -2.20 -40.82
C MET E 14 -4.17 -3.05 -39.66
N ALA E 15 -3.40 -4.08 -39.29
CA ALA E 15 -3.77 -4.92 -38.16
C ALA E 15 -3.77 -4.11 -36.86
N ASP E 16 -2.82 -3.18 -36.71
CA ASP E 16 -2.80 -2.32 -35.53
C ASP E 16 -4.07 -1.48 -35.44
N VAL E 17 -4.49 -0.89 -36.56
CA VAL E 17 -5.69 -0.07 -36.57
C VAL E 17 -6.93 -0.94 -36.29
N LYS E 18 -6.95 -2.16 -36.83
CA LYS E 18 -8.07 -3.06 -36.55
C LYS E 18 -8.14 -3.40 -35.07
N LYS E 19 -7.00 -3.69 -34.45
CA LYS E 19 -6.98 -3.98 -33.02
C LYS E 19 -7.41 -2.76 -32.20
N LEU E 20 -6.97 -1.57 -32.60
CA LEU E 20 -7.40 -0.35 -31.91
C LEU E 20 -8.90 -0.15 -32.03
N ARG E 21 -9.45 -0.38 -33.22
CA ARG E 21 -10.89 -0.23 -33.42
C ARG E 21 -11.66 -1.25 -32.58
N GLU E 22 -11.15 -2.48 -32.51
CA GLU E 22 -11.80 -3.49 -31.66
C GLU E 22 -11.72 -3.12 -30.18
N SER E 23 -10.80 -2.25 -29.80
CA SER E 23 -10.64 -1.82 -28.42
C SER E 23 -11.44 -0.55 -28.11
N GLY E 24 -12.21 -0.04 -29.06
CA GLY E 24 -13.00 1.15 -28.85
C GLY E 24 -12.39 2.44 -29.36
N LEU E 25 -11.13 2.43 -29.77
CA LEU E 25 -10.45 3.60 -30.31
C LEU E 25 -10.70 3.64 -31.81
N HIS E 26 -11.50 4.59 -32.26
CA HIS E 26 -11.89 4.67 -33.67
C HIS E 26 -11.38 5.92 -34.36
N THR E 27 -10.72 6.82 -33.64
CA THR E 27 -10.16 8.04 -34.21
C THR E 27 -8.75 8.24 -33.70
N ALA E 28 -7.95 9.00 -34.48
CA ALA E 28 -6.61 9.34 -34.03
C ALA E 28 -6.64 10.17 -32.76
N GLU E 29 -7.70 10.97 -32.57
CA GLU E 29 -7.88 11.69 -31.32
C GLU E 29 -8.03 10.73 -30.15
N ALA E 30 -8.75 9.62 -30.37
CA ALA E 30 -8.90 8.63 -29.30
C ALA E 30 -7.55 8.03 -28.92
N VAL E 31 -6.70 7.74 -29.90
CA VAL E 31 -5.38 7.21 -29.61
C VAL E 31 -4.53 8.24 -28.88
N ALA E 32 -4.60 9.51 -29.31
CA ALA E 32 -3.83 10.56 -28.66
C ALA E 32 -4.26 10.73 -27.20
N TYR E 33 -5.57 10.73 -26.94
CA TYR E 33 -6.06 10.94 -25.59
C TYR E 33 -5.85 9.72 -24.70
N ALA E 34 -5.78 8.52 -25.29
CA ALA E 34 -5.59 7.32 -24.49
C ALA E 34 -4.22 7.32 -23.84
N PRO E 35 -4.13 6.96 -22.56
CA PRO E 35 -2.82 6.94 -21.88
C PRO E 35 -1.99 5.76 -22.35
N ARG E 36 -0.74 5.74 -21.85
CA ARG E 36 0.19 4.68 -22.21
C ARG E 36 -0.30 3.31 -21.75
N LYS E 37 -0.79 3.24 -20.50
CA LYS E 37 -1.25 1.96 -19.96
C LYS E 37 -2.47 1.44 -20.70
N ASP E 38 -3.37 2.32 -21.12
CA ASP E 38 -4.53 1.89 -21.89
C ASP E 38 -4.11 1.28 -23.22
N LEU E 39 -3.14 1.90 -23.90
CA LEU E 39 -2.63 1.33 -25.15
C LEU E 39 -1.93 0.01 -24.91
N LEU E 40 -1.18 -0.10 -23.81
CA LEU E 40 -0.47 -1.35 -23.51
C LEU E 40 -1.42 -2.51 -23.22
N GLU E 41 -2.64 -2.23 -22.79
CA GLU E 41 -3.59 -3.30 -22.47
C GLU E 41 -4.16 -3.95 -23.72
N ILE E 42 -3.99 -3.36 -24.89
CA ILE E 42 -4.50 -3.93 -26.13
C ILE E 42 -3.53 -4.99 -26.62
N LYS E 43 -4.05 -6.19 -26.88
CA LYS E 43 -3.22 -7.28 -27.36
C LYS E 43 -2.69 -6.98 -28.75
N GLY E 44 -1.46 -7.43 -29.02
CA GLY E 44 -0.82 -7.19 -30.29
C GLY E 44 -0.10 -5.87 -30.41
N ILE E 45 -0.03 -5.08 -29.34
CA ILE E 45 0.64 -3.78 -29.36
C ILE E 45 1.78 -3.84 -28.35
N SER E 46 2.98 -3.52 -28.81
CA SER E 46 4.17 -3.57 -27.97
C SER E 46 4.49 -2.19 -27.40
N GLU E 47 5.54 -2.15 -26.57
CA GLU E 47 5.99 -0.90 -25.98
C GLU E 47 6.40 0.11 -27.06
N ALA E 48 7.30 -0.30 -27.96
CA ALA E 48 7.73 0.59 -29.02
C ALA E 48 6.58 0.94 -29.96
N LYS E 49 5.72 -0.03 -30.26
CA LYS E 49 4.58 0.22 -31.13
C LYS E 49 3.62 1.23 -30.51
N ALA E 50 3.33 1.08 -29.21
CA ALA E 50 2.47 2.03 -28.53
C ALA E 50 3.09 3.42 -28.48
N ASP E 51 4.39 3.50 -28.21
CA ASP E 51 5.06 4.80 -28.20
C ASP E 51 4.99 5.46 -29.58
N LYS E 52 5.24 4.69 -30.63
CA LYS E 52 5.19 5.22 -31.99
C LYS E 52 3.78 5.71 -32.33
N LEU E 53 2.76 4.94 -31.92
CA LEU E 53 1.39 5.38 -32.11
C LEU E 53 1.14 6.70 -31.39
N LEU E 54 1.69 6.84 -30.18
CA LEU E 54 1.51 8.08 -29.43
C LEU E 54 2.16 9.26 -30.15
N ASN E 55 3.38 9.08 -30.68
CA ASN E 55 4.02 10.18 -31.40
C ASN E 55 3.24 10.53 -32.67
N GLU E 56 2.77 9.52 -33.40
CA GLU E 56 2.00 9.80 -34.61
C GLU E 56 0.72 10.54 -34.29
N ALA E 57 0.02 10.13 -33.23
CA ALA E 57 -1.21 10.82 -32.84
C ALA E 57 -0.93 12.25 -32.39
N ALA E 58 0.17 12.45 -31.65
CA ALA E 58 0.54 13.81 -31.26
C ALA E 58 0.87 14.68 -32.47
N ARG E 59 1.52 14.10 -33.48
CA ARG E 59 1.74 14.85 -34.72
C ARG E 59 0.43 15.20 -35.40
N LEU E 60 -0.50 14.25 -35.47
CA LEU E 60 -1.77 14.51 -36.15
C LEU E 60 -2.70 15.38 -35.31
N VAL E 61 -2.78 15.12 -34.01
CA VAL E 61 -3.68 15.84 -33.11
C VAL E 61 -2.85 16.80 -32.27
N PRO E 62 -3.08 18.11 -32.38
CA PRO E 62 -2.29 19.08 -31.60
C PRO E 62 -2.55 18.90 -30.11
N MET E 63 -1.50 18.52 -29.37
CA MET E 63 -1.60 18.26 -27.94
C MET E 63 -0.81 19.27 -27.11
N GLY E 64 -0.04 20.15 -27.73
CA GLY E 64 0.79 21.09 -27.01
C GLY E 64 0.00 22.29 -26.52
N PHE E 65 0.74 23.31 -26.10
CA PHE E 65 0.12 24.52 -25.58
C PHE E 65 -0.38 25.40 -26.73
N VAL E 66 -1.28 26.31 -26.39
CA VAL E 66 -1.85 27.25 -27.34
C VAL E 66 -2.30 28.49 -26.58
N THR E 67 -2.20 29.64 -27.23
CA THR E 67 -2.63 30.89 -26.60
C THR E 67 -4.13 30.89 -26.34
N ALA E 68 -4.54 31.62 -25.31
CA ALA E 68 -5.96 31.66 -24.96
C ALA E 68 -6.78 32.36 -26.03
N ALA E 69 -6.17 33.24 -26.83
CA ALA E 69 -6.89 33.89 -27.91
C ALA E 69 -7.33 32.88 -28.98
N ASP E 70 -6.45 31.96 -29.33
CA ASP E 70 -6.80 30.94 -30.33
C ASP E 70 -7.91 30.03 -29.82
N PHE E 71 -7.84 29.63 -28.55
CA PHE E 71 -8.91 28.81 -27.98
C PHE E 71 -10.21 29.59 -27.90
N HIS E 72 -10.13 30.89 -27.60
CA HIS E 72 -11.33 31.72 -27.60
C HIS E 72 -11.96 31.79 -28.98
N MET E 73 -11.15 31.94 -30.02
CA MET E 73 -11.68 31.94 -31.38
C MET E 73 -12.30 30.60 -31.72
N ARG E 74 -11.65 29.50 -31.34
CA ARG E 74 -12.19 28.17 -31.63
C ARG E 74 -13.51 27.94 -30.92
N ARG E 75 -13.64 28.42 -29.68
CA ARG E 75 -14.91 28.32 -28.98
C ARG E 75 -15.95 29.27 -29.57
N SER E 76 -15.52 30.40 -30.13
CA SER E 76 -16.45 31.29 -30.80
C SER E 76 -17.03 30.66 -32.05
N GLU E 77 -16.22 29.91 -32.79
CA GLU E 77 -16.70 29.20 -33.96
C GLU E 77 -17.34 27.86 -33.60
N LEU E 78 -17.44 27.53 -32.32
CA LEU E 78 -18.07 26.29 -31.90
C LEU E 78 -19.58 26.35 -32.12
N ILE E 79 -20.20 25.19 -32.26
CA ILE E 79 -21.62 25.10 -32.55
C ILE E 79 -22.39 24.89 -31.24
N CYS E 80 -23.48 25.64 -31.08
CA CYS E 80 -24.38 25.48 -29.94
C CYS E 80 -25.74 25.03 -30.45
N LEU E 81 -26.28 23.97 -29.84
CA LEU E 81 -27.54 23.39 -30.28
C LEU E 81 -28.70 24.10 -29.57
N THR E 82 -29.64 24.62 -30.36
CA THR E 82 -30.81 25.26 -29.78
C THR E 82 -31.71 24.22 -29.12
N THR E 83 -32.35 24.62 -28.03
CA THR E 83 -33.25 23.74 -27.29
C THR E 83 -34.71 23.94 -27.68
N GLY E 84 -34.99 24.79 -28.67
CA GLY E 84 -36.35 25.08 -29.06
C GLY E 84 -37.05 26.11 -28.19
N SER E 85 -36.38 26.61 -27.15
CA SER E 85 -36.94 27.63 -26.27
C SER E 85 -35.98 28.81 -26.22
N LYS E 86 -36.49 30.00 -26.54
CA LYS E 86 -35.64 31.19 -26.51
C LYS E 86 -35.15 31.49 -25.10
N ASN E 87 -36.00 31.30 -24.10
CA ASN E 87 -35.59 31.52 -22.72
C ASN E 87 -34.46 30.57 -22.32
N LEU E 88 -34.59 29.29 -22.68
CA LEU E 88 -33.56 28.32 -22.33
C LEU E 88 -32.26 28.60 -23.09
N ASP E 89 -32.36 28.99 -24.36
CA ASP E 89 -31.17 29.35 -25.13
C ASP E 89 -30.47 30.55 -24.52
N THR E 90 -31.24 31.56 -24.11
CA THR E 90 -30.65 32.73 -23.45
C THR E 90 -29.99 32.34 -22.13
N LEU E 91 -30.63 31.45 -21.37
CA LEU E 91 -30.04 30.99 -20.12
C LEU E 91 -28.72 30.26 -20.37
N LEU E 92 -28.66 29.45 -21.43
CA LEU E 92 -27.47 28.69 -21.76
C LEU E 92 -26.49 29.47 -22.62
N GLY E 93 -26.76 30.73 -22.91
CA GLY E 93 -25.88 31.53 -23.74
C GLY E 93 -25.77 31.06 -25.17
N GLY E 94 -26.89 30.72 -25.80
CA GLY E 94 -26.91 30.29 -27.18
C GLY E 94 -27.43 28.88 -27.39
N GLY E 95 -27.59 28.08 -26.33
CA GLY E 95 -28.08 26.74 -26.42
C GLY E 95 -27.11 25.76 -25.79
N VAL E 96 -27.32 24.47 -26.07
CA VAL E 96 -26.46 23.44 -25.52
C VAL E 96 -25.11 23.48 -26.24
N GLU E 97 -24.04 23.60 -25.48
CA GLU E 97 -22.69 23.69 -26.04
C GLU E 97 -22.21 22.32 -26.49
N THR E 98 -21.70 22.24 -27.71
CA THR E 98 -21.10 21.01 -28.20
C THR E 98 -19.71 20.83 -27.61
N GLY E 99 -19.29 19.57 -27.51
CA GLY E 99 -18.00 19.25 -26.96
C GLY E 99 -17.91 19.26 -25.45
N SER E 100 -19.02 19.50 -24.76
CA SER E 100 -19.05 19.51 -23.30
C SER E 100 -20.25 18.72 -22.82
N ILE E 101 -20.12 18.16 -21.62
CA ILE E 101 -21.18 17.34 -21.03
C ILE E 101 -22.15 18.26 -20.30
N THR E 102 -23.40 18.25 -20.75
CA THR E 102 -24.47 19.02 -20.11
C THR E 102 -25.37 18.05 -19.35
N GLU E 103 -25.54 18.30 -18.06
CA GLU E 103 -26.31 17.41 -17.19
C GLU E 103 -27.65 18.07 -16.86
N LEU E 104 -28.73 17.32 -17.07
CA LEU E 104 -30.08 17.78 -16.75
C LEU E 104 -30.60 16.93 -15.60
N PHE E 105 -30.52 17.47 -14.39
CA PHE E 105 -30.99 16.78 -13.20
C PHE E 105 -32.24 17.47 -12.67
N GLY E 106 -33.20 16.69 -12.22
CA GLY E 106 -34.44 17.24 -11.71
C GLY E 106 -35.40 16.14 -11.31
N GLU E 107 -36.55 16.58 -10.80
CA GLU E 107 -37.58 15.65 -10.37
C GLU E 107 -38.22 14.96 -11.57
N PHE E 108 -39.19 14.09 -11.30
CA PHE E 108 -39.95 13.44 -12.35
C PHE E 108 -40.83 14.46 -13.06
N ARG E 109 -41.20 14.13 -14.31
CA ARG E 109 -41.91 15.02 -15.23
C ARG E 109 -41.43 16.48 -15.14
N THR E 110 -40.12 16.67 -15.04
CA THR E 110 -39.53 18.00 -15.08
C THR E 110 -39.08 18.42 -16.47
N GLY E 111 -39.21 17.54 -17.46
CA GLY E 111 -38.87 17.88 -18.83
C GLY E 111 -37.51 17.45 -19.30
N LYS E 112 -36.76 16.67 -18.51
CA LYS E 112 -35.43 16.25 -18.94
C LYS E 112 -35.50 15.38 -20.19
N SER E 113 -36.37 14.37 -20.17
CA SER E 113 -36.52 13.50 -21.34
C SER E 113 -37.11 14.28 -22.52
N GLN E 114 -38.08 15.16 -22.26
CA GLN E 114 -38.66 15.96 -23.33
C GLN E 114 -37.63 16.91 -23.93
N LEU E 115 -36.81 17.52 -23.08
CA LEU E 115 -35.75 18.39 -23.59
C LEU E 115 -34.73 17.59 -24.40
N CYS E 116 -34.44 16.36 -23.96
CA CYS E 116 -33.52 15.51 -24.72
C CYS E 116 -34.11 15.15 -26.08
N HIS E 117 -35.41 14.86 -26.14
CA HIS E 117 -36.04 14.60 -27.42
C HIS E 117 -36.00 15.83 -28.33
N THR E 118 -36.26 17.01 -27.76
CA THR E 118 -36.18 18.24 -28.54
C THR E 118 -34.77 18.47 -29.08
N LEU E 119 -33.76 18.23 -28.24
CA LEU E 119 -32.38 18.37 -28.68
C LEU E 119 -32.05 17.33 -29.75
N ALA E 120 -32.56 16.12 -29.62
CA ALA E 120 -32.36 15.09 -30.63
C ALA E 120 -32.93 15.49 -31.97
N VAL E 121 -34.09 16.13 -31.98
CA VAL E 121 -34.64 16.64 -33.24
C VAL E 121 -33.84 17.82 -33.76
N THR E 122 -33.48 18.77 -32.89
CA THR E 122 -32.82 19.99 -33.34
C THR E 122 -31.37 19.77 -33.72
N CYS E 123 -30.77 18.63 -33.37
CA CYS E 123 -29.41 18.36 -33.81
C CYS E 123 -29.32 18.11 -35.30
N GLN E 124 -30.46 17.94 -35.98
CA GLN E 124 -30.47 17.67 -37.42
C GLN E 124 -30.86 18.87 -38.26
N ILE E 125 -31.53 19.86 -37.67
CA ILE E 125 -31.97 21.05 -38.41
C ILE E 125 -30.73 21.85 -38.79
N PRO E 126 -30.81 22.71 -39.81
CA PRO E 126 -29.60 23.43 -40.27
C PRO E 126 -29.00 24.30 -39.19
N LEU E 127 -27.72 24.64 -39.40
CA LEU E 127 -26.96 25.40 -38.41
C LEU E 127 -27.54 26.79 -38.20
N ASP E 128 -28.02 27.43 -39.27
CA ASP E 128 -28.46 28.81 -39.19
C ASP E 128 -29.63 29.00 -38.23
N ILE E 129 -30.37 27.94 -37.91
CA ILE E 129 -31.47 28.04 -36.96
C ILE E 129 -31.08 27.34 -35.67
N GLY E 130 -29.79 27.30 -35.37
CA GLY E 130 -29.30 26.75 -34.14
C GLY E 130 -29.12 25.24 -34.10
N GLY E 131 -29.14 24.58 -35.26
CA GLY E 131 -29.02 23.14 -35.32
C GLY E 131 -27.58 22.67 -35.29
N GLY E 132 -27.41 21.38 -35.59
CA GLY E 132 -26.10 20.78 -35.61
C GLY E 132 -25.78 20.09 -36.92
N GLU E 133 -26.80 19.87 -37.75
CA GLU E 133 -26.64 19.21 -39.04
C GLU E 133 -25.95 17.86 -38.90
N GLY E 134 -26.34 17.12 -37.87
CA GLY E 134 -25.76 15.81 -37.63
C GLY E 134 -26.77 14.86 -37.03
N LYS E 135 -26.43 13.58 -37.07
CA LYS E 135 -27.30 12.56 -36.50
C LYS E 135 -27.24 12.58 -34.98
N CYS E 136 -28.34 12.17 -34.35
CA CYS E 136 -28.40 12.04 -32.90
C CYS E 136 -28.03 10.64 -32.47
N LEU E 137 -27.65 10.52 -31.21
CA LEU E 137 -27.27 9.23 -30.61
C LEU E 137 -27.91 9.18 -29.23
N TYR E 138 -29.08 8.53 -29.15
CA TYR E 138 -29.87 8.49 -27.93
C TYR E 138 -29.63 7.16 -27.22
N ILE E 139 -29.07 7.22 -26.02
CA ILE E 139 -28.90 6.06 -25.16
C ILE E 139 -29.91 6.16 -24.03
N ASP E 140 -30.86 5.24 -24.00
CA ASP E 140 -31.96 5.26 -23.04
C ASP E 140 -31.77 4.12 -22.05
N THR E 141 -31.79 4.46 -20.77
CA THR E 141 -31.63 3.46 -19.71
C THR E 141 -32.89 3.24 -18.90
N GLU E 142 -33.91 4.07 -19.06
CA GLU E 142 -35.16 3.93 -18.33
C GLU E 142 -36.30 3.42 -19.21
N GLY E 143 -36.08 3.25 -20.51
CA GLY E 143 -37.15 2.84 -21.39
C GLY E 143 -38.17 3.92 -21.67
N THR E 144 -37.80 5.18 -21.48
CA THR E 144 -38.72 6.30 -21.64
C THR E 144 -38.61 6.98 -23.00
N PHE E 145 -37.82 6.44 -23.91
CA PHE E 145 -37.72 7.01 -25.24
C PHE E 145 -39.03 6.83 -26.01
N ARG E 146 -39.43 7.87 -26.74
CA ARG E 146 -40.70 7.87 -27.47
C ARG E 146 -40.49 8.53 -28.83
N PRO E 147 -40.42 7.74 -29.90
CA PRO E 147 -40.26 8.33 -31.24
C PRO E 147 -41.40 9.22 -31.67
N VAL E 148 -42.59 9.08 -31.07
CA VAL E 148 -43.70 9.96 -31.39
C VAL E 148 -43.35 11.40 -31.05
N ARG E 149 -42.64 11.60 -29.94
CA ARG E 149 -42.17 12.94 -29.59
C ARG E 149 -41.24 13.48 -30.66
N LEU E 150 -40.33 12.65 -31.16
CA LEU E 150 -39.42 13.09 -32.22
C LEU E 150 -40.19 13.47 -33.48
N VAL E 151 -41.21 12.68 -33.83
CA VAL E 151 -42.01 12.98 -35.01
C VAL E 151 -42.73 14.32 -34.84
N SER E 152 -43.31 14.54 -33.66
CA SER E 152 -44.02 15.79 -33.40
C SER E 152 -43.07 16.99 -33.46
N ILE E 153 -41.89 16.87 -32.86
CA ILE E 153 -40.95 17.99 -32.86
C ILE E 153 -40.43 18.25 -34.27
N ALA E 154 -40.22 17.18 -35.05
CA ALA E 154 -39.82 17.36 -36.44
C ALA E 154 -40.91 18.07 -37.23
N GLN E 155 -42.18 17.75 -36.95
CA GLN E 155 -43.27 18.52 -37.54
C GLN E 155 -43.21 19.99 -37.13
N ARG E 156 -42.85 20.25 -35.87
CA ARG E 156 -42.69 21.63 -35.43
C ARG E 156 -41.57 22.34 -36.19
N PHE E 157 -40.44 21.65 -36.38
CA PHE E 157 -39.28 22.25 -37.02
C PHE E 157 -39.22 22.00 -38.52
N GLY E 158 -40.23 21.35 -39.09
CA GLY E 158 -40.31 21.17 -40.53
C GLY E 158 -39.51 20.02 -41.10
N LEU E 159 -38.82 19.24 -40.26
CA LEU E 159 -38.07 18.10 -40.75
C LEU E 159 -39.01 16.98 -41.18
N ASP E 160 -38.54 16.15 -42.10
CA ASP E 160 -39.28 14.98 -42.53
C ASP E 160 -39.27 13.95 -41.40
N PRO E 161 -40.43 13.46 -40.96
CA PRO E 161 -40.42 12.47 -39.87
C PRO E 161 -39.60 11.23 -40.17
N ASP E 162 -39.64 10.74 -41.41
CA ASP E 162 -38.80 9.60 -41.79
C ASP E 162 -37.33 9.96 -41.69
N ASP E 163 -36.94 11.14 -42.21
CA ASP E 163 -35.56 11.58 -42.09
C ASP E 163 -35.16 11.81 -40.65
N ALA E 164 -36.06 12.39 -39.85
CA ALA E 164 -35.77 12.66 -38.45
C ALA E 164 -35.54 11.36 -37.68
N LEU E 165 -36.38 10.35 -37.92
CA LEU E 165 -36.23 9.08 -37.21
C LEU E 165 -35.01 8.30 -37.70
N ASN E 166 -34.75 8.35 -39.01
CA ASN E 166 -33.60 7.63 -39.57
C ASN E 166 -32.27 8.20 -39.12
N ASN E 167 -32.26 9.45 -38.64
CA ASN E 167 -31.03 10.11 -38.21
C ASN E 167 -30.83 10.07 -36.70
N VAL E 168 -31.65 9.32 -35.97
CA VAL E 168 -31.52 9.16 -34.54
C VAL E 168 -31.10 7.73 -34.25
N ALA E 169 -29.90 7.57 -33.67
CA ALA E 169 -29.39 6.25 -33.32
C ALA E 169 -29.84 5.90 -31.91
N TYR E 170 -30.66 4.85 -31.79
CA TYR E 170 -31.21 4.43 -30.51
C TYR E 170 -30.57 3.13 -30.06
N ALA E 171 -30.26 3.06 -28.76
CA ALA E 171 -29.79 1.83 -28.14
C ALA E 171 -30.16 1.91 -26.66
N ARG E 172 -30.88 0.90 -26.17
CA ARG E 172 -31.31 0.87 -24.78
C ARG E 172 -30.32 0.07 -23.95
N ALA E 173 -29.86 0.67 -22.86
CA ALA E 173 -28.92 0.01 -21.95
C ALA E 173 -29.69 -0.71 -20.87
N TYR E 174 -29.31 -1.96 -20.61
CA TYR E 174 -29.98 -2.78 -19.61
C TYR E 174 -29.18 -2.98 -18.33
N ASN E 175 -27.88 -2.70 -18.36
CA ASN E 175 -27.05 -2.77 -17.17
C ASN E 175 -25.91 -1.76 -17.33
N ALA E 176 -25.20 -1.52 -16.23
CA ALA E 176 -24.11 -0.56 -16.25
C ALA E 176 -23.01 -0.99 -17.22
N ASP E 177 -22.68 -2.28 -17.22
CA ASP E 177 -21.67 -2.78 -18.15
C ASP E 177 -22.12 -2.61 -19.59
N HIS E 178 -23.39 -2.92 -19.88
CA HIS E 178 -23.90 -2.69 -21.23
C HIS E 178 -23.94 -1.21 -21.58
N GLN E 179 -24.27 -0.37 -20.59
CA GLN E 179 -24.28 1.07 -20.83
C GLN E 179 -22.90 1.58 -21.20
N LEU E 180 -21.86 1.11 -20.50
CA LEU E 180 -20.50 1.50 -20.85
C LEU E 180 -20.08 0.92 -22.20
N ARG E 181 -20.47 -0.33 -22.49
CA ARG E 181 -20.09 -0.95 -23.75
C ARG E 181 -20.75 -0.28 -24.94
N LEU E 182 -21.93 0.31 -24.75
CA LEU E 182 -22.60 1.00 -25.84
C LEU E 182 -21.77 2.17 -26.38
N LEU E 183 -20.89 2.74 -25.56
CA LEU E 183 -20.08 3.87 -26.02
C LEU E 183 -19.07 3.45 -27.08
N ASP E 184 -18.61 2.19 -27.05
CA ASP E 184 -17.72 1.71 -28.11
C ASP E 184 -18.44 1.68 -29.45
N ALA E 185 -19.68 1.17 -29.48
CA ALA E 185 -20.47 1.19 -30.70
C ALA E 185 -20.80 2.62 -31.11
N ALA E 186 -21.02 3.49 -30.13
CA ALA E 186 -21.25 4.90 -30.42
C ALA E 186 -20.05 5.51 -31.14
N ALA E 187 -18.85 5.26 -30.63
CA ALA E 187 -17.64 5.77 -31.27
C ALA E 187 -17.46 5.18 -32.65
N GLN E 188 -17.75 3.88 -32.82
CA GLN E 188 -17.65 3.26 -34.13
C GLN E 188 -18.60 3.91 -35.12
N MET E 189 -19.84 4.19 -34.71
CA MET E 189 -20.80 4.82 -35.60
C MET E 189 -20.39 6.26 -35.92
N MET E 190 -19.85 6.99 -34.94
CA MET E 190 -19.45 8.36 -35.19
C MET E 190 -18.21 8.44 -36.07
N SER E 191 -17.35 7.43 -36.03
CA SER E 191 -16.16 7.43 -36.87
C SER E 191 -16.49 7.29 -38.34
N GLU E 192 -17.69 6.79 -38.67
CA GLU E 192 -18.10 6.61 -40.06
C GLU E 192 -19.21 7.54 -40.52
N SER E 193 -19.93 8.18 -39.60
CA SER E 193 -20.97 9.14 -39.95
C SER E 193 -20.92 10.30 -38.97
N ARG E 194 -21.31 11.48 -39.46
CA ARG E 194 -21.25 12.69 -38.64
C ARG E 194 -22.41 12.70 -37.66
N PHE E 195 -22.09 12.73 -36.36
CA PHE E 195 -23.07 12.89 -35.30
C PHE E 195 -22.88 14.25 -34.64
N SER E 196 -23.91 14.71 -33.93
CA SER E 196 -23.86 16.01 -33.28
C SER E 196 -24.43 16.03 -31.87
N LEU E 197 -24.89 14.90 -31.33
CA LEU E 197 -25.48 14.89 -30.00
C LEU E 197 -25.46 13.48 -29.43
N ILE E 198 -25.05 13.37 -28.16
CA ILE E 198 -25.12 12.13 -27.40
C ILE E 198 -26.05 12.36 -26.22
N VAL E 199 -27.04 11.47 -26.07
CA VAL E 199 -27.99 11.55 -24.97
C VAL E 199 -27.94 10.26 -24.17
N VAL E 200 -27.75 10.38 -22.86
CA VAL E 200 -27.76 9.25 -21.95
C VAL E 200 -28.85 9.54 -20.92
N ASP E 201 -30.02 8.92 -21.09
CA ASP E 201 -31.18 9.16 -20.24
C ASP E 201 -31.65 7.82 -19.68
N SER E 202 -31.30 7.53 -18.43
CA SER E 202 -30.46 8.41 -17.64
C SER E 202 -29.18 7.69 -17.25
N VAL E 203 -28.17 8.45 -16.82
CA VAL E 203 -26.87 7.87 -16.51
C VAL E 203 -26.97 7.00 -15.26
N MET E 204 -27.61 7.49 -14.22
CA MET E 204 -27.56 6.87 -12.89
C MET E 204 -28.72 5.93 -12.62
N ALA E 205 -29.65 5.76 -13.57
CA ALA E 205 -30.77 4.84 -13.34
C ALA E 205 -30.27 3.41 -13.19
N LEU E 206 -29.37 2.98 -14.07
CA LEU E 206 -28.85 1.63 -14.01
C LEU E 206 -27.82 1.44 -12.89
N TYR E 207 -27.01 2.46 -12.63
CA TYR E 207 -25.99 2.37 -11.58
C TYR E 207 -26.58 2.26 -10.19
N ARG E 208 -27.79 2.81 -9.98
CA ARG E 208 -28.42 2.71 -8.66
C ARG E 208 -28.66 1.26 -8.27
N THR E 209 -29.18 0.46 -9.20
CA THR E 209 -29.57 -0.91 -8.90
C THR E 209 -28.50 -1.94 -9.21
N ASP E 210 -27.63 -1.68 -10.21
CA ASP E 210 -26.57 -2.63 -10.52
C ASP E 210 -25.61 -2.79 -9.36
N PHE E 211 -25.25 -1.68 -8.70
CA PHE E 211 -24.40 -1.70 -7.52
C PHE E 211 -25.25 -1.35 -6.31
N SER E 212 -25.35 -2.27 -5.36
CA SER E 212 -26.19 -2.09 -4.18
C SER E 212 -25.36 -2.20 -2.92
N GLY E 213 -25.76 -1.44 -1.91
CA GLY E 213 -25.11 -1.47 -0.61
C GLY E 213 -23.94 -0.52 -0.52
N ARG E 214 -23.47 -0.33 0.71
CA ARG E 214 -22.33 0.55 0.97
C ARG E 214 -21.03 -0.03 0.42
N GLY E 215 -20.88 -1.35 0.45
CA GLY E 215 -19.64 -1.96 0.01
C GLY E 215 -19.37 -1.76 -1.48
N GLU E 216 -20.42 -1.77 -2.29
CA GLU E 216 -20.28 -1.63 -3.74
C GLU E 216 -20.32 -0.18 -4.20
N LEU E 217 -20.40 0.78 -3.28
CA LEU E 217 -20.46 2.19 -3.67
C LEU E 217 -19.18 2.63 -4.37
N SER E 218 -18.03 2.21 -3.86
CA SER E 218 -16.76 2.61 -4.47
C SER E 218 -16.65 2.10 -5.89
N ALA E 219 -17.02 0.83 -6.12
CA ALA E 219 -17.00 0.29 -7.47
C ALA E 219 -18.02 0.99 -8.36
N ARG E 220 -19.19 1.32 -7.80
CA ARG E 220 -20.21 2.04 -8.57
C ARG E 220 -19.67 3.37 -9.06
N GLN E 221 -19.06 4.15 -8.16
CA GLN E 221 -18.56 5.47 -8.54
C GLN E 221 -17.34 5.37 -9.44
N MET E 222 -16.52 4.33 -9.29
CA MET E 222 -15.40 4.13 -10.21
C MET E 222 -15.90 3.83 -11.62
N HIS E 223 -16.89 2.94 -11.74
CA HIS E 223 -17.48 2.66 -13.04
C HIS E 223 -18.15 3.89 -13.63
N LEU E 224 -18.81 4.68 -12.78
CA LEU E 224 -19.43 5.92 -13.23
C LEU E 224 -18.39 6.91 -13.73
N ALA E 225 -17.26 7.01 -13.02
CA ALA E 225 -16.17 7.88 -13.46
C ALA E 225 -15.63 7.42 -14.80
N LYS E 226 -15.47 6.11 -14.99
CA LYS E 226 -15.02 5.60 -16.28
C LYS E 226 -16.01 5.95 -17.39
N PHE E 227 -17.31 5.79 -17.10
CA PHE E 227 -18.33 6.12 -18.09
C PHE E 227 -18.31 7.59 -18.47
N MET E 228 -18.20 8.48 -17.47
CA MET E 228 -18.17 9.90 -17.77
C MET E 228 -16.86 10.31 -18.46
N ARG E 229 -15.76 9.66 -18.13
CA ARG E 229 -14.51 9.89 -18.85
C ARG E 229 -14.64 9.49 -20.31
N ALA E 230 -15.30 8.36 -20.57
CA ALA E 230 -15.51 7.94 -21.95
C ALA E 230 -16.43 8.91 -22.68
N LEU E 231 -17.45 9.43 -22.00
CA LEU E 231 -18.32 10.43 -22.61
C LEU E 231 -17.54 11.70 -22.95
N GLN E 232 -16.67 12.14 -22.04
CA GLN E 232 -15.85 13.33 -22.30
C GLN E 232 -14.90 13.08 -23.45
N ARG E 233 -14.33 11.87 -23.53
CA ARG E 233 -13.46 11.52 -24.65
C ARG E 233 -14.22 11.56 -25.96
N LEU E 234 -15.46 11.05 -25.98
CA LEU E 234 -16.27 11.10 -27.19
C LEU E 234 -16.55 12.55 -27.59
N ALA E 235 -16.89 13.39 -26.61
CA ALA E 235 -17.15 14.79 -26.90
C ALA E 235 -15.92 15.49 -27.46
N ASP E 236 -14.75 15.20 -26.90
CA ASP E 236 -13.51 15.79 -27.41
C ASP E 236 -13.21 15.30 -28.82
N GLN E 237 -13.41 14.00 -29.07
CA GLN E 237 -13.08 13.44 -30.37
C GLN E 237 -13.98 13.99 -31.46
N PHE E 238 -15.29 13.94 -31.25
CA PHE E 238 -16.24 14.25 -32.31
C PHE E 238 -16.87 15.63 -32.18
N GLY E 239 -16.54 16.39 -31.15
CA GLY E 239 -17.11 17.71 -30.99
C GLY E 239 -18.61 17.73 -30.84
N VAL E 240 -19.17 16.73 -30.20
CA VAL E 240 -20.63 16.58 -30.08
C VAL E 240 -21.06 17.02 -28.70
N ALA E 241 -22.26 17.57 -28.61
CA ALA E 241 -22.83 17.91 -27.31
C ALA E 241 -23.29 16.64 -26.60
N VAL E 242 -22.87 16.48 -25.36
CA VAL E 242 -23.26 15.35 -24.53
C VAL E 242 -24.28 15.83 -23.53
N VAL E 243 -25.54 15.44 -23.74
CA VAL E 243 -26.64 15.83 -22.86
C VAL E 243 -27.06 14.60 -22.08
N VAL E 244 -26.85 14.63 -20.76
CA VAL E 244 -27.13 13.51 -19.88
C VAL E 244 -28.15 13.94 -18.85
N THR E 245 -29.10 13.07 -18.55
CA THR E 245 -30.08 13.31 -17.50
C THR E 245 -29.70 12.53 -16.25
N ASN E 246 -29.92 13.13 -15.09
CA ASN E 246 -29.66 12.51 -13.81
C ASN E 246 -30.89 12.62 -12.93
N GLN E 247 -31.25 11.52 -12.30
CA GLN E 247 -32.36 11.55 -11.37
C GLN E 247 -31.92 12.22 -10.06
N VAL E 248 -32.89 12.54 -9.22
CA VAL E 248 -32.63 13.25 -7.98
C VAL E 248 -33.05 12.38 -6.81
N VAL E 249 -32.46 12.66 -5.65
CA VAL E 249 -32.79 11.99 -4.40
C VAL E 249 -33.04 13.03 -3.34
N ALA E 250 -34.04 12.79 -2.49
CA ALA E 250 -34.38 13.73 -1.43
C ALA E 250 -33.42 13.54 -0.26
N GLN E 251 -32.55 14.53 -0.05
CA GLN E 251 -31.58 14.45 1.03
C GLN E 251 -32.28 14.48 2.38
N VAL E 252 -31.82 13.64 3.31
CA VAL E 252 -32.48 13.50 4.60
C VAL E 252 -31.88 14.42 5.67
N ASP E 253 -30.68 14.95 5.45
CA ASP E 253 -30.02 15.79 6.45
C ASP E 253 -30.69 17.15 6.48
N GLY E 254 -31.53 17.38 7.48
CA GLY E 254 -32.21 18.65 7.64
C GLY E 254 -31.43 19.74 8.31
N GLY E 255 -30.20 19.45 8.76
CA GLY E 255 -29.39 20.48 9.38
C GLY E 255 -29.01 21.59 8.43
N MET E 256 -28.73 21.24 7.18
CA MET E 256 -28.38 22.22 6.13
C MET E 256 -29.62 22.83 5.49
N ALA E 257 -30.53 23.33 6.35
CA ALA E 257 -31.81 23.86 5.92
C ALA E 257 -31.67 25.14 5.11
N PHE E 258 -30.48 25.76 5.06
CA PHE E 258 -30.30 26.98 4.28
C PHE E 258 -30.60 26.77 2.80
N ASN E 259 -30.50 25.54 2.31
CA ASN E 259 -30.85 25.25 0.92
C ASN E 259 -32.34 24.95 0.83
N PRO E 260 -33.13 25.76 0.11
CA PRO E 260 -34.56 25.47 0.00
C PRO E 260 -34.89 24.21 -0.76
N ASP E 261 -33.96 23.68 -1.56
CA ASP E 261 -34.21 22.50 -2.36
C ASP E 261 -33.79 21.26 -1.59
N PRO E 262 -34.71 20.37 -1.22
CA PRO E 262 -34.34 19.14 -0.51
C PRO E 262 -33.92 17.98 -1.39
N LYS E 263 -33.80 18.20 -2.70
CA LYS E 263 -33.48 17.13 -3.64
C LYS E 263 -32.15 17.44 -4.33
N LYS E 264 -31.28 16.45 -4.41
CA LYS E 264 -29.97 16.59 -5.01
C LYS E 264 -29.74 15.51 -6.04
N PRO E 265 -28.93 15.77 -7.07
CA PRO E 265 -28.71 14.77 -8.12
C PRO E 265 -27.92 13.58 -7.64
N ILE E 266 -28.11 12.46 -8.35
CA ILE E 266 -27.44 11.20 -8.04
C ILE E 266 -26.01 11.30 -8.55
N GLY E 267 -25.13 10.41 -8.09
CA GLY E 267 -23.77 10.34 -8.54
C GLY E 267 -22.77 11.03 -7.63
N GLY E 268 -23.25 11.91 -6.76
CA GLY E 268 -22.38 12.59 -5.83
C GLY E 268 -21.36 13.46 -6.54
N ASN E 269 -20.15 13.46 -5.98
CA ASN E 269 -19.10 14.34 -6.49
C ASN E 269 -18.62 13.92 -7.87
N ILE E 270 -18.71 12.63 -8.21
CA ILE E 270 -18.29 12.19 -9.53
C ILE E 270 -19.13 12.87 -10.62
N MET E 271 -20.45 12.81 -10.47
CA MET E 271 -21.32 13.52 -11.42
C MET E 271 -21.21 15.03 -11.26
N ALA E 272 -20.97 15.50 -10.03
CA ALA E 272 -20.86 16.94 -9.81
C ALA E 272 -19.69 17.54 -10.59
N HIS E 273 -18.55 16.85 -10.60
CA HIS E 273 -17.34 17.36 -11.22
C HIS E 273 -17.22 16.96 -12.69
N SER E 274 -17.74 15.80 -13.07
CA SER E 274 -17.61 15.35 -14.46
C SER E 274 -18.44 16.19 -15.41
N SER E 275 -19.63 16.61 -15.00
CA SER E 275 -20.51 17.37 -15.86
C SER E 275 -20.01 18.81 -15.99
N THR E 276 -19.82 19.27 -17.23
CA THR E 276 -19.41 20.64 -17.46
C THR E 276 -20.50 21.62 -17.05
N THR E 277 -21.75 21.34 -17.44
CA THR E 277 -22.89 22.19 -17.12
C THR E 277 -23.98 21.33 -16.51
N ARG E 278 -24.51 21.78 -15.37
CA ARG E 278 -25.60 21.11 -14.68
C ARG E 278 -26.80 22.03 -14.61
N LEU E 279 -27.97 21.51 -15.01
CA LEU E 279 -29.20 22.28 -15.00
C LEU E 279 -30.21 21.61 -14.09
N GLY E 280 -30.76 22.37 -13.15
CA GLY E 280 -31.78 21.88 -12.25
C GLY E 280 -33.16 22.21 -12.78
N PHE E 281 -34.02 21.18 -12.86
CA PHE E 281 -35.34 21.31 -13.45
C PHE E 281 -36.41 21.16 -12.38
N LYS E 282 -37.37 22.09 -12.38
CA LYS E 282 -38.52 22.06 -11.49
C LYS E 282 -39.77 22.38 -12.30
N LYS E 283 -40.91 21.91 -11.80
CA LYS E 283 -42.19 22.12 -12.48
C LYS E 283 -42.80 23.44 -12.05
N GLY E 284 -43.28 24.21 -13.02
CA GLY E 284 -44.00 25.44 -12.79
C GLY E 284 -45.50 25.22 -12.86
N LYS E 285 -46.21 26.25 -13.32
CA LYS E 285 -47.66 26.18 -13.45
C LYS E 285 -48.02 25.41 -14.72
N GLY E 286 -48.65 24.25 -14.55
CA GLY E 286 -49.06 23.46 -15.70
C GLY E 286 -47.85 22.94 -16.47
N CYS E 287 -47.87 23.17 -17.79
CA CYS E 287 -46.80 22.68 -18.66
C CYS E 287 -45.50 23.43 -18.45
N GLN E 288 -45.51 24.56 -17.73
CA GLN E 288 -44.29 25.33 -17.54
C GLN E 288 -43.32 24.59 -16.61
N ARG E 289 -42.03 24.75 -16.89
CA ARG E 289 -40.97 24.15 -16.10
C ARG E 289 -39.90 25.20 -15.82
N LEU E 290 -39.26 25.07 -14.67
CA LEU E 290 -38.20 25.98 -14.24
C LEU E 290 -36.85 25.30 -14.39
N CYS E 291 -35.94 25.95 -15.11
CA CYS E 291 -34.58 25.46 -15.31
C CYS E 291 -33.59 26.40 -14.64
N LYS E 292 -32.68 25.84 -13.85
CA LYS E 292 -31.71 26.62 -13.09
C LYS E 292 -30.32 26.10 -13.38
N VAL E 293 -29.41 27.01 -13.71
CA VAL E 293 -28.01 26.65 -13.94
C VAL E 293 -27.33 26.51 -12.58
N VAL E 294 -27.06 25.27 -12.18
CA VAL E 294 -26.40 25.01 -10.91
C VAL E 294 -24.89 25.11 -11.02
N ASP E 295 -24.31 24.47 -12.04
CA ASP E 295 -22.87 24.50 -12.26
C ASP E 295 -22.61 24.86 -13.71
N SER E 296 -21.72 25.82 -13.94
CA SER E 296 -21.29 26.20 -15.27
C SER E 296 -20.01 27.02 -15.18
N PRO E 297 -18.96 26.67 -15.93
CA PRO E 297 -17.72 27.45 -15.86
C PRO E 297 -17.86 28.88 -16.37
N CYS E 298 -18.88 29.18 -17.18
CA CYS E 298 -19.06 30.51 -17.74
C CYS E 298 -20.46 31.08 -17.61
N LEU E 299 -21.48 30.25 -17.36
CA LEU E 299 -22.81 30.84 -17.29
C LEU E 299 -23.15 31.22 -15.85
N PRO E 300 -23.70 32.41 -15.64
CA PRO E 300 -24.10 32.81 -14.28
C PRO E 300 -25.27 31.98 -13.79
N GLU E 301 -25.34 31.83 -12.46
CA GLU E 301 -26.41 31.06 -11.82
C GLU E 301 -27.72 31.83 -11.95
N ALA E 302 -28.54 31.44 -12.92
CA ALA E 302 -29.81 32.11 -13.17
C ALA E 302 -30.88 31.07 -13.49
N GLU E 303 -32.13 31.50 -13.44
CA GLU E 303 -33.27 30.64 -13.69
C GLU E 303 -34.12 31.20 -14.83
N CYS E 304 -34.67 30.31 -15.64
CA CYS E 304 -35.61 30.69 -16.69
C CYS E 304 -36.79 29.73 -16.67
N VAL E 305 -37.91 30.19 -17.21
CA VAL E 305 -39.14 29.41 -17.27
C VAL E 305 -39.37 28.96 -18.71
N PHE E 306 -39.52 27.65 -18.90
CA PHE E 306 -39.86 27.08 -20.19
C PHE E 306 -41.00 26.10 -20.01
N ALA E 307 -41.64 25.73 -21.12
CA ALA E 307 -42.81 24.89 -21.09
C ALA E 307 -42.65 23.71 -22.05
N ILE E 308 -43.38 22.64 -21.76
CA ILE E 308 -43.39 21.43 -22.58
C ILE E 308 -44.73 21.39 -23.31
N TYR E 309 -44.67 21.28 -24.63
CA TYR E 309 -45.85 21.20 -25.47
C TYR E 309 -45.80 19.95 -26.33
N GLU E 310 -46.92 19.69 -27.02
CA GLU E 310 -47.01 18.48 -27.84
C GLU E 310 -45.99 18.49 -28.97
N ASP E 311 -45.58 19.68 -29.43
CA ASP E 311 -44.61 19.80 -30.50
C ASP E 311 -43.18 19.91 -29.99
N GLY E 312 -42.96 19.82 -28.69
CA GLY E 312 -41.64 19.83 -28.11
C GLY E 312 -41.48 20.92 -27.07
N VAL E 313 -40.23 21.11 -26.65
CA VAL E 313 -39.90 22.12 -25.65
C VAL E 313 -39.90 23.49 -26.30
N GLY E 314 -40.63 24.43 -25.70
CA GLY E 314 -40.70 25.78 -26.21
C GLY E 314 -40.92 26.76 -25.09
N ASP E 315 -40.91 28.04 -25.45
CA ASP E 315 -41.14 29.10 -24.47
C ASP E 315 -42.58 29.06 -23.98
N PRO E 316 -42.82 29.45 -22.72
CA PRO E 316 -44.21 29.50 -22.23
C PRO E 316 -45.04 30.49 -23.03
N ARG E 317 -46.30 30.13 -23.24
CA ARG E 317 -47.21 30.95 -24.02
C ARG E 317 -47.91 31.97 -23.13
N GLU E 318 -48.42 33.02 -23.75
CA GLU E 318 -49.11 34.08 -23.01
C GLU E 318 -50.41 33.56 -22.39
N GLU E 319 -51.03 32.56 -23.02
CA GLU E 319 -52.24 31.97 -22.46
C GLU E 319 -51.96 31.19 -21.17
N ASP E 320 -50.75 30.67 -21.01
CA ASP E 320 -50.36 29.96 -19.80
C ASP E 320 -49.87 30.90 -18.70
N GLU E 321 -49.78 32.20 -18.98
CA GLU E 321 -49.30 33.16 -17.99
C GLU E 321 -50.46 33.72 -17.18
N PHE F 1 33.55 -54.90 11.15
CA PHE F 1 34.85 -54.47 10.67
C PHE F 1 35.96 -55.36 11.21
N VAL F 2 37.14 -55.27 10.60
CA VAL F 2 38.30 -56.07 11.00
C VAL F 2 39.12 -55.23 11.98
N PRO F 3 39.34 -55.69 13.21
CA PRO F 3 40.16 -54.92 14.15
C PRO F 3 41.59 -54.77 13.66
N ILE F 4 42.20 -53.64 14.01
CA ILE F 4 43.57 -53.36 13.59
C ILE F 4 44.56 -54.30 14.27
N GLU F 5 44.19 -54.92 15.39
CA GLU F 5 45.09 -55.82 16.09
C GLU F 5 45.41 -57.06 15.27
N LYS F 6 44.57 -57.40 14.29
CA LYS F 6 44.82 -58.56 13.44
C LYS F 6 45.99 -58.36 12.50
N LEU F 7 46.52 -57.14 12.38
CA LEU F 7 47.65 -56.86 11.51
C LEU F 7 48.99 -57.28 12.11
N GLN F 8 49.00 -57.71 13.38
CA GLN F 8 50.25 -58.08 14.05
C GLN F 8 50.72 -59.47 13.61
N VAL F 9 51.01 -59.57 12.30
CA VAL F 9 51.50 -60.79 11.70
C VAL F 9 52.66 -60.46 10.79
N ASN F 10 53.47 -61.49 10.49
CA ASN F 10 54.61 -61.38 9.59
C ASN F 10 55.59 -60.30 10.05
N GLY F 11 55.91 -60.33 11.34
CA GLY F 11 56.90 -59.44 11.90
C GLY F 11 56.39 -58.07 12.32
N ILE F 12 55.09 -57.82 12.19
CA ILE F 12 54.52 -56.53 12.60
C ILE F 12 54.30 -56.57 14.11
N THR F 13 54.88 -55.62 14.82
CA THR F 13 54.88 -55.61 16.28
C THR F 13 53.71 -54.79 16.83
N MET F 14 53.52 -54.89 18.14
CA MET F 14 52.47 -54.14 18.81
C MET F 14 52.74 -52.64 18.76
N ALA F 15 54.01 -52.24 18.74
CA ALA F 15 54.35 -50.81 18.69
C ALA F 15 53.84 -50.19 17.39
N ASP F 16 53.89 -50.94 16.29
CA ASP F 16 53.39 -50.41 15.02
C ASP F 16 51.89 -50.13 15.10
N VAL F 17 51.13 -51.06 15.70
CA VAL F 17 49.70 -50.85 15.85
C VAL F 17 49.42 -49.69 16.81
N LYS F 18 50.25 -49.55 17.84
CA LYS F 18 50.09 -48.43 18.77
C LYS F 18 50.30 -47.10 18.05
N LYS F 19 51.34 -47.02 17.21
CA LYS F 19 51.59 -45.81 16.44
C LYS F 19 50.46 -45.55 15.46
N LEU F 20 49.94 -46.61 14.83
CA LEU F 20 48.83 -46.45 13.90
C LEU F 20 47.60 -45.90 14.62
N ARG F 21 47.31 -46.40 15.82
CA ARG F 21 46.19 -45.89 16.59
C ARG F 21 46.43 -44.44 17.00
N GLU F 22 47.66 -44.10 17.38
CA GLU F 22 48.00 -42.73 17.70
C GLU F 22 47.89 -41.81 16.49
N SER F 23 47.99 -42.36 15.28
CA SER F 23 47.86 -41.59 14.05
C SER F 23 46.42 -41.52 13.55
N GLY F 24 45.47 -42.04 14.31
CA GLY F 24 44.07 -42.01 13.91
C GLY F 24 43.57 -43.23 13.19
N LEU F 25 44.44 -44.19 12.87
CA LEU F 25 44.05 -45.43 12.22
C LEU F 25 43.79 -46.48 13.29
N HIS F 26 42.52 -46.84 13.48
CA HIS F 26 42.13 -47.76 14.54
C HIS F 26 41.60 -49.09 14.03
N THR F 27 41.44 -49.26 12.73
CA THR F 27 40.94 -50.49 12.16
C THR F 27 41.80 -50.91 10.98
N ALA F 28 41.74 -52.21 10.66
CA ALA F 28 42.44 -52.70 9.48
C ALA F 28 41.89 -52.07 8.21
N GLU F 29 40.60 -51.78 8.18
CA GLU F 29 40.02 -51.06 7.03
C GLU F 29 40.64 -49.68 6.89
N ALA F 30 40.90 -49.00 8.01
CA ALA F 30 41.55 -47.70 7.95
C ALA F 30 42.93 -47.80 7.32
N VAL F 31 43.69 -48.83 7.68
CA VAL F 31 45.01 -49.02 7.08
C VAL F 31 44.89 -49.34 5.60
N ALA F 32 43.91 -50.17 5.23
CA ALA F 32 43.72 -50.52 3.83
C ALA F 32 43.38 -49.30 2.99
N TYR F 33 42.49 -48.44 3.48
CA TYR F 33 42.10 -47.26 2.74
C TYR F 33 43.14 -46.14 2.82
N ALA F 34 44.04 -46.20 3.80
CA ALA F 34 45.05 -45.16 3.93
C ALA F 34 46.07 -45.27 2.81
N PRO F 35 46.38 -44.20 2.11
CA PRO F 35 47.42 -44.25 1.07
C PRO F 35 48.79 -44.45 1.69
N ARG F 36 49.72 -44.93 0.85
CA ARG F 36 51.06 -45.23 1.31
C ARG F 36 51.77 -43.99 1.84
N LYS F 37 51.51 -42.83 1.24
CA LYS F 37 52.15 -41.61 1.71
C LYS F 37 51.72 -41.26 3.14
N ASP F 38 50.44 -41.50 3.47
CA ASP F 38 49.97 -41.25 4.82
C ASP F 38 50.66 -42.17 5.82
N LEU F 39 50.85 -43.43 5.46
CA LEU F 39 51.59 -44.35 6.34
C LEU F 39 53.04 -43.91 6.50
N LEU F 40 53.65 -43.42 5.41
CA LEU F 40 55.03 -42.96 5.50
C LEU F 40 55.17 -41.73 6.39
N GLU F 41 54.11 -40.91 6.47
CA GLU F 41 54.16 -39.73 7.33
C GLU F 41 54.15 -40.09 8.81
N ILE F 42 53.80 -41.32 9.15
CA ILE F 42 53.77 -41.75 10.55
C ILE F 42 55.17 -42.11 10.99
N LYS F 43 55.61 -41.52 12.11
CA LYS F 43 56.94 -41.78 12.61
C LYS F 43 57.09 -43.23 13.06
N GLY F 44 58.29 -43.76 12.89
CA GLY F 44 58.59 -45.13 13.29
C GLY F 44 58.17 -46.19 12.30
N ILE F 45 57.65 -45.82 11.14
CA ILE F 45 57.23 -46.77 10.11
C ILE F 45 58.12 -46.57 8.89
N SER F 46 58.83 -47.62 8.50
CA SER F 46 59.67 -47.57 7.31
C SER F 46 58.86 -47.93 6.07
N GLU F 47 59.49 -47.75 4.90
CA GLU F 47 58.82 -48.06 3.64
C GLU F 47 58.47 -49.53 3.56
N ALA F 48 59.40 -50.41 3.93
CA ALA F 48 59.13 -51.84 3.92
C ALA F 48 58.00 -52.19 4.88
N LYS F 49 58.03 -51.61 6.09
CA LYS F 49 56.96 -51.84 7.04
C LYS F 49 55.63 -51.30 6.53
N ALA F 50 55.64 -50.13 5.89
CA ALA F 50 54.42 -49.56 5.37
C ALA F 50 53.81 -50.44 4.28
N ASP F 51 54.63 -50.92 3.35
CA ASP F 51 54.08 -51.78 2.30
C ASP F 51 53.65 -53.13 2.85
N LYS F 52 54.35 -53.66 3.84
CA LYS F 52 53.92 -54.90 4.46
C LYS F 52 52.56 -54.73 5.14
N LEU F 53 52.37 -53.61 5.85
CA LEU F 53 51.06 -53.32 6.43
C LEU F 53 49.99 -53.18 5.36
N LEU F 54 50.33 -52.55 4.24
CA LEU F 54 49.37 -52.40 3.15
C LEU F 54 48.96 -53.77 2.59
N ASN F 55 49.93 -54.66 2.39
CA ASN F 55 49.61 -55.99 1.88
C ASN F 55 48.78 -56.78 2.88
N GLU F 56 49.11 -56.68 4.18
CA GLU F 56 48.32 -57.39 5.18
C GLU F 56 46.88 -56.88 5.22
N ALA F 57 46.71 -55.55 5.14
CA ALA F 57 45.35 -55.00 5.09
C ALA F 57 44.63 -55.46 3.82
N ALA F 58 45.35 -55.53 2.70
CA ALA F 58 44.73 -55.98 1.46
C ALA F 58 44.25 -57.43 1.55
N ARG F 59 45.05 -58.31 2.16
CA ARG F 59 44.61 -59.69 2.31
C ARG F 59 43.59 -59.87 3.42
N LEU F 60 43.47 -58.90 4.33
CA LEU F 60 42.42 -58.95 5.35
C LEU F 60 41.17 -58.21 4.92
N VAL F 61 41.31 -57.04 4.32
CA VAL F 61 40.19 -56.23 3.82
C VAL F 61 40.19 -56.33 2.30
N PRO F 62 39.13 -56.85 1.68
CA PRO F 62 39.12 -57.01 0.22
C PRO F 62 39.19 -55.65 -0.49
N MET F 63 40.07 -55.56 -1.48
CA MET F 63 40.27 -54.33 -2.24
C MET F 63 40.12 -54.53 -3.75
N GLY F 64 39.91 -55.76 -4.21
CA GLY F 64 39.83 -56.05 -5.62
C GLY F 64 38.44 -55.82 -6.18
N PHE F 65 38.23 -56.32 -7.39
CA PHE F 65 36.96 -56.15 -8.09
C PHE F 65 35.95 -57.18 -7.63
N VAL F 66 34.69 -56.77 -7.59
CA VAL F 66 33.57 -57.65 -7.25
C VAL F 66 32.47 -57.44 -8.29
N THR F 67 31.76 -58.51 -8.60
CA THR F 67 30.68 -58.42 -9.57
C THR F 67 29.55 -57.53 -9.05
N ALA F 68 28.85 -56.88 -9.99
CA ALA F 68 27.75 -56.00 -9.62
C ALA F 68 26.66 -56.74 -8.88
N ALA F 69 26.44 -58.03 -9.21
CA ALA F 69 25.46 -58.83 -8.50
C ALA F 69 25.86 -59.00 -7.03
N ASP F 70 27.14 -59.25 -6.77
CA ASP F 70 27.61 -59.39 -5.39
C ASP F 70 27.43 -58.09 -4.62
N PHE F 71 27.75 -56.96 -5.24
CA PHE F 71 27.57 -55.67 -4.58
C PHE F 71 26.10 -55.39 -4.30
N HIS F 72 25.22 -55.74 -5.25
CA HIS F 72 23.78 -55.57 -5.02
C HIS F 72 23.31 -56.46 -3.87
N MET F 73 23.80 -57.69 -3.81
CA MET F 73 23.43 -58.58 -2.70
C MET F 73 23.91 -58.02 -1.38
N ARG F 74 25.12 -57.48 -1.34
CA ARG F 74 25.64 -56.87 -0.11
C ARG F 74 24.82 -55.66 0.29
N ARG F 75 24.43 -54.82 -0.67
CA ARG F 75 23.62 -53.64 -0.37
C ARG F 75 22.20 -54.00 0.01
N SER F 76 21.70 -55.17 -0.40
CA SER F 76 20.35 -55.57 -0.05
C SER F 76 20.18 -55.72 1.47
N GLU F 77 21.18 -56.29 2.13
CA GLU F 77 21.14 -56.48 3.58
C GLU F 77 21.67 -55.27 4.34
N LEU F 78 22.05 -54.20 3.65
CA LEU F 78 22.54 -53.01 4.32
C LEU F 78 21.44 -52.38 5.17
N ILE F 79 21.82 -51.90 6.34
CA ILE F 79 20.87 -51.35 7.30
C ILE F 79 20.53 -49.91 6.93
N CYS F 80 19.24 -49.59 6.96
CA CYS F 80 18.76 -48.23 6.73
C CYS F 80 18.08 -47.73 8.01
N LEU F 81 18.52 -46.58 8.51
CA LEU F 81 17.98 -46.04 9.75
C LEU F 81 16.68 -45.31 9.47
N THR F 82 15.61 -45.71 10.16
CA THR F 82 14.34 -45.03 10.01
C THR F 82 14.41 -43.62 10.58
N THR F 83 13.76 -42.69 9.89
CA THR F 83 13.74 -41.30 10.31
C THR F 83 12.55 -40.94 11.18
N GLY F 84 11.71 -41.92 11.53
CA GLY F 84 10.53 -41.67 12.32
C GLY F 84 9.33 -41.17 11.54
N SER F 85 9.46 -40.97 10.24
CA SER F 85 8.36 -40.53 9.39
C SER F 85 8.24 -41.48 8.20
N LYS F 86 7.02 -41.97 7.98
CA LYS F 86 6.80 -42.89 6.85
C LYS F 86 7.03 -42.19 5.53
N ASN F 87 6.61 -40.93 5.40
CA ASN F 87 6.83 -40.18 4.17
C ASN F 87 8.32 -40.00 3.89
N LEU F 88 9.09 -39.66 4.93
CA LEU F 88 10.52 -39.47 4.74
C LEU F 88 11.23 -40.79 4.41
N ASP F 89 10.82 -41.87 5.07
CA ASP F 89 11.40 -43.17 4.77
C ASP F 89 11.08 -43.60 3.34
N THR F 90 9.85 -43.36 2.89
CA THR F 90 9.49 -43.66 1.51
C THR F 90 10.29 -42.81 0.53
N LEU F 91 10.50 -41.54 0.86
CA LEU F 91 11.31 -40.68 0.00
C LEU F 91 12.74 -41.17 -0.09
N LEU F 92 13.31 -41.63 1.03
CA LEU F 92 14.68 -42.12 1.08
C LEU F 92 14.78 -43.60 0.73
N GLY F 93 13.67 -44.26 0.41
CA GLY F 93 13.71 -45.67 0.07
C GLY F 93 14.09 -46.58 1.22
N GLY F 94 13.54 -46.33 2.41
CA GLY F 94 13.82 -47.13 3.58
C GLY F 94 14.48 -46.38 4.72
N GLY F 95 14.76 -45.09 4.55
CA GLY F 95 15.39 -44.33 5.61
C GLY F 95 16.80 -43.89 5.26
N VAL F 96 17.56 -43.45 6.26
CA VAL F 96 18.92 -43.00 6.04
C VAL F 96 19.82 -44.22 5.81
N GLU F 97 20.51 -44.24 4.68
CA GLU F 97 21.35 -45.36 4.32
C GLU F 97 22.66 -45.32 5.10
N THR F 98 23.02 -46.45 5.71
CA THR F 98 24.29 -46.55 6.41
C THR F 98 25.44 -46.69 5.42
N GLY F 99 26.63 -46.29 5.86
CA GLY F 99 27.81 -46.36 5.03
C GLY F 99 27.96 -45.26 4.01
N SER F 100 27.05 -44.29 4.00
CA SER F 100 27.10 -43.18 3.06
C SER F 100 26.81 -41.88 3.79
N ILE F 101 27.34 -40.78 3.26
CA ILE F 101 27.17 -39.47 3.85
C ILE F 101 25.87 -38.86 3.33
N THR F 102 24.95 -38.57 4.25
CA THR F 102 23.68 -37.94 3.93
C THR F 102 23.71 -36.50 4.41
N GLU F 103 23.46 -35.56 3.50
CA GLU F 103 23.54 -34.14 3.81
C GLU F 103 22.13 -33.56 3.91
N LEU F 104 21.87 -32.85 5.00
CA LEU F 104 20.58 -32.18 5.24
C LEU F 104 20.83 -30.67 5.24
N PHE F 105 20.59 -30.03 4.10
CA PHE F 105 20.76 -28.59 3.98
C PHE F 105 19.39 -27.93 3.87
N GLY F 106 19.26 -26.75 4.44
CA GLY F 106 18.00 -26.03 4.37
C GLY F 106 18.01 -24.81 5.24
N GLU F 107 16.90 -24.07 5.16
CA GLU F 107 16.73 -22.86 5.93
C GLU F 107 16.64 -23.19 7.43
N PHE F 108 16.58 -22.16 8.25
CA PHE F 108 16.50 -22.33 9.69
C PHE F 108 15.11 -22.85 10.08
N ARG F 109 15.03 -23.42 11.29
CA ARG F 109 13.89 -24.18 11.81
C ARG F 109 13.25 -25.11 10.78
N THR F 110 14.05 -25.67 9.88
CA THR F 110 13.53 -26.61 8.89
C THR F 110 13.58 -28.06 9.35
N GLY F 111 14.10 -28.31 10.55
CA GLY F 111 14.08 -29.65 11.11
C GLY F 111 15.34 -30.47 10.95
N LYS F 112 16.44 -29.86 10.46
CA LYS F 112 17.68 -30.62 10.31
C LYS F 112 18.17 -31.14 11.66
N SER F 113 18.23 -30.26 12.66
CA SER F 113 18.65 -30.69 13.99
C SER F 113 17.64 -31.65 14.61
N GLN F 114 16.35 -31.39 14.41
CA GLN F 114 15.33 -32.29 14.93
C GLN F 114 15.40 -33.66 14.27
N LEU F 115 15.61 -33.69 12.95
CA LEU F 115 15.77 -34.97 12.26
C LEU F 115 17.02 -35.69 12.73
N CYS F 116 18.09 -34.94 13.00
CA CYS F 116 19.31 -35.56 13.51
C CYS F 116 19.09 -36.15 14.89
N HIS F 117 18.34 -35.47 15.75
CA HIS F 117 18.01 -36.02 17.06
C HIS F 117 17.15 -37.28 16.93
N THR F 118 16.17 -37.25 16.02
CA THR F 118 15.34 -38.43 15.80
C THR F 118 16.18 -39.61 15.31
N LEU F 119 17.12 -39.36 14.39
CA LEU F 119 18.00 -40.41 13.92
C LEU F 119 18.91 -40.91 15.03
N ALA F 120 19.38 -40.00 15.89
CA ALA F 120 20.20 -40.39 17.03
C ALA F 120 19.46 -41.34 17.95
N VAL F 121 18.19 -41.06 18.20
CA VAL F 121 17.38 -41.97 19.02
C VAL F 121 17.10 -43.28 18.30
N THR F 122 16.73 -43.23 17.01
CA THR F 122 16.34 -44.43 16.28
C THR F 122 17.52 -45.32 15.92
N CYS F 123 18.75 -44.83 16.03
CA CYS F 123 19.89 -45.70 15.76
C CYS F 123 20.07 -46.76 16.83
N GLN F 124 19.36 -46.67 17.95
CA GLN F 124 19.47 -47.63 19.04
C GLN F 124 18.33 -48.64 19.09
N ILE F 125 17.19 -48.33 18.49
CA ILE F 125 16.03 -49.22 18.53
C ILE F 125 16.34 -50.45 17.69
N PRO F 126 15.64 -51.57 17.89
CA PRO F 126 15.99 -52.80 17.16
C PRO F 126 15.87 -52.65 15.65
N LEU F 127 16.60 -53.52 14.95
CA LEU F 127 16.64 -53.46 13.49
C LEU F 127 15.27 -53.70 12.86
N ASP F 128 14.42 -54.49 13.52
CA ASP F 128 13.12 -54.85 12.94
C ASP F 128 12.23 -53.64 12.72
N ILE F 129 12.43 -52.55 13.47
CA ILE F 129 11.62 -51.35 13.30
C ILE F 129 12.46 -50.26 12.66
N GLY F 130 13.46 -50.66 11.87
CA GLY F 130 14.27 -49.71 11.14
C GLY F 130 15.42 -49.12 11.90
N GLY F 131 15.80 -49.69 13.04
CA GLY F 131 16.86 -49.17 13.87
C GLY F 131 18.24 -49.56 13.39
N GLY F 132 19.23 -49.31 14.24
CA GLY F 132 20.60 -49.65 13.94
C GLY F 132 21.25 -50.50 15.00
N GLU F 133 20.62 -50.57 16.18
CA GLU F 133 21.13 -51.35 17.30
C GLU F 133 22.58 -50.98 17.63
N GLY F 134 22.86 -49.67 17.64
CA GLY F 134 24.19 -49.21 17.94
C GLY F 134 24.15 -47.83 18.57
N LYS F 135 25.28 -47.44 19.14
CA LYS F 135 25.41 -46.14 19.77
C LYS F 135 25.42 -45.04 18.71
N CYS F 136 24.99 -43.85 19.11
CA CYS F 136 25.06 -42.67 18.27
C CYS F 136 26.29 -41.84 18.64
N LEU F 137 26.79 -41.09 17.68
CA LEU F 137 27.94 -40.21 17.87
C LEU F 137 27.61 -38.86 17.26
N TYR F 138 27.22 -37.91 18.12
CA TYR F 138 26.69 -36.62 17.68
C TYR F 138 27.79 -35.58 17.83
N ILE F 139 28.17 -34.95 16.72
CA ILE F 139 29.15 -33.87 16.72
C ILE F 139 28.38 -32.57 16.45
N ASP F 140 28.41 -31.66 17.42
CA ASP F 140 27.67 -30.41 17.34
C ASP F 140 28.64 -29.24 17.25
N THR F 141 28.43 -28.37 16.26
CA THR F 141 29.27 -27.21 16.06
C THR F 141 28.55 -25.89 16.34
N GLU F 142 27.23 -25.89 16.43
CA GLU F 142 26.45 -24.70 16.70
C GLU F 142 25.96 -24.62 18.14
N GLY F 143 26.26 -25.62 18.97
CA GLY F 143 25.78 -25.63 20.33
C GLY F 143 24.29 -25.85 20.48
N THR F 144 23.66 -26.49 19.50
CA THR F 144 22.21 -26.67 19.47
C THR F 144 21.77 -28.06 19.90
N PHE F 145 22.67 -28.88 20.44
CA PHE F 145 22.27 -30.19 20.93
C PHE F 145 21.40 -30.06 22.17
N ARG F 146 20.28 -30.79 22.18
CA ARG F 146 19.32 -30.73 23.28
C ARG F 146 18.92 -32.15 23.66
N PRO F 147 19.47 -32.69 24.76
CA PRO F 147 19.12 -34.05 25.18
C PRO F 147 17.65 -34.22 25.55
N VAL F 148 16.94 -33.12 25.86
CA VAL F 148 15.51 -33.22 26.13
C VAL F 148 14.77 -33.79 24.93
N ARG F 149 15.16 -33.36 23.73
CA ARG F 149 14.59 -33.93 22.51
C ARG F 149 14.86 -35.42 22.42
N LEU F 150 16.08 -35.84 22.77
CA LEU F 150 16.41 -37.26 22.75
C LEU F 150 15.53 -38.04 23.72
N VAL F 151 15.31 -37.47 24.92
CA VAL F 151 14.46 -38.14 25.91
C VAL F 151 13.03 -38.27 25.39
N SER F 152 12.51 -37.21 24.79
CA SER F 152 11.15 -37.25 24.26
C SER F 152 11.02 -38.27 23.14
N ILE F 153 12.00 -38.32 22.24
CA ILE F 153 11.92 -39.26 21.13
C ILE F 153 12.08 -40.70 21.64
N ALA F 154 12.91 -40.90 22.67
CA ALA F 154 13.03 -42.22 23.28
C ALA F 154 11.72 -42.65 23.92
N GLN F 155 11.03 -41.73 24.59
CA GLN F 155 9.70 -42.04 25.11
C GLN F 155 8.74 -42.40 23.98
N ARG F 156 8.85 -41.70 22.85
CA ARG F 156 8.01 -42.05 21.70
C ARG F 156 8.30 -43.46 21.21
N PHE F 157 9.58 -43.82 21.13
CA PHE F 157 10.00 -45.11 20.59
C PHE F 157 10.17 -46.18 21.67
N GLY F 158 9.88 -45.86 22.92
CA GLY F 158 9.94 -46.83 23.99
C GLY F 158 11.30 -47.05 24.61
N LEU F 159 12.35 -46.38 24.13
CA LEU F 159 13.66 -46.52 24.74
C LEU F 159 13.70 -45.86 26.12
N ASP F 160 14.48 -46.46 27.01
CA ASP F 160 14.68 -45.89 28.33
C ASP F 160 15.50 -44.62 28.21
N PRO F 161 15.08 -43.51 28.85
CA PRO F 161 15.84 -42.26 28.71
C PRO F 161 17.29 -42.38 29.14
N ASP F 162 17.57 -43.10 30.23
CA ASP F 162 18.94 -43.27 30.66
C ASP F 162 19.73 -44.09 29.65
N ASP F 163 19.14 -45.17 29.14
CA ASP F 163 19.81 -45.97 28.12
C ASP F 163 20.01 -45.17 26.84
N ALA F 164 19.01 -44.38 26.45
CA ALA F 164 19.13 -43.59 25.23
C ALA F 164 20.22 -42.54 25.34
N LEU F 165 20.28 -41.85 26.49
CA LEU F 165 21.28 -40.80 26.67
C LEU F 165 22.67 -41.38 26.83
N ASN F 166 22.79 -42.51 27.55
CA ASN F 166 24.10 -43.11 27.75
C ASN F 166 24.68 -43.70 26.47
N ASN F 167 23.84 -43.98 25.48
CA ASN F 167 24.29 -44.55 24.22
C ASN F 167 24.54 -43.50 23.15
N VAL F 168 24.39 -42.21 23.47
CA VAL F 168 24.64 -41.13 22.52
C VAL F 168 25.91 -40.43 22.98
N ALA F 169 26.95 -40.49 22.14
CA ALA F 169 28.21 -39.83 22.41
C ALA F 169 28.15 -38.41 21.85
N TYR F 170 28.33 -37.41 22.72
CA TYR F 170 28.21 -36.01 22.36
C TYR F 170 29.56 -35.33 22.52
N ALA F 171 29.95 -34.56 21.50
CA ALA F 171 31.12 -33.70 21.57
C ALA F 171 30.85 -32.44 20.78
N ARG F 172 31.23 -31.29 21.33
CA ARG F 172 31.02 -30.01 20.69
C ARG F 172 32.34 -29.53 20.09
N ALA F 173 32.30 -29.21 18.80
CA ALA F 173 33.48 -28.69 18.10
C ALA F 173 33.44 -27.17 18.13
N TYR F 174 34.55 -26.58 18.55
CA TYR F 174 34.64 -25.12 18.69
C TYR F 174 35.39 -24.46 17.55
N ASN F 175 36.12 -25.23 16.75
CA ASN F 175 36.82 -24.70 15.59
C ASN F 175 36.97 -25.81 14.55
N ALA F 176 37.35 -25.41 13.33
CA ALA F 176 37.48 -26.38 12.26
C ALA F 176 38.54 -27.43 12.58
N ASP F 177 39.67 -27.00 13.15
CA ASP F 177 40.71 -27.95 13.52
C ASP F 177 40.22 -28.93 14.58
N HIS F 178 39.50 -28.44 15.58
CA HIS F 178 38.92 -29.33 16.59
C HIS F 178 37.85 -30.22 15.98
N GLN F 179 37.08 -29.69 15.03
CA GLN F 179 36.07 -30.51 14.35
C GLN F 179 36.71 -31.68 13.62
N LEU F 180 37.82 -31.43 12.93
CA LEU F 180 38.53 -32.52 12.25
C LEU F 180 39.17 -33.46 13.25
N ARG F 181 39.72 -32.92 14.34
CA ARG F 181 40.40 -33.76 15.33
C ARG F 181 39.42 -34.68 16.06
N LEU F 182 38.16 -34.27 16.19
CA LEU F 182 37.17 -35.11 16.86
C LEU F 182 36.95 -36.43 16.15
N LEU F 183 37.23 -36.50 14.86
CA LEU F 183 37.01 -37.75 14.12
C LEU F 183 38.00 -38.83 14.53
N ASP F 184 39.21 -38.45 14.96
CA ASP F 184 40.15 -39.44 15.48
C ASP F 184 39.60 -40.10 16.75
N ALA F 185 39.06 -39.30 17.66
CA ALA F 185 38.42 -39.85 18.84
C ALA F 185 37.20 -40.67 18.48
N ALA F 186 36.44 -40.23 17.46
CA ALA F 186 35.29 -40.99 16.99
C ALA F 186 35.72 -42.38 16.53
N ALA F 187 36.78 -42.45 15.73
CA ALA F 187 37.29 -43.74 15.27
C ALA F 187 37.79 -44.58 16.44
N GLN F 188 38.46 -43.95 17.41
CA GLN F 188 38.95 -44.68 18.56
C GLN F 188 37.81 -45.32 19.34
N MET F 189 36.73 -44.57 19.57
CA MET F 189 35.60 -45.12 20.31
C MET F 189 34.84 -46.17 19.49
N MET F 190 34.75 -45.98 18.18
CA MET F 190 34.06 -46.96 17.35
C MET F 190 34.85 -48.26 17.25
N SER F 191 36.17 -48.19 17.34
CA SER F 191 36.98 -49.40 17.36
C SER F 191 36.78 -50.22 18.62
N GLU F 192 36.14 -49.66 19.64
CA GLU F 192 35.89 -50.35 20.90
C GLU F 192 34.45 -50.78 21.09
N SER F 193 33.49 -50.00 20.59
CA SER F 193 32.07 -50.33 20.73
C SER F 193 31.38 -50.09 19.39
N ARG F 194 30.28 -50.80 19.18
CA ARG F 194 29.54 -50.70 17.94
C ARG F 194 28.73 -49.41 17.91
N PHE F 195 28.98 -48.59 16.90
CA PHE F 195 28.18 -47.39 16.65
C PHE F 195 27.35 -47.61 15.39
N SER F 196 26.37 -46.73 15.18
CA SER F 196 25.50 -46.85 14.02
C SER F 196 25.16 -45.53 13.35
N LEU F 197 25.66 -44.39 13.83
CA LEU F 197 25.31 -43.11 13.24
C LEU F 197 26.36 -42.06 13.60
N ILE F 198 26.72 -41.24 12.61
CA ILE F 198 27.56 -40.06 12.82
C ILE F 198 26.75 -38.85 12.39
N VAL F 199 26.71 -37.84 13.25
CA VAL F 199 26.03 -36.59 12.95
C VAL F 199 27.00 -35.43 13.19
N VAL F 200 27.15 -34.57 12.19
CA VAL F 200 27.94 -33.36 12.29
C VAL F 200 27.00 -32.19 12.02
N ASP F 201 26.60 -31.47 13.07
CA ASP F 201 25.64 -30.38 12.97
C ASP F 201 26.27 -29.13 13.59
N SER F 202 26.81 -28.24 12.75
CA SER F 202 26.84 -28.45 11.31
C SER F 202 28.28 -28.39 10.82
N VAL F 203 28.52 -28.93 9.61
CA VAL F 203 29.88 -28.99 9.09
C VAL F 203 30.41 -27.61 8.76
N MET F 204 29.61 -26.79 8.08
CA MET F 204 30.04 -25.52 7.53
C MET F 204 30.09 -24.39 8.55
N ALA F 205 29.44 -24.56 9.71
CA ALA F 205 29.27 -23.45 10.64
C ALA F 205 30.61 -22.92 11.13
N LEU F 206 31.53 -23.82 11.51
CA LEU F 206 32.82 -23.39 11.98
C LEU F 206 33.73 -22.93 10.84
N TYR F 207 33.59 -23.52 9.66
CA TYR F 207 34.44 -23.15 8.54
C TYR F 207 34.10 -21.76 8.01
N ARG F 208 32.84 -21.33 8.12
CA ARG F 208 32.48 -20.02 7.61
C ARG F 208 33.19 -18.90 8.36
N THR F 209 33.48 -19.13 9.65
CA THR F 209 34.10 -18.11 10.49
C THR F 209 35.59 -18.33 10.68
N ASP F 210 36.07 -19.58 10.70
CA ASP F 210 37.49 -19.82 10.86
C ASP F 210 38.28 -19.34 9.65
N PHE F 211 37.73 -19.50 8.45
CA PHE F 211 38.35 -19.02 7.22
C PHE F 211 37.49 -17.90 6.65
N SER F 212 38.10 -16.73 6.47
CA SER F 212 37.40 -15.54 6.02
C SER F 212 38.08 -14.96 4.79
N GLY F 213 37.28 -14.53 3.82
CA GLY F 213 37.80 -13.88 2.63
C GLY F 213 38.16 -14.85 1.52
N ARG F 214 38.40 -14.28 0.34
CA ARG F 214 38.77 -15.09 -0.82
C ARG F 214 40.15 -15.72 -0.64
N GLY F 215 41.03 -15.06 0.12
CA GLY F 215 42.38 -15.59 0.29
C GLY F 215 42.40 -16.93 1.00
N GLU F 216 41.56 -17.10 2.01
CA GLU F 216 41.50 -18.33 2.79
C GLU F 216 40.45 -19.30 2.26
N LEU F 217 39.82 -18.99 1.12
CA LEU F 217 38.81 -19.88 0.56
C LEU F 217 39.42 -21.23 0.18
N SER F 218 40.59 -21.22 -0.45
CA SER F 218 41.22 -22.47 -0.86
C SER F 218 41.56 -23.35 0.33
N ALA F 219 42.10 -22.74 1.39
CA ALA F 219 42.41 -23.50 2.60
C ALA F 219 41.13 -24.07 3.22
N ARG F 220 40.06 -23.28 3.23
CA ARG F 220 38.79 -23.75 3.77
C ARG F 220 38.28 -24.95 2.99
N GLN F 221 38.35 -24.87 1.66
CA GLN F 221 37.86 -25.98 0.83
C GLN F 221 38.74 -27.22 1.00
N MET F 222 40.06 -27.03 1.10
CA MET F 222 40.93 -28.17 1.34
C MET F 222 40.65 -28.83 2.68
N HIS F 223 40.44 -28.02 3.72
CA HIS F 223 40.12 -28.59 5.03
C HIS F 223 38.77 -29.31 5.02
N LEU F 224 37.79 -28.74 4.32
CA LEU F 224 36.50 -29.41 4.19
C LEU F 224 36.63 -30.72 3.44
N ALA F 225 37.44 -30.75 2.39
CA ALA F 225 37.66 -31.99 1.65
C ALA F 225 38.33 -33.03 2.53
N LYS F 226 39.30 -32.63 3.34
CA LYS F 226 39.93 -33.57 4.27
C LYS F 226 38.92 -34.08 5.29
N PHE F 227 38.06 -33.20 5.81
CA PHE F 227 37.07 -33.59 6.80
C PHE F 227 36.09 -34.61 6.22
N MET F 228 35.62 -34.37 4.99
CA MET F 228 34.70 -35.34 4.38
C MET F 228 35.41 -36.61 3.94
N ARG F 229 36.69 -36.53 3.58
CA ARG F 229 37.44 -37.76 3.32
C ARG F 229 37.51 -38.62 4.57
N ALA F 230 37.76 -37.99 5.72
CA ALA F 230 37.79 -38.73 6.98
C ALA F 230 36.41 -39.28 7.32
N LEU F 231 35.35 -38.50 7.08
CA LEU F 231 34.01 -38.99 7.33
C LEU F 231 33.66 -40.19 6.46
N GLN F 232 34.02 -40.14 5.17
CA GLN F 232 33.78 -41.25 4.27
C GLN F 232 34.58 -42.48 4.69
N ARG F 233 35.82 -42.27 5.12
CA ARG F 233 36.63 -43.38 5.62
C ARG F 233 35.97 -44.02 6.85
N LEU F 234 35.45 -43.19 7.75
CA LEU F 234 34.76 -43.72 8.93
C LEU F 234 33.53 -44.52 8.52
N ALA F 235 32.75 -44.00 7.57
CA ALA F 235 31.55 -44.70 7.12
C ALA F 235 31.90 -46.03 6.47
N ASP F 236 32.96 -46.06 5.66
CA ASP F 236 33.39 -47.31 5.04
C ASP F 236 33.90 -48.30 6.08
N GLN F 237 34.64 -47.82 7.08
CA GLN F 237 35.21 -48.71 8.08
C GLN F 237 34.14 -49.34 8.95
N PHE F 238 33.24 -48.52 9.49
CA PHE F 238 32.30 -48.98 10.51
C PHE F 238 30.90 -49.22 9.97
N GLY F 239 30.64 -48.89 8.70
CA GLY F 239 29.29 -49.06 8.17
C GLY F 239 28.26 -48.18 8.84
N VAL F 240 28.69 -47.08 9.43
CA VAL F 240 27.78 -46.20 10.17
C VAL F 240 27.23 -45.13 9.23
N ALA F 241 25.94 -44.83 9.37
CA ALA F 241 25.34 -43.77 8.60
C ALA F 241 25.89 -42.42 9.05
N VAL F 242 26.32 -41.61 8.09
CA VAL F 242 26.86 -40.28 8.35
C VAL F 242 25.82 -39.27 7.89
N VAL F 243 25.25 -38.53 8.84
CA VAL F 243 24.26 -37.51 8.56
C VAL F 243 24.88 -36.17 8.92
N VAL F 244 24.97 -35.26 7.94
CA VAL F 244 25.58 -33.95 8.12
C VAL F 244 24.56 -32.89 7.75
N THR F 245 24.45 -31.86 8.59
CA THR F 245 23.59 -30.73 8.29
C THR F 245 24.42 -29.60 7.70
N ASN F 246 23.80 -28.84 6.81
CA ASN F 246 24.46 -27.74 6.12
C ASN F 246 23.57 -26.51 6.17
N GLN F 247 24.17 -25.37 6.45
CA GLN F 247 23.43 -24.11 6.36
C GLN F 247 23.34 -23.68 4.90
N VAL F 248 22.61 -22.60 4.66
CA VAL F 248 22.37 -22.12 3.32
C VAL F 248 22.78 -20.66 3.21
N VAL F 249 23.01 -20.22 1.97
CA VAL F 249 23.26 -18.82 1.66
C VAL F 249 22.32 -18.41 0.53
N ALA F 250 21.98 -17.13 0.49
CA ALA F 250 21.12 -16.60 -0.55
C ALA F 250 21.99 -16.14 -1.73
N GLN F 251 21.77 -16.75 -2.89
CA GLN F 251 22.57 -16.45 -4.08
C GLN F 251 22.20 -15.07 -4.60
N VAL F 252 23.11 -14.10 -4.43
CA VAL F 252 22.81 -12.72 -4.76
C VAL F 252 22.57 -12.55 -6.26
N ASP F 253 23.37 -13.21 -7.08
CA ASP F 253 23.22 -13.10 -8.52
C ASP F 253 21.83 -13.58 -8.95
N GLY F 254 21.16 -12.79 -9.78
CA GLY F 254 19.85 -13.14 -10.25
C GLY F 254 19.86 -13.77 -11.63
N GLY F 255 21.04 -14.23 -12.07
CA GLY F 255 21.14 -14.84 -13.38
C GLY F 255 20.34 -16.11 -13.51
N MET F 256 20.39 -16.96 -12.48
CA MET F 256 19.65 -18.23 -12.50
C MET F 256 18.23 -18.00 -11.97
N ALA F 257 17.50 -17.16 -12.71
CA ALA F 257 16.12 -16.85 -12.36
C ALA F 257 15.18 -18.05 -12.54
N PHE F 258 15.62 -19.08 -13.25
CA PHE F 258 14.79 -20.27 -13.42
C PHE F 258 14.60 -21.06 -12.13
N ASN F 259 15.44 -20.83 -11.13
CA ASN F 259 15.32 -21.53 -9.85
C ASN F 259 14.46 -20.69 -8.91
N PRO F 260 13.27 -21.15 -8.53
CA PRO F 260 12.44 -20.37 -7.60
C PRO F 260 13.05 -20.22 -6.21
N ASP F 261 13.99 -21.07 -5.83
CA ASP F 261 14.59 -21.01 -4.51
C ASP F 261 15.89 -20.23 -4.58
N PRO F 262 16.00 -19.06 -3.96
CA PRO F 262 17.25 -18.30 -3.96
C PRO F 262 18.26 -18.75 -2.91
N LYS F 263 18.07 -19.92 -2.29
CA LYS F 263 18.96 -20.42 -1.25
C LYS F 263 19.65 -21.67 -1.73
N LYS F 264 20.97 -21.74 -1.53
CA LYS F 264 21.78 -22.88 -1.94
C LYS F 264 22.63 -23.34 -0.77
N PRO F 265 23.01 -24.62 -0.75
CA PRO F 265 23.85 -25.11 0.35
C PRO F 265 25.25 -24.52 0.30
N ILE F 266 25.85 -24.45 1.49
CA ILE F 266 27.16 -23.85 1.67
C ILE F 266 28.22 -24.91 1.40
N GLY F 267 29.44 -24.49 1.05
CA GLY F 267 30.53 -25.40 0.79
C GLY F 267 30.86 -25.60 -0.67
N GLY F 268 29.94 -25.26 -1.57
CA GLY F 268 30.25 -25.29 -2.99
C GLY F 268 30.45 -26.69 -3.53
N ASN F 269 31.43 -26.83 -4.43
CA ASN F 269 31.62 -28.07 -5.15
C ASN F 269 32.05 -29.21 -4.23
N ILE F 270 32.91 -28.92 -3.25
CA ILE F 270 33.35 -29.96 -2.32
C ILE F 270 32.17 -30.50 -1.54
N MET F 271 31.32 -29.61 -1.02
CA MET F 271 30.11 -30.03 -0.31
C MET F 271 29.19 -30.84 -1.21
N ALA F 272 29.00 -30.37 -2.46
CA ALA F 272 28.07 -31.06 -3.36
C ALA F 272 28.55 -32.45 -3.72
N HIS F 273 29.85 -32.59 -4.03
CA HIS F 273 30.38 -33.87 -4.48
C HIS F 273 30.66 -34.85 -3.35
N SER F 274 31.01 -34.34 -2.15
CA SER F 274 31.37 -35.25 -1.07
C SER F 274 30.15 -35.95 -0.49
N SER F 275 28.99 -35.30 -0.52
CA SER F 275 27.79 -35.89 0.06
C SER F 275 27.15 -36.88 -0.91
N THR F 276 26.92 -38.10 -0.43
CA THR F 276 26.24 -39.10 -1.25
C THR F 276 24.80 -38.71 -1.53
N THR F 277 24.09 -38.25 -0.50
CA THR F 277 22.69 -37.86 -0.63
C THR F 277 22.51 -36.48 0.00
N ARG F 278 21.83 -35.59 -0.71
CA ARG F 278 21.54 -34.25 -0.25
C ARG F 278 20.04 -34.05 -0.18
N LEU F 279 19.54 -33.61 0.98
CA LEU F 279 18.13 -33.36 1.20
C LEU F 279 17.92 -31.87 1.46
N GLY F 280 17.05 -31.24 0.68
CA GLY F 280 16.71 -29.84 0.86
C GLY F 280 15.46 -29.72 1.71
N PHE F 281 15.58 -28.94 2.78
CA PHE F 281 14.51 -28.79 3.76
C PHE F 281 13.88 -27.40 3.65
N LYS F 282 12.55 -27.37 3.61
CA LYS F 282 11.79 -26.12 3.56
C LYS F 282 10.67 -26.19 4.61
N LYS F 283 10.23 -25.02 5.06
CA LYS F 283 9.18 -24.95 6.06
C LYS F 283 7.82 -24.97 5.39
N GLY F 284 6.93 -25.82 5.87
CA GLY F 284 5.54 -25.83 5.46
C GLY F 284 4.67 -25.02 6.40
N LYS F 285 3.40 -25.41 6.48
CA LYS F 285 2.48 -24.75 7.39
C LYS F 285 2.59 -25.33 8.79
N GLY F 286 2.71 -24.46 9.78
CA GLY F 286 2.83 -24.92 11.16
C GLY F 286 4.07 -25.77 11.35
N CYS F 287 3.88 -26.97 11.92
CA CYS F 287 4.98 -27.87 12.19
C CYS F 287 5.43 -28.64 10.95
N GLN F 288 4.70 -28.57 9.85
CA GLN F 288 5.05 -29.32 8.66
C GLN F 288 6.32 -28.77 8.01
N ARG F 289 7.13 -29.66 7.45
CA ARG F 289 8.34 -29.30 6.74
C ARG F 289 8.41 -30.07 5.43
N LEU F 290 9.02 -29.45 4.43
CA LEU F 290 9.15 -30.05 3.10
C LEU F 290 10.58 -30.52 2.90
N CYS F 291 10.76 -31.80 2.58
CA CYS F 291 12.06 -32.38 2.30
C CYS F 291 12.13 -32.79 0.84
N LYS F 292 13.21 -32.39 0.17
CA LYS F 292 13.39 -32.65 -1.25
C LYS F 292 14.75 -33.27 -1.49
N VAL F 293 14.78 -34.37 -2.23
CA VAL F 293 16.02 -35.04 -2.58
C VAL F 293 16.67 -34.27 -3.73
N VAL F 294 17.74 -33.54 -3.44
CA VAL F 294 18.43 -32.77 -4.47
C VAL F 294 19.42 -33.63 -5.23
N ASP F 295 20.25 -34.40 -4.53
CA ASP F 295 21.23 -35.26 -5.17
C ASP F 295 21.19 -36.63 -4.52
N SER F 296 21.19 -37.67 -5.34
CA SER F 296 21.23 -39.06 -4.86
C SER F 296 21.58 -39.99 -6.02
N PRO F 297 22.49 -40.93 -5.82
CA PRO F 297 22.83 -41.87 -6.91
C PRO F 297 21.69 -42.77 -7.32
N CYS F 298 20.70 -42.99 -6.46
CA CYS F 298 19.60 -43.90 -6.78
C CYS F 298 18.21 -43.36 -6.47
N LEU F 299 18.07 -42.37 -5.59
CA LEU F 299 16.75 -41.87 -5.26
C LEU F 299 16.33 -40.79 -6.26
N PRO F 300 15.18 -40.92 -6.90
CA PRO F 300 14.73 -39.88 -7.83
C PRO F 300 14.39 -38.59 -7.10
N GLU F 301 14.53 -37.48 -7.81
CA GLU F 301 14.28 -36.15 -7.25
C GLU F 301 12.79 -36.00 -6.97
N ALA F 302 12.40 -36.10 -5.70
CA ALA F 302 11.02 -36.02 -5.29
C ALA F 302 10.92 -35.28 -3.96
N GLU F 303 9.72 -34.84 -3.63
CA GLU F 303 9.45 -34.10 -2.41
C GLU F 303 8.43 -34.83 -1.55
N CYS F 304 8.61 -34.75 -0.23
CA CYS F 304 7.65 -35.30 0.71
C CYS F 304 7.45 -34.31 1.84
N VAL F 305 6.32 -34.41 2.52
CA VAL F 305 5.95 -33.50 3.60
C VAL F 305 6.04 -34.27 4.91
N PHE F 306 6.84 -33.75 5.84
CA PHE F 306 6.97 -34.30 7.18
C PHE F 306 6.81 -33.17 8.19
N ALA F 307 6.61 -33.53 9.45
CA ALA F 307 6.34 -32.56 10.50
C ALA F 307 7.21 -32.84 11.72
N ILE F 308 7.41 -31.80 12.51
CA ILE F 308 8.18 -31.87 13.75
C ILE F 308 7.22 -31.75 14.92
N TYR F 309 7.27 -32.71 15.82
CA TYR F 309 6.41 -32.74 16.99
C TYR F 309 7.26 -32.90 18.25
N GLU F 310 6.60 -32.84 19.41
CA GLU F 310 7.31 -32.95 20.68
C GLU F 310 8.00 -34.31 20.81
N ASP F 311 7.39 -35.36 20.27
CA ASP F 311 7.97 -36.69 20.34
C ASP F 311 9.01 -36.94 19.26
N GLY F 312 9.24 -35.98 18.37
CA GLY F 312 10.25 -36.10 17.34
C GLY F 312 9.71 -35.86 15.95
N VAL F 313 10.49 -36.30 14.97
CA VAL F 313 10.11 -36.16 13.57
C VAL F 313 9.12 -37.26 13.20
N GLY F 314 7.99 -36.86 12.62
CA GLY F 314 6.97 -37.82 12.23
C GLY F 314 6.15 -37.27 11.08
N ASP F 315 5.25 -38.13 10.58
CA ASP F 315 4.37 -37.74 9.50
C ASP F 315 3.38 -36.67 9.98
N PRO F 316 3.00 -35.75 9.10
CA PRO F 316 2.03 -34.72 9.50
C PRO F 316 0.69 -35.34 9.90
N ARG F 317 0.07 -34.75 10.92
CA ARG F 317 -1.20 -35.24 11.40
C ARG F 317 -2.34 -34.69 10.55
N GLU F 318 -3.50 -35.34 10.66
CA GLU F 318 -4.68 -34.88 9.94
C GLU F 318 -5.12 -33.50 10.43
N GLU F 319 -5.02 -33.26 11.74
CA GLU F 319 -5.37 -31.95 12.29
C GLU F 319 -4.46 -30.85 11.77
N ASP F 320 -3.23 -31.19 11.37
CA ASP F 320 -2.32 -30.21 10.78
C ASP F 320 -2.52 -30.03 9.28
N GLU F 321 -3.37 -30.84 8.66
CA GLU F 321 -3.62 -30.73 7.23
C GLU F 321 -4.84 -29.86 6.95
N PHE G 1 15.55 33.85 -12.59
CA PHE G 1 16.23 32.56 -12.62
C PHE G 1 17.52 32.64 -13.42
N VAL G 2 18.32 31.58 -13.35
CA VAL G 2 19.58 31.47 -14.07
C VAL G 2 19.35 30.61 -15.30
N PRO G 3 19.55 31.14 -16.52
CA PRO G 3 19.32 30.33 -17.72
C PRO G 3 20.29 29.15 -17.78
N ILE G 4 19.83 28.06 -18.40
CA ILE G 4 20.65 26.88 -18.53
C ILE G 4 21.86 27.11 -19.44
N GLU G 5 21.81 28.14 -20.29
CA GLU G 5 22.94 28.43 -21.17
C GLU G 5 24.17 28.91 -20.41
N LYS G 6 24.01 29.29 -19.14
CA LYS G 6 25.16 29.67 -18.32
C LYS G 6 26.02 28.48 -17.93
N LEU G 7 25.56 27.26 -18.20
CA LEU G 7 26.31 26.05 -17.89
C LEU G 7 27.34 25.70 -18.96
N GLN G 8 27.44 26.49 -20.03
CA GLN G 8 28.37 26.21 -21.12
C GLN G 8 29.80 26.60 -20.72
N VAL G 9 30.27 25.98 -19.64
CA VAL G 9 31.61 26.22 -19.11
C VAL G 9 32.24 24.90 -18.71
N ASN G 10 33.57 24.91 -18.61
CA ASN G 10 34.35 23.76 -18.15
C ASN G 10 34.07 22.51 -18.97
N GLY G 11 34.13 22.67 -20.29
CA GLY G 11 34.01 21.54 -21.19
C GLY G 11 32.59 21.08 -21.48
N ILE G 12 31.58 21.78 -20.98
CA ILE G 12 30.19 21.42 -21.26
C ILE G 12 29.81 22.02 -22.61
N THR G 13 29.47 21.15 -23.55
CA THR G 13 29.22 21.53 -24.93
C THR G 13 27.75 21.87 -25.15
N MET G 14 27.46 22.42 -26.33
CA MET G 14 26.08 22.77 -26.67
C MET G 14 25.21 21.54 -26.79
N ALA G 15 25.81 20.41 -27.17
CA ALA G 15 25.05 19.16 -27.27
C ALA G 15 24.52 18.74 -25.90
N ASP G 16 25.34 18.92 -24.85
CA ASP G 16 24.90 18.55 -23.51
C ASP G 16 23.71 19.40 -23.07
N VAL G 17 23.76 20.71 -23.35
CA VAL G 17 22.65 21.59 -22.99
C VAL G 17 21.42 21.25 -23.80
N LYS G 18 21.60 20.90 -25.08
CA LYS G 18 20.47 20.50 -25.91
C LYS G 18 19.81 19.23 -25.37
N LYS G 19 20.62 18.25 -24.95
CA LYS G 19 20.07 17.04 -24.36
C LYS G 19 19.37 17.33 -23.04
N LEU G 20 19.93 18.24 -22.24
CA LEU G 20 19.29 18.63 -20.99
C LEU G 20 17.93 19.27 -21.25
N ARG G 21 17.85 20.15 -22.25
CA ARG G 21 16.57 20.77 -22.60
C ARG G 21 15.58 19.73 -23.11
N GLU G 22 16.05 18.78 -23.93
CA GLU G 22 15.18 17.73 -24.41
C GLU G 22 14.71 16.82 -23.29
N SER G 23 15.46 16.74 -22.19
CA SER G 23 15.09 15.92 -21.05
C SER G 23 14.15 16.64 -20.08
N GLY G 24 13.80 17.90 -20.36
CA GLY G 24 12.89 18.65 -19.53
C GLY G 24 13.54 19.69 -18.63
N LEU G 25 14.87 19.68 -18.52
CA LEU G 25 15.58 20.68 -17.72
C LEU G 25 15.92 21.86 -18.61
N HIS G 26 15.32 23.02 -18.32
CA HIS G 26 15.49 24.21 -19.15
C HIS G 26 16.19 25.35 -18.42
N THR G 27 16.54 25.18 -17.15
CA THR G 27 17.19 26.21 -16.37
C THR G 27 18.34 25.61 -15.57
N ALA G 28 19.26 26.48 -15.15
CA ALA G 28 20.34 26.04 -14.27
C ALA G 28 19.78 25.53 -12.94
N GLU G 29 18.73 26.16 -12.45
CA GLU G 29 18.07 25.68 -11.24
C GLU G 29 17.50 24.28 -11.46
N ALA G 30 16.99 24.01 -12.66
CA ALA G 30 16.48 22.68 -12.96
C ALA G 30 17.57 21.62 -12.86
N VAL G 31 18.76 21.94 -13.38
CA VAL G 31 19.88 21.02 -13.28
C VAL G 31 20.32 20.84 -11.84
N ALA G 32 20.38 21.94 -11.08
CA ALA G 32 20.82 21.87 -9.69
C ALA G 32 19.87 21.03 -8.85
N TYR G 33 18.57 21.23 -9.01
CA TYR G 33 17.59 20.54 -8.18
C TYR G 33 17.51 19.05 -8.52
N ALA G 34 17.71 18.71 -9.79
CA ALA G 34 17.62 17.32 -10.21
C ALA G 34 18.75 16.50 -9.56
N PRO G 35 18.45 15.29 -9.08
CA PRO G 35 19.49 14.46 -8.48
C PRO G 35 20.46 13.94 -9.53
N ARG G 36 21.58 13.41 -9.02
CA ARG G 36 22.63 12.90 -9.92
C ARG G 36 22.11 11.75 -10.77
N LYS G 37 21.35 10.84 -10.18
CA LYS G 37 20.84 9.69 -10.93
C LYS G 37 19.83 10.12 -11.99
N ASP G 38 19.10 11.22 -11.75
CA ASP G 38 18.23 11.76 -12.78
C ASP G 38 19.03 12.21 -13.99
N LEU G 39 20.16 12.89 -13.75
CA LEU G 39 21.05 13.28 -14.83
C LEU G 39 21.65 12.07 -15.53
N LEU G 40 21.96 11.02 -14.77
CA LEU G 40 22.53 9.81 -15.38
C LEU G 40 21.57 9.16 -16.36
N GLU G 41 20.27 9.30 -16.14
CA GLU G 41 19.28 8.69 -17.03
C GLU G 41 19.21 9.35 -18.39
N ILE G 42 19.81 10.52 -18.56
CA ILE G 42 19.78 11.23 -19.84
C ILE G 42 20.87 10.67 -20.74
N LYS G 43 20.48 10.29 -21.96
CA LYS G 43 21.42 9.72 -22.90
C LYS G 43 22.48 10.74 -23.31
N GLY G 44 23.71 10.26 -23.51
CA GLY G 44 24.80 11.12 -23.88
C GLY G 44 25.48 11.85 -22.75
N ILE G 45 25.11 11.58 -21.50
CA ILE G 45 25.69 12.24 -20.34
C ILE G 45 26.45 11.19 -19.52
N SER G 46 27.72 11.44 -19.30
CA SER G 46 28.54 10.53 -18.50
C SER G 46 28.49 10.91 -17.03
N GLU G 47 29.01 10.03 -16.18
CA GLU G 47 29.04 10.29 -14.75
C GLU G 47 29.89 11.51 -14.41
N ALA G 48 31.07 11.61 -15.04
CA ALA G 48 31.91 12.78 -14.83
C ALA G 48 31.24 14.04 -15.33
N LYS G 49 30.56 13.94 -16.48
CA LYS G 49 29.83 15.09 -17.00
C LYS G 49 28.70 15.49 -16.04
N ALA G 50 28.01 14.51 -15.46
CA ALA G 50 26.96 14.80 -14.50
C ALA G 50 27.52 15.48 -13.26
N ASP G 51 28.67 15.00 -12.77
CA ASP G 51 29.29 15.65 -11.61
C ASP G 51 29.70 17.08 -11.92
N LYS G 52 30.27 17.30 -13.11
CA LYS G 52 30.65 18.66 -13.51
C LYS G 52 29.43 19.56 -13.62
N LEU G 53 28.33 19.04 -14.19
CA LEU G 53 27.10 19.82 -14.29
C LEU G 53 26.57 20.17 -12.91
N LEU G 54 26.59 19.21 -11.98
CA LEU G 54 26.12 19.47 -10.63
C LEU G 54 26.98 20.53 -9.94
N ASN G 55 28.29 20.43 -10.10
CA ASN G 55 29.18 21.41 -9.49
C ASN G 55 28.95 22.81 -10.06
N GLU G 56 28.80 22.91 -11.38
CA GLU G 56 28.57 24.20 -12.00
C GLU G 56 27.23 24.79 -11.58
N ALA G 57 26.19 23.94 -11.49
CA ALA G 57 24.88 24.41 -11.05
C ALA G 57 24.93 24.89 -9.61
N ALA G 58 25.62 24.15 -8.73
CA ALA G 58 25.75 24.58 -7.35
C ALA G 58 26.55 25.87 -7.24
N ARG G 59 27.53 26.08 -8.13
CA ARG G 59 28.25 27.34 -8.14
C ARG G 59 27.36 28.48 -8.61
N LEU G 60 26.48 28.22 -9.58
CA LEU G 60 25.60 29.27 -10.08
C LEU G 60 24.38 29.46 -9.19
N VAL G 61 23.76 28.37 -8.76
CA VAL G 61 22.56 28.41 -7.94
C VAL G 61 22.96 28.11 -6.50
N PRO G 62 22.71 29.03 -5.55
CA PRO G 62 23.10 28.78 -4.15
C PRO G 62 22.33 27.60 -3.57
N MET G 63 23.05 26.67 -2.95
CA MET G 63 22.47 25.47 -2.40
C MET G 63 22.84 25.22 -0.95
N GLY G 64 23.73 26.02 -0.38
CA GLY G 64 24.18 25.82 0.99
C GLY G 64 23.24 26.44 2.00
N PHE G 65 23.71 26.48 3.24
CA PHE G 65 22.91 27.02 4.33
C PHE G 65 22.93 28.55 4.30
N VAL G 66 21.78 29.13 4.63
CA VAL G 66 21.62 30.58 4.69
C VAL G 66 20.85 30.93 5.96
N THR G 67 21.23 32.05 6.58
CA THR G 67 20.59 32.46 7.82
C THR G 67 19.12 32.76 7.59
N ALA G 68 18.30 32.52 8.63
CA ALA G 68 16.87 32.71 8.49
C ALA G 68 16.48 34.16 8.27
N ALA G 69 17.31 35.11 8.71
CA ALA G 69 17.02 36.52 8.43
C ALA G 69 17.10 36.81 6.94
N ASP G 70 18.10 36.24 6.26
CA ASP G 70 18.22 36.42 4.82
C ASP G 70 17.02 35.82 4.09
N PHE G 71 16.59 34.63 4.51
CA PHE G 71 15.42 34.01 3.90
C PHE G 71 14.16 34.83 4.18
N HIS G 72 14.05 35.40 5.38
CA HIS G 72 12.90 36.23 5.70
C HIS G 72 12.86 37.48 4.83
N MET G 73 13.99 38.15 4.66
CA MET G 73 14.00 39.36 3.84
C MET G 73 13.85 39.01 2.36
N ARG G 74 14.22 37.80 1.96
CA ARG G 74 13.94 37.35 0.60
C ARG G 74 12.46 37.10 0.38
N ARG G 75 11.79 36.50 1.37
CA ARG G 75 10.36 36.26 1.26
C ARG G 75 9.55 37.54 1.43
N SER G 76 10.14 38.56 2.05
CA SER G 76 9.44 39.83 2.20
C SER G 76 9.14 40.47 0.86
N GLU G 77 10.08 40.39 -0.09
CA GLU G 77 9.89 40.95 -1.42
C GLU G 77 9.20 39.97 -2.37
N LEU G 78 8.83 38.78 -1.89
CA LEU G 78 8.16 37.81 -2.74
C LEU G 78 6.79 38.34 -3.17
N ILE G 79 6.44 38.06 -4.42
CA ILE G 79 5.23 38.61 -5.03
C ILE G 79 4.04 37.73 -4.66
N CYS G 80 2.95 38.36 -4.21
CA CYS G 80 1.71 37.67 -3.94
C CYS G 80 0.64 38.16 -4.91
N LEU G 81 0.01 37.21 -5.59
CA LEU G 81 -0.99 37.55 -6.61
C LEU G 81 -2.33 37.83 -5.95
N THR G 82 -2.91 38.99 -6.26
CA THR G 82 -4.23 39.32 -5.74
C THR G 82 -5.28 38.42 -6.36
N THR G 83 -6.26 38.03 -5.55
CA THR G 83 -7.35 37.17 -5.99
C THR G 83 -8.58 37.96 -6.41
N GLY G 84 -8.50 39.29 -6.42
CA GLY G 84 -9.63 40.13 -6.75
C GLY G 84 -10.59 40.37 -5.62
N SER G 85 -10.45 39.68 -4.49
CA SER G 85 -11.29 39.88 -3.31
C SER G 85 -10.40 40.28 -2.14
N LYS G 86 -10.73 41.40 -1.51
CA LYS G 86 -9.95 41.85 -0.36
C LYS G 86 -10.06 40.88 0.82
N ASN G 87 -11.24 40.27 1.00
CA ASN G 87 -11.40 39.28 2.06
C ASN G 87 -10.47 38.10 1.86
N LEU G 88 -10.40 37.59 0.62
CA LEU G 88 -9.53 36.45 0.33
C LEU G 88 -8.06 36.84 0.44
N ASP G 89 -7.70 38.05 0.00
CA ASP G 89 -6.32 38.50 0.14
C ASP G 89 -5.91 38.63 1.59
N THR G 90 -6.82 39.15 2.43
CA THR G 90 -6.54 39.23 3.86
C THR G 90 -6.41 37.85 4.47
N LEU G 91 -7.28 36.91 4.04
CA LEU G 91 -7.19 35.54 4.55
C LEU G 91 -5.87 34.90 4.18
N LEU G 92 -5.39 35.15 2.96
CA LEU G 92 -4.14 34.57 2.48
C LEU G 92 -2.93 35.43 2.82
N GLY G 93 -3.12 36.52 3.57
CA GLY G 93 -2.01 37.38 3.93
C GLY G 93 -1.37 38.11 2.77
N GLY G 94 -2.19 38.64 1.85
CA GLY G 94 -1.69 39.38 0.71
C GLY G 94 -2.07 38.80 -0.63
N GLY G 95 -2.57 37.57 -0.70
CA GLY G 95 -2.96 36.93 -1.93
C GLY G 95 -2.29 35.60 -2.08
N VAL G 96 -2.33 35.06 -3.30
CA VAL G 96 -1.70 33.77 -3.58
C VAL G 96 -0.19 33.95 -3.63
N GLU G 97 0.52 33.17 -2.83
CA GLU G 97 1.96 33.28 -2.73
C GLU G 97 2.62 32.63 -3.95
N THR G 98 3.57 33.34 -4.56
CA THR G 98 4.36 32.78 -5.64
C THR G 98 5.45 31.86 -5.09
N GLY G 99 5.86 30.91 -5.91
CA GLY G 99 6.89 29.96 -5.52
C GLY G 99 6.40 28.82 -4.64
N SER G 100 5.10 28.74 -4.36
CA SER G 100 4.55 27.68 -3.54
C SER G 100 3.28 27.17 -4.20
N ILE G 101 2.96 25.90 -3.93
CA ILE G 101 1.79 25.25 -4.51
C ILE G 101 0.58 25.55 -3.63
N THR G 102 -0.41 26.23 -4.20
CA THR G 102 -1.65 26.55 -3.51
C THR G 102 -2.75 25.64 -4.04
N GLU G 103 -3.41 24.93 -3.14
CA GLU G 103 -4.45 23.97 -3.52
C GLU G 103 -5.83 24.54 -3.20
N LEU G 104 -6.72 24.50 -4.19
CA LEU G 104 -8.11 24.93 -4.03
C LEU G 104 -9.00 23.70 -4.20
N PHE G 105 -9.37 23.09 -3.08
CA PHE G 105 -10.24 21.92 -3.09
C PHE G 105 -11.61 22.30 -2.55
N GLY G 106 -12.64 21.64 -3.07
CA GLY G 106 -13.99 21.90 -2.62
C GLY G 106 -15.00 21.24 -3.52
N GLU G 107 -16.26 21.36 -3.10
CA GLU G 107 -17.38 20.84 -3.86
C GLU G 107 -17.50 21.59 -5.18
N PHE G 108 -18.36 21.09 -6.07
CA PHE G 108 -18.56 21.73 -7.35
C PHE G 108 -19.25 23.09 -7.18
N ARG G 109 -19.20 23.89 -8.24
CA ARG G 109 -19.65 25.28 -8.31
C ARG G 109 -19.30 26.09 -7.07
N THR G 110 -18.16 25.80 -6.44
CA THR G 110 -17.67 26.57 -5.30
C THR G 110 -16.64 27.62 -5.70
N GLY G 111 -16.35 27.77 -7.00
CA GLY G 111 -15.52 28.86 -7.46
C GLY G 111 -14.05 28.56 -7.65
N LYS G 112 -13.64 27.29 -7.65
CA LYS G 112 -12.23 26.97 -7.87
C LYS G 112 -11.79 27.43 -9.26
N SER G 113 -12.53 27.05 -10.30
CA SER G 113 -12.17 27.46 -11.65
C SER G 113 -12.32 28.96 -11.83
N GLN G 114 -13.36 29.56 -11.22
CA GLN G 114 -13.53 31.00 -11.31
C GLN G 114 -12.37 31.74 -10.65
N LEU G 115 -11.94 31.27 -9.47
CA LEU G 115 -10.79 31.88 -8.82
C LEU G 115 -9.53 31.70 -9.64
N CYS G 116 -9.39 30.54 -10.30
CA CYS G 116 -8.23 30.32 -11.15
C CYS G 116 -8.23 31.27 -12.34
N HIS G 117 -9.41 31.52 -12.94
CA HIS G 117 -9.50 32.49 -14.01
C HIS G 117 -9.16 33.89 -13.53
N THR G 118 -9.65 34.26 -12.35
CA THR G 118 -9.34 35.56 -11.78
C THR G 118 -7.84 35.71 -11.54
N LEU G 119 -7.21 34.66 -11.03
CA LEU G 119 -5.75 34.68 -10.83
C LEU G 119 -5.02 34.76 -12.16
N ALA G 120 -5.51 34.04 -13.18
CA ALA G 120 -4.91 34.09 -14.50
C ALA G 120 -4.94 35.49 -15.09
N VAL G 121 -6.01 36.24 -14.84
CA VAL G 121 -6.09 37.62 -15.29
C VAL G 121 -5.23 38.54 -14.45
N THR G 122 -5.25 38.37 -13.13
CA THR G 122 -4.51 39.27 -12.24
C THR G 122 -3.01 39.05 -12.30
N CYS G 123 -2.54 37.90 -12.77
CA CYS G 123 -1.11 37.67 -12.86
C CYS G 123 -0.44 38.56 -13.90
N GLN G 124 -1.20 39.24 -14.75
CA GLN G 124 -0.66 40.12 -15.77
C GLN G 124 -0.72 41.60 -15.40
N ILE G 125 -1.58 41.98 -14.47
CA ILE G 125 -1.74 43.37 -14.08
C ILE G 125 -0.48 43.80 -13.32
N PRO G 126 -0.19 45.11 -13.23
CA PRO G 126 1.07 45.55 -12.61
C PRO G 126 1.18 45.11 -11.15
N LEU G 127 2.42 45.14 -10.67
CA LEU G 127 2.71 44.64 -9.32
C LEU G 127 2.03 45.46 -8.24
N ASP G 128 1.99 46.80 -8.42
CA ASP G 128 1.50 47.68 -7.37
C ASP G 128 0.04 47.45 -7.03
N ILE G 129 -0.72 46.79 -7.91
CA ILE G 129 -2.12 46.48 -7.63
C ILE G 129 -2.26 44.98 -7.36
N GLY G 130 -1.18 44.37 -6.88
CA GLY G 130 -1.20 42.97 -6.50
C GLY G 130 -0.97 41.97 -7.62
N GLY G 131 -0.51 42.43 -8.78
CA GLY G 131 -0.30 41.56 -9.92
C GLY G 131 1.04 40.86 -9.89
N GLY G 132 1.34 40.20 -11.00
CA GLY G 132 2.60 39.48 -11.14
C GLY G 132 3.43 39.93 -12.33
N GLU G 133 2.80 40.70 -13.22
CA GLU G 133 3.46 41.20 -14.43
C GLU G 133 4.08 40.06 -15.24
N GLY G 134 3.33 38.98 -15.39
CA GLY G 134 3.82 37.84 -16.13
C GLY G 134 2.69 37.07 -16.79
N LYS G 135 3.07 36.25 -17.75
CA LYS G 135 2.09 35.43 -18.46
C LYS G 135 1.56 34.32 -17.57
N CYS G 136 0.32 33.92 -17.81
CA CYS G 136 -0.28 32.80 -17.11
C CYS G 136 -0.07 31.51 -17.89
N LEU G 137 -0.19 30.39 -17.18
CA LEU G 137 -0.03 29.07 -17.76
C LEU G 137 -1.15 28.19 -17.21
N TYR G 138 -2.21 28.02 -17.99
CA TYR G 138 -3.42 27.31 -17.55
C TYR G 138 -3.39 25.90 -18.12
N ILE G 139 -3.37 24.91 -17.24
CA ILE G 139 -3.49 23.50 -17.62
C ILE G 139 -4.86 23.04 -17.16
N ASP G 140 -5.73 22.71 -18.13
CA ASP G 140 -7.10 22.32 -17.86
C ASP G 140 -7.27 20.84 -18.15
N THR G 141 -7.80 20.10 -17.18
CA THR G 141 -8.01 18.67 -17.32
C THR G 141 -9.48 18.29 -17.37
N GLU G 142 -10.40 19.21 -17.15
CA GLU G 142 -11.83 18.95 -17.19
C GLU G 142 -12.51 19.61 -18.38
N GLY G 143 -11.79 20.38 -19.19
CA GLY G 143 -12.42 21.09 -20.28
C GLY G 143 -13.26 22.27 -19.87
N THR G 144 -13.04 22.80 -18.67
CA THR G 144 -13.85 23.88 -18.12
C THR G 144 -13.23 25.25 -18.33
N PHE G 145 -12.10 25.35 -19.04
CA PHE G 145 -11.51 26.65 -19.32
C PHE G 145 -12.43 27.47 -20.21
N ARG G 146 -12.64 28.72 -19.83
CA ARG G 146 -13.56 29.62 -20.54
C ARG G 146 -12.90 30.97 -20.73
N PRO G 147 -12.42 31.26 -21.94
CA PRO G 147 -11.79 32.58 -22.18
C PRO G 147 -12.74 33.75 -22.01
N VAL G 148 -14.05 33.53 -22.06
CA VAL G 148 -15.01 34.62 -21.83
C VAL G 148 -14.84 35.16 -20.42
N ARG G 149 -14.62 34.28 -19.44
CA ARG G 149 -14.35 34.72 -18.08
C ARG G 149 -13.09 35.57 -18.03
N LEU G 150 -12.04 35.16 -18.73
CA LEU G 150 -10.81 35.94 -18.76
C LEU G 150 -11.05 37.32 -19.36
N VAL G 151 -11.84 37.39 -20.43
CA VAL G 151 -12.14 38.68 -21.06
C VAL G 151 -12.89 39.57 -20.09
N SER G 152 -13.89 39.01 -19.39
CA SER G 152 -14.66 39.80 -18.44
C SER G 152 -13.80 40.31 -17.30
N ILE G 153 -12.94 39.45 -16.75
CA ILE G 153 -12.09 39.86 -15.63
C ILE G 153 -11.07 40.90 -16.09
N ALA G 154 -10.55 40.75 -17.32
CA ALA G 154 -9.64 41.75 -17.86
C ALA G 154 -10.33 43.09 -18.03
N GLN G 155 -11.58 43.08 -18.50
CA GLN G 155 -12.35 44.32 -18.58
C GLN G 155 -12.54 44.93 -17.18
N ARG G 156 -12.74 44.07 -16.18
CA ARG G 156 -12.85 44.57 -14.81
C ARG G 156 -11.55 45.23 -14.36
N PHE G 157 -10.41 44.62 -14.67
CA PHE G 157 -9.12 45.10 -14.20
C PHE G 157 -8.44 46.06 -15.17
N GLY G 158 -9.10 46.42 -16.28
CA GLY G 158 -8.56 47.39 -17.21
C GLY G 158 -7.59 46.85 -18.24
N LEU G 159 -7.28 45.56 -18.19
CA LEU G 159 -6.40 44.97 -19.20
C LEU G 159 -7.11 44.87 -20.54
N ASP G 160 -6.34 44.97 -21.60
CA ASP G 160 -6.87 44.76 -22.95
C ASP G 160 -7.26 43.30 -23.10
N PRO G 161 -8.52 42.99 -23.46
CA PRO G 161 -8.91 41.58 -23.59
C PRO G 161 -8.05 40.79 -24.56
N ASP G 162 -7.66 41.39 -25.68
CA ASP G 162 -6.74 40.71 -26.59
C ASP G 162 -5.39 40.46 -25.94
N ASP G 163 -4.86 41.47 -25.24
CA ASP G 163 -3.59 41.29 -24.53
C ASP G 163 -3.72 40.24 -23.43
N ALA G 164 -4.83 40.25 -22.71
CA ALA G 164 -5.04 39.27 -21.64
C ALA G 164 -5.10 37.86 -22.20
N LEU G 165 -5.82 37.67 -23.30
CA LEU G 165 -5.91 36.34 -23.90
C LEU G 165 -4.56 35.89 -24.47
N ASN G 166 -3.82 36.82 -25.10
CA ASN G 166 -2.53 36.47 -25.68
C ASN G 166 -1.50 36.11 -24.63
N ASN G 167 -1.66 36.58 -23.40
CA ASN G 167 -0.71 36.32 -22.33
C ASN G 167 -1.07 35.09 -21.48
N VAL G 168 -2.12 34.36 -21.85
CA VAL G 168 -2.51 33.14 -21.14
C VAL G 168 -2.23 31.95 -22.04
N ALA G 169 -1.33 31.07 -21.59
CA ALA G 169 -1.01 29.86 -22.33
C ALA G 169 -1.95 28.74 -21.86
N TYR G 170 -2.79 28.26 -22.76
CA TYR G 170 -3.79 27.25 -22.45
C TYR G 170 -3.39 25.92 -23.06
N ALA G 171 -3.44 24.86 -22.26
CA ALA G 171 -3.21 23.50 -22.73
C ALA G 171 -4.14 22.57 -21.98
N ARG G 172 -4.79 21.66 -22.69
CA ARG G 172 -5.71 20.71 -22.08
C ARG G 172 -5.05 19.33 -22.00
N ALA G 173 -5.08 18.75 -20.81
CA ALA G 173 -4.53 17.42 -20.59
C ALA G 173 -5.62 16.38 -20.76
N TYR G 174 -5.34 15.35 -21.56
CA TYR G 174 -6.32 14.31 -21.83
C TYR G 174 -6.05 13.02 -21.07
N ASN G 175 -4.84 12.83 -20.56
CA ASN G 175 -4.53 11.67 -19.73
C ASN G 175 -3.45 12.08 -18.73
N ALA G 176 -3.28 11.26 -17.69
CA ALA G 176 -2.33 11.58 -16.65
C ALA G 176 -0.91 11.68 -17.19
N ASP G 177 -0.54 10.78 -18.10
CA ASP G 177 0.78 10.86 -18.72
C ASP G 177 0.94 12.15 -19.51
N HIS G 178 -0.10 12.53 -20.27
CA HIS G 178 -0.06 13.80 -20.98
C HIS G 178 -0.04 14.97 -20.01
N GLN G 179 -0.76 14.85 -18.89
CA GLN G 179 -0.75 15.91 -17.89
C GLN G 179 0.65 16.14 -17.34
N LEU G 180 1.37 15.06 -17.05
CA LEU G 180 2.74 15.20 -16.57
C LEU G 180 3.67 15.70 -17.68
N ARG G 181 3.46 15.24 -18.92
CA ARG G 181 4.32 15.65 -20.02
C ARG G 181 4.15 17.12 -20.36
N LEU G 182 2.96 17.69 -20.11
CA LEU G 182 2.74 19.10 -20.37
C LEU G 182 3.65 19.99 -19.54
N LEU G 183 4.15 19.51 -18.41
CA LEU G 183 5.04 20.32 -17.58
C LEU G 183 6.37 20.58 -18.26
N ASP G 184 6.85 19.64 -19.08
CA ASP G 184 8.08 19.87 -19.83
C ASP G 184 7.91 21.03 -20.80
N ALA G 185 6.81 21.06 -21.53
CA ALA G 185 6.53 22.18 -22.42
C ALA G 185 6.30 23.47 -21.63
N ALA G 186 5.69 23.36 -20.45
CA ALA G 186 5.51 24.53 -19.61
C ALA G 186 6.85 25.13 -19.21
N ALA G 187 7.79 24.28 -18.79
CA ALA G 187 9.12 24.74 -18.43
C ALA G 187 9.86 25.32 -19.64
N GLN G 188 9.70 24.68 -20.80
CA GLN G 188 10.33 25.21 -22.01
C GLN G 188 9.81 26.60 -22.36
N MET G 189 8.50 26.80 -22.26
CA MET G 189 7.94 28.13 -22.51
C MET G 189 8.37 29.12 -21.45
N MET G 190 8.45 28.68 -20.19
CA MET G 190 8.80 29.57 -19.10
C MET G 190 10.25 30.04 -19.19
N SER G 191 11.15 29.17 -19.68
CA SER G 191 12.54 29.55 -19.84
C SER G 191 12.74 30.60 -20.93
N GLU G 192 11.73 30.85 -21.76
CA GLU G 192 11.81 31.82 -22.84
C GLU G 192 11.13 33.14 -22.53
N SER G 193 10.01 33.11 -21.80
CA SER G 193 9.27 34.32 -21.47
C SER G 193 8.90 34.29 -20.00
N ARG G 194 8.75 35.47 -19.41
CA ARG G 194 8.45 35.58 -17.98
C ARG G 194 7.00 35.17 -17.72
N PHE G 195 6.83 34.09 -16.97
CA PHE G 195 5.52 33.65 -16.49
C PHE G 195 5.39 33.95 -15.01
N SER G 196 4.15 33.96 -14.53
CA SER G 196 3.91 34.25 -13.12
C SER G 196 2.86 33.37 -12.46
N LEU G 197 2.27 32.41 -13.16
CA LEU G 197 1.23 31.58 -12.57
C LEU G 197 1.09 30.28 -13.35
N ILE G 198 0.95 29.18 -12.61
CA ILE G 198 0.63 27.87 -13.17
C ILE G 198 -0.68 27.40 -12.56
N VAL G 199 -1.62 27.00 -13.40
CA VAL G 199 -2.91 26.49 -12.97
C VAL G 199 -3.12 25.10 -13.53
N VAL G 200 -3.42 24.15 -12.66
CA VAL G 200 -3.76 22.78 -13.06
C VAL G 200 -5.16 22.51 -12.53
N ASP G 201 -6.16 22.59 -13.41
CA ASP G 201 -7.56 22.44 -13.04
C ASP G 201 -8.17 21.32 -13.90
N SER G 202 -8.28 20.12 -13.33
CA SER G 202 -7.83 19.85 -11.97
C SER G 202 -6.78 18.74 -11.99
N VAL G 203 -6.00 18.65 -10.91
CA VAL G 203 -4.90 17.70 -10.88
C VAL G 203 -5.41 16.27 -10.87
N MET G 204 -6.39 15.99 -10.01
CA MET G 204 -6.78 14.61 -9.74
C MET G 204 -7.88 14.10 -10.67
N ALA G 205 -8.49 14.97 -11.49
CA ALA G 205 -9.62 14.55 -12.31
C ALA G 205 -9.21 13.46 -13.30
N LEU G 206 -8.05 13.61 -13.93
CA LEU G 206 -7.58 12.60 -14.87
C LEU G 206 -7.11 11.35 -14.15
N TYR G 207 -6.58 11.50 -12.93
CA TYR G 207 -6.13 10.36 -12.15
C TYR G 207 -7.28 9.53 -11.61
N ARG G 208 -8.49 10.10 -11.51
CA ARG G 208 -9.64 9.31 -11.07
C ARG G 208 -9.89 8.14 -12.01
N THR G 209 -9.82 8.38 -13.32
CA THR G 209 -10.17 7.38 -14.31
C THR G 209 -8.97 6.71 -14.96
N ASP G 210 -7.82 7.40 -15.02
CA ASP G 210 -6.65 6.78 -15.63
C ASP G 210 -6.16 5.59 -14.82
N PHE G 211 -6.32 5.63 -13.49
CA PHE G 211 -5.98 4.51 -12.62
C PHE G 211 -7.24 4.11 -11.86
N SER G 212 -7.62 2.84 -11.95
CA SER G 212 -8.82 2.33 -11.32
C SER G 212 -8.49 1.16 -10.40
N GLY G 213 -9.10 1.14 -9.22
CA GLY G 213 -8.94 0.06 -8.28
C GLY G 213 -7.75 0.24 -7.36
N ARG G 214 -7.74 -0.56 -6.29
CA ARG G 214 -6.64 -0.51 -5.34
C ARG G 214 -5.34 -1.07 -5.91
N GLY G 215 -5.42 -1.89 -6.94
CA GLY G 215 -4.20 -2.42 -7.54
C GLY G 215 -3.35 -1.35 -8.19
N GLU G 216 -3.98 -0.40 -8.87
CA GLU G 216 -3.29 0.71 -9.50
C GLU G 216 -3.21 1.95 -8.61
N LEU G 217 -3.69 1.85 -7.37
CA LEU G 217 -3.68 3.00 -6.48
C LEU G 217 -2.25 3.44 -6.17
N SER G 218 -1.36 2.48 -5.91
CA SER G 218 0.03 2.82 -5.62
C SER G 218 0.68 3.52 -6.79
N ALA G 219 0.48 3.00 -8.01
CA ALA G 219 1.03 3.66 -9.20
C ALA G 219 0.39 5.02 -9.42
N ARG G 220 -0.92 5.12 -9.17
CA ARG G 220 -1.61 6.40 -9.31
C ARG G 220 -0.99 7.46 -8.40
N GLN G 221 -0.79 7.12 -7.12
CA GLN G 221 -0.26 8.09 -6.18
C GLN G 221 1.21 8.36 -6.42
N MET G 222 1.97 7.36 -6.92
CA MET G 222 3.36 7.63 -7.28
C MET G 222 3.44 8.61 -8.45
N HIS G 223 2.60 8.43 -9.46
CA HIS G 223 2.56 9.38 -10.57
C HIS G 223 2.11 10.75 -10.11
N LEU G 224 1.14 10.81 -9.19
CA LEU G 224 0.70 12.08 -8.64
C LEU G 224 1.82 12.76 -7.87
N ALA G 225 2.59 12.00 -7.10
CA ALA G 225 3.72 12.56 -6.37
C ALA G 225 4.77 13.10 -7.32
N LYS G 226 5.05 12.37 -8.40
CA LYS G 226 5.99 12.86 -9.40
C LYS G 226 5.50 14.15 -10.03
N PHE G 227 4.20 14.22 -10.35
CA PHE G 227 3.62 15.42 -10.94
C PHE G 227 3.73 16.61 -9.99
N MET G 228 3.41 16.39 -8.71
CA MET G 228 3.47 17.48 -7.74
C MET G 228 4.91 17.91 -7.47
N ARG G 229 5.82 16.94 -7.46
CA ARG G 229 7.25 17.31 -7.30
C ARG G 229 7.63 18.21 -8.47
N ALA G 230 7.30 17.78 -9.69
CA ALA G 230 7.65 18.57 -10.87
C ALA G 230 7.06 19.98 -10.78
N LEU G 231 5.82 20.09 -10.29
CA LEU G 231 5.23 21.40 -10.10
C LEU G 231 6.02 22.22 -9.08
N GLN G 232 6.42 21.59 -7.99
CA GLN G 232 7.22 22.28 -6.98
C GLN G 232 8.57 22.72 -7.55
N ARG G 233 9.19 21.87 -8.37
CA ARG G 233 10.43 22.26 -9.03
C ARG G 233 10.22 23.45 -9.96
N LEU G 234 9.12 23.45 -10.71
CA LEU G 234 8.83 24.60 -11.58
C LEU G 234 8.65 25.87 -10.78
N ALA G 235 7.93 25.78 -9.65
CA ALA G 235 7.75 26.94 -8.80
C ALA G 235 9.08 27.44 -8.25
N ASP G 236 9.96 26.52 -7.85
CA ASP G 236 11.26 26.91 -7.32
C ASP G 236 12.12 27.58 -8.39
N GLN G 237 12.13 27.02 -9.60
CA GLN G 237 12.96 27.59 -10.66
C GLN G 237 12.46 28.96 -11.08
N PHE G 238 11.16 29.07 -11.39
CA PHE G 238 10.63 30.28 -12.00
C PHE G 238 9.98 31.23 -11.01
N GLY G 239 9.91 30.87 -9.73
CA GLY G 239 9.32 31.74 -8.73
C GLY G 239 7.89 32.12 -9.01
N VAL G 240 7.08 31.17 -9.47
CA VAL G 240 5.71 31.44 -9.90
C VAL G 240 4.74 30.79 -8.92
N ALA G 241 3.55 31.36 -8.82
CA ALA G 241 2.50 30.75 -8.01
C ALA G 241 1.91 29.57 -8.74
N VAL G 242 1.86 28.42 -8.06
CA VAL G 242 1.25 27.22 -8.60
C VAL G 242 -0.08 27.03 -7.90
N VAL G 243 -1.17 27.28 -8.62
CA VAL G 243 -2.52 27.14 -8.09
C VAL G 243 -3.15 25.91 -8.72
N VAL G 244 -3.51 24.94 -7.88
CA VAL G 244 -4.07 23.67 -8.34
C VAL G 244 -5.42 23.48 -7.69
N THR G 245 -6.41 23.08 -8.49
CA THR G 245 -7.72 22.73 -7.97
C THR G 245 -7.81 21.22 -7.81
N ASN G 246 -8.53 20.81 -6.77
CA ASN G 246 -8.71 19.40 -6.46
C ASN G 246 -10.18 19.12 -6.21
N GLN G 247 -10.68 18.04 -6.80
CA GLN G 247 -12.04 17.62 -6.51
C GLN G 247 -12.11 16.99 -5.12
N VAL G 248 -13.31 16.72 -4.67
CA VAL G 248 -13.54 16.16 -3.34
C VAL G 248 -14.37 14.89 -3.46
N VAL G 249 -14.28 14.06 -2.42
CA VAL G 249 -15.11 12.87 -2.31
C VAL G 249 -15.67 12.81 -0.90
N ALA G 250 -16.95 12.45 -0.80
CA ALA G 250 -17.61 12.34 0.49
C ALA G 250 -17.13 11.08 1.20
N GLN G 251 -16.57 11.26 2.40
CA GLN G 251 -16.01 10.13 3.14
C GLN G 251 -17.14 9.26 3.67
N VAL G 252 -17.15 8.00 3.25
CA VAL G 252 -18.23 7.09 3.59
C VAL G 252 -18.20 6.74 5.07
N ASP G 253 -17.03 6.46 5.61
CA ASP G 253 -16.91 6.03 7.01
C ASP G 253 -17.21 7.22 7.92
N GLY G 254 -18.45 7.27 8.43
CA GLY G 254 -18.86 8.32 9.32
C GLY G 254 -18.54 8.02 10.77
N GLY G 255 -17.48 7.25 11.00
CA GLY G 255 -17.09 6.92 12.36
C GLY G 255 -16.71 8.14 13.17
N MET G 256 -16.02 9.09 12.55
CA MET G 256 -15.63 10.33 13.23
C MET G 256 -16.76 11.34 13.06
N ALA G 257 -17.33 11.78 14.18
CA ALA G 257 -18.38 12.79 14.17
C ALA G 257 -17.85 14.20 14.42
N PHE G 258 -16.56 14.35 14.71
CA PHE G 258 -16.01 15.67 15.02
C PHE G 258 -15.91 16.55 13.79
N ASN G 259 -15.95 15.97 12.59
CA ASN G 259 -15.84 16.76 11.37
C ASN G 259 -17.22 16.98 10.79
N PRO G 260 -17.76 18.21 10.83
CA PRO G 260 -19.07 18.45 10.21
C PRO G 260 -19.06 18.32 8.70
N ASP G 261 -17.90 18.40 8.05
CA ASP G 261 -17.81 18.30 6.61
C ASP G 261 -17.64 16.84 6.21
N PRO G 262 -18.60 16.24 5.49
CA PRO G 262 -18.43 14.85 5.06
C PRO G 262 -17.60 14.69 3.79
N LYS G 263 -17.12 15.79 3.21
CA LYS G 263 -16.35 15.74 1.97
C LYS G 263 -14.90 16.08 2.25
N LYS G 264 -13.99 15.30 1.67
CA LYS G 264 -12.57 15.48 1.86
C LYS G 264 -11.87 15.59 0.50
N PRO G 265 -10.74 16.27 0.44
CA PRO G 265 -10.04 16.41 -0.85
C PRO G 265 -9.50 15.09 -1.36
N ILE G 266 -9.40 15.00 -2.68
CA ILE G 266 -8.94 13.80 -3.35
C ILE G 266 -7.41 13.86 -3.44
N GLY G 267 -6.79 12.69 -3.57
CA GLY G 267 -5.35 12.57 -3.70
C GLY G 267 -4.67 11.97 -2.48
N GLY G 268 -5.37 11.94 -1.34
CA GLY G 268 -4.80 11.33 -0.16
C GLY G 268 -3.64 12.12 0.40
N ASN G 269 -2.74 11.40 1.09
CA ASN G 269 -1.61 12.05 1.74
C ASN G 269 -0.64 12.66 0.73
N ILE G 270 -0.57 12.11 -0.48
CA ILE G 270 0.32 12.67 -1.50
C ILE G 270 -0.04 14.13 -1.77
N MET G 271 -1.31 14.38 -2.07
CA MET G 271 -1.75 15.75 -2.34
C MET G 271 -1.84 16.56 -1.06
N ALA G 272 -2.13 15.92 0.07
CA ALA G 272 -2.21 16.63 1.33
C ALA G 272 -0.86 17.23 1.73
N HIS G 273 0.22 16.48 1.53
CA HIS G 273 1.56 16.94 1.90
C HIS G 273 2.24 17.71 0.79
N SER G 274 1.90 17.44 -0.48
CA SER G 274 2.56 18.15 -1.57
C SER G 274 2.14 19.61 -1.61
N SER G 275 0.87 19.91 -1.33
CA SER G 275 0.36 21.27 -1.42
C SER G 275 0.84 22.09 -0.23
N THR G 276 1.48 23.22 -0.52
CA THR G 276 1.91 24.11 0.57
C THR G 276 0.73 24.74 1.28
N THR G 277 -0.25 25.23 0.53
CA THR G 277 -1.44 25.84 1.10
C THR G 277 -2.68 25.17 0.51
N ARG G 278 -3.60 24.77 1.39
CA ARG G 278 -4.85 24.15 0.99
C ARG G 278 -6.01 25.04 1.40
N LEU G 279 -6.92 25.31 0.46
CA LEU G 279 -8.10 26.12 0.71
C LEU G 279 -9.35 25.30 0.42
N GLY G 280 -10.25 25.25 1.40
CA GLY G 280 -11.51 24.53 1.25
C GLY G 280 -12.61 25.50 0.85
N PHE G 281 -13.30 25.17 -0.24
CA PHE G 281 -14.31 26.03 -0.82
C PHE G 281 -15.69 25.43 -0.61
N LYS G 282 -16.62 26.24 -0.11
CA LYS G 282 -18.00 25.84 0.07
C LYS G 282 -18.91 26.94 -0.46
N LYS G 283 -20.12 26.56 -0.87
CA LYS G 283 -21.07 27.53 -1.41
C LYS G 283 -21.84 28.21 -0.28
N GLY G 284 -21.92 29.52 -0.34
CA GLY G 284 -22.75 30.30 0.56
C GLY G 284 -24.13 30.54 -0.01
N LYS G 285 -24.71 31.69 0.33
CA LYS G 285 -26.01 32.07 -0.21
C LYS G 285 -25.82 32.85 -1.50
N GLY G 286 -26.52 32.43 -2.55
CA GLY G 286 -26.37 33.08 -3.84
C GLY G 286 -24.97 32.93 -4.38
N CYS G 287 -24.41 34.03 -4.86
CA CYS G 287 -23.06 34.03 -5.42
C CYS G 287 -21.98 33.94 -4.36
N GLN G 288 -22.32 34.10 -3.09
CA GLN G 288 -21.31 34.08 -2.04
C GLN G 288 -20.71 32.69 -1.88
N ARG G 289 -19.43 32.64 -1.55
CA ARG G 289 -18.72 31.38 -1.34
C ARG G 289 -17.88 31.48 -0.07
N LEU G 290 -17.61 30.32 0.53
CA LEU G 290 -16.84 30.23 1.75
C LEU G 290 -15.49 29.59 1.46
N CYS G 291 -14.41 30.27 1.85
CA CYS G 291 -13.06 29.76 1.70
C CYS G 291 -12.45 29.57 3.07
N LYS G 292 -11.86 28.40 3.31
CA LYS G 292 -11.27 28.07 4.60
C LYS G 292 -9.84 27.58 4.38
N VAL G 293 -8.91 28.15 5.14
CA VAL G 293 -7.50 27.75 5.09
C VAL G 293 -7.37 26.47 5.90
N VAL G 294 -7.32 25.33 5.21
CA VAL G 294 -7.21 24.05 5.89
C VAL G 294 -5.77 23.78 6.32
N ASP G 295 -4.82 23.97 5.41
CA ASP G 295 -3.41 23.76 5.69
C ASP G 295 -2.62 24.96 5.20
N SER G 296 -1.73 25.47 6.06
CA SER G 296 -0.83 26.55 5.70
C SER G 296 0.29 26.64 6.72
N PRO G 297 1.55 26.67 6.28
CA PRO G 297 2.66 26.77 7.24
C PRO G 297 2.69 28.08 8.02
N CYS G 298 2.04 29.14 7.52
CA CYS G 298 2.07 30.43 8.18
C CYS G 298 0.71 31.10 8.32
N LEU G 299 -0.35 30.53 7.76
CA LEU G 299 -1.61 31.25 7.93
C LEU G 299 -2.51 30.54 8.92
N PRO G 300 -3.17 31.28 9.82
CA PRO G 300 -4.08 30.66 10.77
C PRO G 300 -5.30 30.07 10.09
N GLU G 301 -5.86 29.03 10.70
CA GLU G 301 -7.05 28.37 10.17
C GLU G 301 -8.25 29.29 10.38
N ALA G 302 -8.63 29.99 9.32
CA ALA G 302 -9.73 30.96 9.39
C ALA G 302 -10.54 30.88 8.10
N GLU G 303 -11.75 31.44 8.15
CA GLU G 303 -12.66 31.43 7.03
C GLU G 303 -13.01 32.86 6.63
N CYS G 304 -13.20 33.06 5.33
CA CYS G 304 -13.66 34.34 4.80
C CYS G 304 -14.72 34.09 3.74
N VAL G 305 -15.56 35.09 3.52
CA VAL G 305 -16.66 35.00 2.57
C VAL G 305 -16.31 35.83 1.34
N PHE G 306 -16.31 35.19 0.18
CA PHE G 306 -16.12 35.86 -1.10
C PHE G 306 -17.24 35.45 -2.04
N ALA G 307 -17.36 36.16 -3.16
CA ALA G 307 -18.45 35.93 -4.10
C ALA G 307 -17.91 35.86 -5.52
N ILE G 308 -18.69 35.20 -6.39
CA ILE G 308 -18.36 35.05 -7.80
C ILE G 308 -19.30 35.95 -8.59
N TYR G 309 -18.73 36.85 -9.38
CA TYR G 309 -19.48 37.79 -10.18
C TYR G 309 -19.09 37.66 -11.65
N GLU G 310 -19.87 38.29 -12.51
CA GLU G 310 -19.62 38.19 -13.95
C GLU G 310 -18.26 38.77 -14.33
N ASP G 311 -17.77 39.73 -13.56
CA ASP G 311 -16.45 40.32 -13.81
C ASP G 311 -15.33 39.60 -13.09
N GLY G 312 -15.64 38.53 -12.35
CA GLY G 312 -14.63 37.73 -11.69
C GLY G 312 -14.91 37.58 -10.21
N VAL G 313 -13.92 37.04 -9.51
CA VAL G 313 -14.02 36.82 -8.07
C VAL G 313 -13.83 38.15 -7.36
N GLY G 314 -14.76 38.46 -6.44
CA GLY G 314 -14.69 39.70 -5.69
C GLY G 314 -15.38 39.55 -4.35
N ASP G 315 -15.26 40.59 -3.53
CA ASP G 315 -15.88 40.59 -2.22
C ASP G 315 -17.39 40.65 -2.36
N PRO G 316 -18.12 40.01 -1.44
CA PRO G 316 -19.59 40.08 -1.49
C PRO G 316 -20.07 41.51 -1.32
N ARG G 317 -21.14 41.85 -2.03
CA ARG G 317 -21.71 43.19 -1.98
C ARG G 317 -22.70 43.31 -0.84
N GLU G 318 -22.94 44.57 -0.43
CA GLU G 318 -23.89 44.81 0.66
C GLU G 318 -25.31 44.43 0.26
N GLU G 319 -25.66 44.56 -1.03
CA GLU G 319 -26.98 44.14 -1.48
C GLU G 319 -27.14 42.62 -1.37
N ASP G 320 -26.05 41.87 -1.49
CA ASP G 320 -26.09 40.42 -1.35
C ASP G 320 -25.99 39.96 0.09
N GLU G 321 -25.84 40.88 1.04
CA GLU G 321 -25.75 40.52 2.45
C GLU G 321 -27.12 40.59 3.12
PG ATP H . 2.65 19.15 6.08
O1G ATP H . 1.94 17.86 5.84
O2G ATP H . 4.16 19.00 6.25
O3G ATP H . 2.36 20.20 5.00
PB ATP H . 2.43 19.77 9.00
O1B ATP H . 1.92 18.52 9.60
O2B ATP H . 3.92 20.04 9.21
O3B ATP H . 2.14 19.83 7.44
PA ATP H . 2.00 22.55 9.91
O1A ATP H . 2.41 23.33 8.74
O2A ATP H . 3.01 22.50 11.05
O3A ATP H . 1.64 21.04 9.53
O5' ATP H . 0.63 23.09 10.50
C5' ATP H . -0.26 23.90 9.69
C4' ATP H . -1.42 24.32 10.55
O4' ATP H . -0.95 25.11 11.65
C3' ATP H . -2.45 25.20 9.85
O3' ATP H . -3.42 24.42 9.17
C2' ATP H . -3.07 25.96 11.02
O2' ATP H . -4.08 25.19 11.67
C1' ATP H . -1.87 26.16 11.94
N9 ATP H . -1.18 27.43 11.75
C8 ATP H . -0.18 27.72 10.86
N7 ATP H . 0.25 28.95 10.91
C5 ATP H . -0.51 29.53 11.92
C6 ATP H . -0.54 30.82 12.47
N6 ATP H . 0.26 31.82 12.07
N1 ATP H . -1.42 31.06 13.47
C2 ATP H . -2.21 30.06 13.89
N3 ATP H . -2.27 28.80 13.44
C4 ATP H . -1.40 28.60 12.46
MG MG I . 12.48 2.90 19.22
MG MG J . 4.62 20.69 7.27
PG ATP K . -57.08 0.96 -1.48
O1G ATP K . -56.35 2.22 -1.17
O2G ATP K . -56.20 -0.14 -2.09
O3G ATP K . -57.85 0.38 -0.29
PB ATP K . -58.33 1.61 -4.13
O1B ATP K . -57.97 3.03 -4.38
O2B ATP K . -57.52 0.58 -4.92
O3B ATP K . -58.20 1.23 -2.59
PA ATP K . -60.74 0.14 -5.02
O1A ATP K . -60.76 -1.02 -4.10
O2A ATP K . -60.20 -0.15 -6.42
O3A ATP K . -59.87 1.33 -4.42
O5' ATP K . -62.17 0.79 -5.15
C5' ATP K . -63.21 0.52 -4.20
C4' ATP K . -64.49 1.19 -4.66
O4' ATP K . -64.92 0.57 -5.89
C3' ATP K . -65.67 1.07 -3.72
O3' ATP K . -65.65 2.12 -2.75
C2' ATP K . -66.85 1.21 -4.68
O2' ATP K . -67.14 2.58 -4.98
C1' ATP K . -66.34 0.49 -5.92
N9 ATP K . -66.71 -0.92 -5.98
C8 ATP K . -66.01 -1.99 -5.49
N7 ATP K . -66.59 -3.15 -5.69
C5 ATP K . -67.75 -2.82 -6.36
C6 ATP K . -68.81 -3.60 -6.88
N6 ATP K . -68.87 -4.93 -6.77
N1 ATP K . -69.82 -2.96 -7.51
C2 ATP K . -69.77 -1.63 -7.61
N3 ATP K . -68.82 -0.79 -7.17
C4 ATP K . -67.84 -1.44 -6.56
MG MG L . -41.43 9.49 -16.03
MG MG M . -55.62 -1.20 -3.83
MG MG N . -59.83 -0.01 0.43
PG ATP O . 13.44 -0.07 18.30
O1G ATP O . 14.64 0.03 19.19
O2G ATP O . 12.83 1.29 17.95
O3G ATP O . 13.71 -0.85 17.00
PB ATP O . 12.01 -1.80 20.29
O1B ATP O . 13.11 -2.74 20.53
O2B ATP O . 10.63 -2.43 20.14
O3B ATP O . 12.26 -0.87 19.02
PA ATP O . 11.46 -0.70 22.99
O1A ATP O . 11.70 -2.00 23.64
O2A ATP O . 12.16 0.49 23.65
O3A ATP O . 11.91 -0.72 21.47
O5' ATP O . 9.91 -0.38 22.92
C5' ATP O . 9.40 0.92 23.27
C4' ATP O . 7.99 0.78 23.78
O4' ATP O . 8.02 0.28 25.14
C3' ATP O . 7.19 2.08 23.87
O3' ATP O . 6.55 2.37 22.64
C2' ATP O . 6.18 1.76 24.97
O2' ATP O . 5.08 1.00 24.47
C1' ATP O . 7.02 0.91 25.92
N9 ATP O . 7.68 1.69 26.97
C8 ATP O . 8.91 2.30 26.90
N7 ATP O . 9.25 2.94 28.00
C5 ATP O . 8.17 2.73 28.84
C6 ATP O . 7.91 3.15 30.16
N6 ATP O . 8.75 3.88 30.89
N1 ATP O . 6.74 2.76 30.72
C2 ATP O . 5.90 2.02 30.00
N3 ATP O . 6.04 1.58 28.75
C4 ATP O . 7.20 1.97 28.22
MG MG P . 18.42 -22.59 15.32
MG MG Q . 14.43 -1.29 20.61
PG ATP R . -38.13 10.82 -15.65
O1G ATP R . -37.17 10.42 -16.72
O2G ATP R . -39.43 10.01 -15.66
O3G ATP R . -37.53 10.78 -14.24
PB ATP R . -38.47 13.51 -16.92
O1B ATP R . -37.18 13.47 -17.62
O2B ATP R . -38.79 14.82 -16.19
O3B ATP R . -38.60 12.34 -15.86
PA ATP R . -40.30 13.83 -19.23
O1A ATP R . -39.32 14.71 -19.90
O2A ATP R . -40.81 12.66 -20.08
O3A ATP R . -39.69 13.19 -17.90
O5' ATP R . -41.55 14.64 -18.70
C5' ATP R . -42.89 14.14 -18.85
C4' ATP R . -43.86 15.29 -18.86
O4' ATP R . -43.77 16.00 -20.12
C3' ATP R . -45.33 14.91 -18.72
O3' ATP R . -45.70 14.81 -17.35
C2' ATP R . -46.03 16.08 -19.40
O2' ATP R . -46.15 17.20 -18.54
C1' ATP R . -45.06 16.38 -20.55
N9 ATP R . -45.38 15.68 -21.79
C8 ATP R . -44.97 14.42 -22.15
N7 ATP R . -45.40 14.04 -23.32
C5 ATP R . -46.14 15.13 -23.77
C6 ATP R . -46.87 15.36 -24.96
N6 ATP R . -46.97 14.47 -25.95
N1 ATP R . -47.49 16.55 -25.09
C2 ATP R . -47.39 17.43 -24.09
N3 ATP R . -46.74 17.33 -22.94
C4 ATP R . -46.13 16.14 -22.83
MG MG S . -18.47 22.24 -13.29
MG MG T . -38.23 11.48 -18.16
PG ATP U . 19.59 -24.43 12.75
O1G ATP U . 20.23 -25.45 13.63
O2G ATP U . 19.17 -23.16 13.48
O3G ATP U . 20.43 -24.06 11.53
PB ATP U . 17.41 -26.36 12.05
O1B ATP U . 18.30 -27.53 11.88
O2B ATP U . 16.33 -26.18 10.98
O3B ATP U . 18.22 -25.01 12.13
PA ATP U . 15.78 -27.43 14.28
O1A ATP U . 15.88 -28.79 13.71
O2A ATP U . 16.20 -27.31 15.75
O3A ATP U . 16.68 -26.40 13.47
O5' ATP U . 14.33 -26.84 14.14
C5' ATP U . 13.76 -25.99 15.16
C4' ATP U . 12.26 -25.99 15.02
O4' ATP U . 11.74 -27.30 15.34
C3' ATP U . 11.52 -25.02 15.93
O3' ATP U . 11.39 -23.74 15.33
C2' ATP U . 10.15 -25.69 16.08
O2' ATP U . 9.30 -25.42 14.97
C1' ATP U . 10.54 -27.18 16.10
N9 ATP U . 10.79 -27.70 17.45
C8 ATP U . 11.95 -27.61 18.17
N7 ATP U . 11.88 -28.18 19.35
C5 ATP U . 10.60 -28.68 19.40
C6 ATP U . 9.90 -29.39 20.40
N6 ATP U . 10.42 -29.74 21.57
N1 ATP U . 8.61 -29.74 20.13
C2 ATP U . 8.08 -29.39 18.95
N3 ATP U . 8.65 -28.73 17.95
C4 ATP U . 9.90 -28.39 18.23
MG MG V . 21.16 -27.35 13.47
PG ATP W . -16.05 21.88 -11.06
O1G ATP W . -14.96 22.15 -12.03
O2G ATP W . -17.37 21.48 -11.70
O3G ATP W . -15.67 20.82 -10.01
PB ATP W . -15.75 24.59 -9.81
O1B ATP W . -14.28 24.53 -9.78
O2B ATP W . -16.41 25.05 -8.51
O3B ATP W . -16.39 23.18 -10.20
PA ATP W . -16.42 27.10 -11.23
O1A ATP W . -15.31 27.84 -10.59
O2A ATP W . -16.52 27.30 -12.74
O3A ATP W . -16.29 25.54 -10.98
O5' ATP W . -17.80 27.46 -10.58
C5' ATP W . -19.00 27.58 -11.38
C4' ATP W . -19.92 28.58 -10.75
O4' ATP W . -19.40 29.92 -10.92
C3' ATP W . -21.34 28.64 -11.35
O3' ATP W . -22.17 27.65 -10.76
C2' ATP W . -21.77 30.05 -10.98
O2' ATP W . -22.27 30.11 -9.64
C1' ATP W . -20.47 30.84 -11.10
N9 ATP W . -20.29 31.50 -12.38
C8 ATP W . -19.72 30.99 -13.52
N7 ATP W . -19.70 31.82 -14.53
C5 ATP W . -20.30 32.97 -14.03
C6 ATP W . -20.59 34.21 -14.60
N6 ATP W . -20.29 34.54 -15.87
N1 ATP W . -21.20 35.14 -13.83
C2 ATP W . -21.50 34.82 -12.57
N3 ATP W . -21.28 33.68 -11.92
C4 ATP W . -20.67 32.78 -12.71
MG MG X . 1.09 21.88 4.75
MG MG Y . -13.82 23.70 -11.56
#